data_1JKP
# 
_entry.id   1JKP 
# 
_audit_conform.dict_name       mmcif_pdbx.dic 
_audit_conform.dict_version    5.376 
_audit_conform.dict_location   http://mmcif.pdb.org/dictionaries/ascii/mmcif_pdbx.dic 
# 
loop_
_database_2.database_id 
_database_2.database_code 
_database_2.pdbx_database_accession 
_database_2.pdbx_DOI 
PDB   1JKP         pdb_00001jkp 10.2210/pdb1jkp/pdb 
NDB   PD0235       ?            ?                   
RCSB  RCSB013883   ?            ?                   
WWPDB D_1000013883 ?            ?                   
# 
loop_
_pdbx_database_related.db_name 
_pdbx_database_related.db_id 
_pdbx_database_related.details 
_pdbx_database_related.content_type 
PDB 1HCR 
;Native wild-type Hin recombinase DNA-binding domain bound to underivatized 
hixL half-site.
;
unspecified 
PDB 1IJW 'FORM1 BR18 DERIVATIVE'                                                                       unspecified 
PDB 1JJ6 'FORM1 I5 DERIVATIVE'                                                                         unspecified 
PDB 1JJ8 'FORM2 I4 DERIVATIVE'                                                                         unspecified 
PDB 1JKO 'FORM1 A10G MUTANT'                                                                           unspecified 
PDB 1JKQ 'FORM1 G9T MUTANT'                                                                            unspecified 
PDB 1JKR 'FORM1 T11C MUTANT'                                                                           unspecified 
# 
_pdbx_database_status.status_code                     REL 
_pdbx_database_status.entry_id                        1JKP 
_pdbx_database_status.recvd_initial_deposition_date   2001-07-13 
_pdbx_database_status.deposit_site                    RCSB 
_pdbx_database_status.process_site                    RCSB 
_pdbx_database_status.status_code_sf                  REL 
_pdbx_database_status.SG_entry                        . 
_pdbx_database_status.pdb_format_compatible           Y 
_pdbx_database_status.status_code_mr                  ? 
_pdbx_database_status.status_code_cs                  ? 
_pdbx_database_status.status_code_nmr_data            ? 
_pdbx_database_status.methods_development_category    ? 
# 
loop_
_audit_author.name 
_audit_author.pdbx_ordinal 
'Chiu, T.K.'      1 
'Sohn, C.'        2 
'Johnson, R.C.'   3 
'Dickerson, R.E.' 4 
# 
loop_
_citation.id 
_citation.title 
_citation.journal_abbrev 
_citation.journal_volume 
_citation.page_first 
_citation.page_last 
_citation.year 
_citation.journal_id_ASTM 
_citation.country 
_citation.journal_id_ISSN 
_citation.journal_id_CSD 
_citation.book_publisher 
_citation.pdbx_database_id_PubMed 
_citation.pdbx_database_id_DOI 
primary 'Testing water-mediated DNA recognition by the Hin recombinase.' 'EMBO J.' 21  801 814 2002 EMJODG UK 0261-4189 0897 ? 
11847127 10.1093/emboj/21.4.801 
1       
'How Hin Recombinase, FIS and Cations Bind DNA. Chapter 4. Water-Mediated Sequence-Specific Recognition by Hin Recombinase' Thesis 
?   145 241 2001 ?      ?  ?         ?    ? ?        ?                      
2       'Hin Recombinase Bound to DNA: The Origin of Specificity in Major and Minor Groove Interactions' Science   263 348 355 
1994 SCIEAS US 0036-8075 0038 ? ?        ?                      
# 
loop_
_citation_author.citation_id 
_citation_author.name 
_citation_author.ordinal 
_citation_author.identifier_ORCID 
primary 'Chiu, T.K.'      1 ? 
primary 'Sohn, C.'        2 ? 
primary 'Dickerson, R.E.' 3 ? 
primary 'Johnson, R.C.'   4 ? 
1       'Chiu, T.K.'      5 ? 
2       'Feng, J.A.'      6 ? 
2       'Johnson, R.C.'   7 ? 
2       'Dickerson, R.E.' 8 ? 
# 
_cell.entry_id           1JKP 
_cell.length_a           85.362 
_cell.length_b           81.543 
_cell.length_c           45.390 
_cell.angle_alpha        90.00 
_cell.angle_beta         90.00 
_cell.angle_gamma        90.00 
_cell.Z_PDB              8 
_cell.pdbx_unique_axis   ? 
# 
_symmetry.entry_id                         1JKP 
_symmetry.space_group_name_H-M             'C 2 2 21' 
_symmetry.pdbx_full_space_group_name_H-M   ? 
_symmetry.cell_setting                     ? 
_symmetry.Int_Tables_number                20 
# 
loop_
_entity.id 
_entity.type 
_entity.src_method 
_entity.pdbx_description 
_entity.formula_weight 
_entity.pdbx_number_of_molecules 
_entity.pdbx_ec 
_entity.pdbx_mutation 
_entity.pdbx_fragment 
_entity.details 
1 polymer syn "5'-D(*TP*GP*TP*TP*TP*TP*TP*GP*AP*GP*AP*AP*GP*A)-3'" 4349.850 1 ? ? ?                     ? 
2 polymer syn "5'-D(*AP*TP*CP*TP*TP*CP*TP*CP*AP*AP*AP*AP*AP*C)-3'" 4207.781 1 ? ? ?                     ? 
3 polymer syn 'DNA-INVERTASE HIN'                                  6047.051 1 ? ? 'RESIDUES 139 TO 190' ? 
4 water   nat water                                                18.015   4 ? ? ?                     ? 
# 
_entity_name_com.entity_id   3 
_entity_name_com.name        'Hin Recombinase' 
# 
loop_
_entity_poly.entity_id 
_entity_poly.type 
_entity_poly.nstd_linkage 
_entity_poly.nstd_monomer 
_entity_poly.pdbx_seq_one_letter_code 
_entity_poly.pdbx_seq_one_letter_code_can 
_entity_poly.pdbx_strand_id 
_entity_poly.pdbx_target_identifier 
1 polydeoxyribonucleotide no no '(DT)(DG)(DT)(DT)(DT)(DT)(DT)(DG)(DA)(DG)(DA)(DA)(DG)(DA)' TGTTTTTGAGAAGA A ? 
2 polydeoxyribonucleotide no no '(DA)(DT)(DC)(DT)(DT)(DC)(DT)(DC)(DA)(DA)(DA)(DA)(DA)(DC)' ATCTTCTCAAAAAC B ? 
3 'polypeptide(L)'        no no GRPRAINKHEQEQISRLLEKGHPRQQLAIIFGIGVSTLYRYFPASSIKKRMN       
GRPRAINKHEQEQISRLLEKGHPRQQLAIIFGIGVSTLYRYFPASSIKKRMN C ? 
# 
loop_
_entity_poly_seq.entity_id 
_entity_poly_seq.num 
_entity_poly_seq.mon_id 
_entity_poly_seq.hetero 
1 1  DT  n 
1 2  DG  n 
1 3  DT  n 
1 4  DT  n 
1 5  DT  n 
1 6  DT  n 
1 7  DT  n 
1 8  DG  n 
1 9  DA  n 
1 10 DG  n 
1 11 DA  n 
1 12 DA  n 
1 13 DG  n 
1 14 DA  n 
2 1  DA  n 
2 2  DT  n 
2 3  DC  n 
2 4  DT  n 
2 5  DT  n 
2 6  DC  n 
2 7  DT  n 
2 8  DC  n 
2 9  DA  n 
2 10 DA  n 
2 11 DA  n 
2 12 DA  n 
2 13 DA  n 
2 14 DC  n 
3 1  GLY n 
3 2  ARG n 
3 3  PRO n 
3 4  ARG n 
3 5  ALA n 
3 6  ILE n 
3 7  ASN n 
3 8  LYS n 
3 9  HIS n 
3 10 GLU n 
3 11 GLN n 
3 12 GLU n 
3 13 GLN n 
3 14 ILE n 
3 15 SER n 
3 16 ARG n 
3 17 LEU n 
3 18 LEU n 
3 19 GLU n 
3 20 LYS n 
3 21 GLY n 
3 22 HIS n 
3 23 PRO n 
3 24 ARG n 
3 25 GLN n 
3 26 GLN n 
3 27 LEU n 
3 28 ALA n 
3 29 ILE n 
3 30 ILE n 
3 31 PHE n 
3 32 GLY n 
3 33 ILE n 
3 34 GLY n 
3 35 VAL n 
3 36 SER n 
3 37 THR n 
3 38 LEU n 
3 39 TYR n 
3 40 ARG n 
3 41 TYR n 
3 42 PHE n 
3 43 PRO n 
3 44 ALA n 
3 45 SER n 
3 46 SER n 
3 47 ILE n 
3 48 LYS n 
3 49 LYS n 
3 50 ARG n 
3 51 MET n 
3 52 ASN n 
# 
_pdbx_entity_src_syn.entity_id              3 
_pdbx_entity_src_syn.pdbx_src_id            1 
_pdbx_entity_src_syn.pdbx_alt_source_flag   sample 
_pdbx_entity_src_syn.pdbx_beg_seq_num       ? 
_pdbx_entity_src_syn.pdbx_end_seq_num       ? 
_pdbx_entity_src_syn.organism_scientific    ? 
_pdbx_entity_src_syn.organism_common_name   ? 
_pdbx_entity_src_syn.ncbi_taxonomy_id       ? 
_pdbx_entity_src_syn.details                'SYNTHETIC PEPTIDE' 
# 
loop_
_struct_ref.id 
_struct_ref.db_name 
_struct_ref.db_code 
_struct_ref.entity_id 
_struct_ref.pdbx_seq_one_letter_code 
_struct_ref.pdbx_align_begin 
_struct_ref.pdbx_db_accession 
_struct_ref.pdbx_db_isoform 
1 UNP HIN_SALTY 3 GRPRAINKHEQEQISRLLEKGHPRQQLAIIFGIGVSTLYRYFPASSIKKRMN 139 P03013 ? 
2 PDB 1JKP      1 ?                                                    ?   1JKP   ? 
3 PDB 1JKP      2 ?                                                    ?   1JKP   ? 
# 
loop_
_struct_ref_seq.align_id 
_struct_ref_seq.ref_id 
_struct_ref_seq.pdbx_PDB_id_code 
_struct_ref_seq.pdbx_strand_id 
_struct_ref_seq.seq_align_beg 
_struct_ref_seq.pdbx_seq_align_beg_ins_code 
_struct_ref_seq.seq_align_end 
_struct_ref_seq.pdbx_seq_align_end_ins_code 
_struct_ref_seq.pdbx_db_accession 
_struct_ref_seq.db_align_beg 
_struct_ref_seq.pdbx_db_align_beg_ins_code 
_struct_ref_seq.db_align_end 
_struct_ref_seq.pdbx_db_align_end_ins_code 
_struct_ref_seq.pdbx_auth_seq_align_beg 
_struct_ref_seq.pdbx_auth_seq_align_end 
1 1 1JKP C 1 ? 52 ? P03013 139 ? 190 ? 139 190 
2 2 1JKP A 1 ? 14 ? 1JKP   2   ? 15  ? 2   15  
3 3 1JKP B 1 ? 14 ? 1JKP   16  ? 29  ? 16  29  
# 
loop_
_chem_comp.id 
_chem_comp.type 
_chem_comp.mon_nstd_flag 
_chem_comp.name 
_chem_comp.pdbx_synonyms 
_chem_comp.formula 
_chem_comp.formula_weight 
ALA 'L-peptide linking' y ALANINE                              ? 'C3 H7 N O2'      89.093  
ARG 'L-peptide linking' y ARGININE                             ? 'C6 H15 N4 O2 1'  175.209 
ASN 'L-peptide linking' y ASPARAGINE                           ? 'C4 H8 N2 O3'     132.118 
DA  'DNA linking'       y "2'-DEOXYADENOSINE-5'-MONOPHOSPHATE" ? 'C10 H14 N5 O6 P' 331.222 
DC  'DNA linking'       y "2'-DEOXYCYTIDINE-5'-MONOPHOSPHATE"  ? 'C9 H14 N3 O7 P'  307.197 
DG  'DNA linking'       y "2'-DEOXYGUANOSINE-5'-MONOPHOSPHATE" ? 'C10 H14 N5 O7 P' 347.221 
DT  'DNA linking'       y "THYMIDINE-5'-MONOPHOSPHATE"         ? 'C10 H15 N2 O8 P' 322.208 
GLN 'L-peptide linking' y GLUTAMINE                            ? 'C5 H10 N2 O3'    146.144 
GLU 'L-peptide linking' y 'GLUTAMIC ACID'                      ? 'C5 H9 N O4'      147.129 
GLY 'peptide linking'   y GLYCINE                              ? 'C2 H5 N O2'      75.067  
HIS 'L-peptide linking' y HISTIDINE                            ? 'C6 H10 N3 O2 1'  156.162 
HOH non-polymer         . WATER                                ? 'H2 O'            18.015  
ILE 'L-peptide linking' y ISOLEUCINE                           ? 'C6 H13 N O2'     131.173 
LEU 'L-peptide linking' y LEUCINE                              ? 'C6 H13 N O2'     131.173 
LYS 'L-peptide linking' y LYSINE                               ? 'C6 H15 N2 O2 1'  147.195 
MET 'L-peptide linking' y METHIONINE                           ? 'C5 H11 N O2 S'   149.211 
PHE 'L-peptide linking' y PHENYLALANINE                        ? 'C9 H11 N O2'     165.189 
PRO 'L-peptide linking' y PROLINE                              ? 'C5 H9 N O2'      115.130 
SER 'L-peptide linking' y SERINE                               ? 'C3 H7 N O3'      105.093 
THR 'L-peptide linking' y THREONINE                            ? 'C4 H9 N O3'      119.119 
TYR 'L-peptide linking' y TYROSINE                             ? 'C9 H11 N O3'     181.189 
VAL 'L-peptide linking' y VALINE                               ? 'C5 H11 N O2'     117.146 
# 
_exptl.entry_id          1JKP 
_exptl.method            'X-RAY DIFFRACTION' 
_exptl.crystals_number   1 
# 
_exptl_crystal.id                    1 
_exptl_crystal.density_meas          ? 
_exptl_crystal.density_Matthews      2.72 
_exptl_crystal.density_percent_sol   53.11 
_exptl_crystal.description           ? 
# 
_exptl_crystal_grow.crystal_id      1 
_exptl_crystal_grow.method          'VAPOR DIFFUSION, HANGING DROP' 
_exptl_crystal_grow.temp            ? 
_exptl_crystal_grow.temp_details    ? 
_exptl_crystal_grow.pH              8.50 
_exptl_crystal_grow.pdbx_details    
;HANGING DROP VAPOR DIFFUSION AT 4C, WITH INITIAL 
CONCENTRATION IN DROP OF 0.10 MM DNA, 0.06 MM HIN, 
10 MM TRIS (PH 8.5), 5 MM CACL2, 23 MM NACL, 
2.5% V/V PEG400, AND 1.56 MM NA CACODYLATE.                  
RESERVOIR SOLUTION CONTAINS 100 MM TRIS (PH 8.5), 
50 MM CACL2, 100 MM NACL, AND 25% PEG400. 
CONCENTRATION OF PEG400 IN RESERVOIR SOLUTION WAS 
INCREASED IN 5% INCREMENTS TO 35%., pH 8.50, VAPOR DIFFUSION, HANGING DROP
;
_exptl_crystal_grow.pdbx_pH_range   ? 
# 
loop_
_exptl_crystal_grow_comp.crystal_id 
_exptl_crystal_grow_comp.id 
_exptl_crystal_grow_comp.sol_id 
_exptl_crystal_grow_comp.name 
_exptl_crystal_grow_comp.conc 
_exptl_crystal_grow_comp.volume 
_exptl_crystal_grow_comp.details 
1 1  1 DNA                 ? ? ? 
1 2  1 HIN                 ? ? ? 
1 3  1 TRIS                ? ? ? 
1 4  1 CaCl2               ? ? ? 
1 5  1 NaCl                ? ? ? 
1 6  1 'PEG 400'           ? ? ? 
1 7  1 'sodium cacodylate' ? ? ? 
1 8  2 Tris                ? ? ? 
1 9  2 CaCl2               ? ? ? 
1 10 2 NaCl                ? ? ? 
1 11 2 'PEG 400'           ? ? ? 
# 
_diffrn.id                     1 
_diffrn.ambient_temp           100.0 
_diffrn.ambient_temp_details   ? 
_diffrn.crystal_id             1 
# 
_diffrn_detector.diffrn_id              1 
_diffrn_detector.detector               'IMAGE PLATE' 
_diffrn_detector.type                   'MAR scanner 300 mm plate' 
_diffrn_detector.pdbx_collection_date   1997-09-01 
_diffrn_detector.details                ? 
# 
_diffrn_radiation.diffrn_id                        1 
_diffrn_radiation.wavelength_id                    1 
_diffrn_radiation.pdbx_monochromatic_or_laue_m_l   M 
_diffrn_radiation.monochromator                    ? 
_diffrn_radiation.pdbx_diffrn_protocol             
'MOLECULAR REPLACEMENT WITH 1IJW HAVING THE PROPER DNA SUBSTITUTIONS AS THE STARTING MODEL.' 
_diffrn_radiation.pdbx_scattering_type             x-ray 
# 
_diffrn_radiation_wavelength.id           1 
_diffrn_radiation_wavelength.wavelength   1.100 
_diffrn_radiation_wavelength.wt           1.0 
# 
_diffrn_source.diffrn_id                   1 
_diffrn_source.source                      SYNCHROTRON 
_diffrn_source.type                        'NSLS BEAMLINE X25' 
_diffrn_source.pdbx_synchrotron_site       NSLS 
_diffrn_source.pdbx_synchrotron_beamline   X25 
_diffrn_source.pdbx_wavelength             1.100 
_diffrn_source.pdbx_wavelength_list        ? 
# 
_reflns.entry_id                     1JKP 
_reflns.observed_criterion_sigma_I   0.000 
_reflns.observed_criterion_sigma_F   ? 
_reflns.d_resolution_low             42.70 
_reflns.d_resolution_high            2.80 
_reflns.number_obs                   3774 
_reflns.number_all                   ? 
_reflns.percent_possible_obs         91.23 
_reflns.pdbx_Rmerge_I_obs            ? 
_reflns.pdbx_Rsym_value              0.0770000 
_reflns.pdbx_netI_over_sigmaI        16.90 
_reflns.B_iso_Wilson_estimate        43.00 
_reflns.pdbx_redundancy              13.00 
_reflns.R_free_details               ? 
_reflns.pdbx_diffrn_id               1 
_reflns.pdbx_ordinal                 1 
# 
_reflns_shell.d_res_high             2.80 
_reflns_shell.d_res_low              2.93 
_reflns_shell.percent_possible_all   76.37 
_reflns_shell.Rmerge_I_obs           ? 
_reflns_shell.pdbx_Rsym_value        0.2180000 
_reflns_shell.meanI_over_sigI_obs    4.06 
_reflns_shell.pdbx_redundancy        3.00 
_reflns_shell.percent_possible_obs   ? 
_reflns_shell.number_unique_all      ? 
_reflns_shell.pdbx_diffrn_id         ? 
_reflns_shell.pdbx_ordinal           1 
# 
_refine.entry_id                                 1JKP 
_refine.ls_number_reflns_obs                     3774 
_refine.ls_number_reflns_all                     ? 
_refine.pdbx_ls_sigma_I                          ? 
_refine.pdbx_ls_sigma_F                          0.000 
_refine.pdbx_data_cutoff_high_absF               ? 
_refine.pdbx_data_cutoff_low_absF                ? 
_refine.ls_d_res_low                             42.70 
_refine.ls_d_res_high                            2.80 
_refine.ls_percent_reflns_obs                    91.23 
_refine.ls_R_factor_obs                          0.2477000 
_refine.ls_R_factor_all                          ? 
_refine.ls_R_factor_R_work                       0.2477000 
_refine.ls_R_factor_R_free                       0.3277000 
_refine.ls_R_factor_R_free_error                 ? 
_refine.ls_R_factor_R_free_error_details         ? 
_refine.ls_percent_reflns_R_free                 9.72 
_refine.ls_number_reflns_R_free                  402 
_refine.ls_number_parameters                     ? 
_refine.ls_number_restraints                     ? 
_refine.occupancy_min                            ? 
_refine.occupancy_max                            ? 
_refine.B_iso_mean                               54.10 
_refine.aniso_B[1][1]                            12.54 
_refine.aniso_B[2][2]                            12.184 
_refine.aniso_B[3][3]                            -24.724 
_refine.aniso_B[1][2]                            0.00000 
_refine.aniso_B[1][3]                            0.00000 
_refine.aniso_B[2][3]                            0.00000 
_refine.solvent_model_details                    ? 
_refine.solvent_model_param_ksol                 0.20 
_refine.solvent_model_param_bsol                 50.00 
_refine.pdbx_ls_cross_valid_method               ? 
_refine.details                                  ? 
_refine.pdbx_starting_model                      1IJW 
_refine.pdbx_method_to_determine_struct          'MOLECULAR REPLACEMENT' 
_refine.pdbx_isotropic_thermal_model             ANISOTROPIC_FIXED_ISOTROPIC 
_refine.pdbx_stereochemistry_target_values       MLF 
_refine.pdbx_stereochem_target_val_spec_case     ? 
_refine.pdbx_R_Free_selection_details            RANDOM 
_refine.pdbx_overall_ESU_R_Free                  ? 
_refine.overall_SU_B                             ? 
_refine.ls_redundancy_reflns_obs                 ? 
_refine.correlation_coeff_Fo_to_Fc               ? 
_refine.overall_SU_R_Cruickshank_DPI             ? 
_refine.overall_SU_R_free                        ? 
_refine.overall_SU_ML                            ? 
_refine.pdbx_overall_ESU_R                       ? 
_refine.pdbx_data_cutoff_high_rms_absF           ? 
_refine.correlation_coeff_Fo_to_Fc_free          ? 
_refine.pdbx_solvent_vdw_probe_radii             ? 
_refine.pdbx_solvent_ion_probe_radii             ? 
_refine.pdbx_solvent_shrinkage_radii             ? 
_refine.pdbx_refine_id                           'X-RAY DIFFRACTION' 
_refine.pdbx_diffrn_id                           1 
_refine.pdbx_TLS_residual_ADP_flag               ? 
_refine.pdbx_overall_phase_error                 ? 
_refine.pdbx_overall_SU_R_free_Cruickshank_DPI   ? 
_refine.pdbx_overall_SU_R_Blow_DPI               ? 
_refine.pdbx_overall_SU_R_free_Blow_DPI          ? 
# 
_refine_analyze.entry_id                        1JKP 
_refine_analyze.Luzzati_coordinate_error_obs    0.42 
_refine_analyze.Luzzati_sigma_a_obs             0.62 
_refine_analyze.Luzzati_d_res_low_obs           5.00 
_refine_analyze.Luzzati_coordinate_error_free   0.60 
_refine_analyze.Luzzati_sigma_a_free            0.71 
_refine_analyze.Luzzati_d_res_low_free          ? 
_refine_analyze.number_disordered_residues      ? 
_refine_analyze.occupancy_sum_hydrogen          ? 
_refine_analyze.occupancy_sum_non_hydrogen      ? 
_refine_analyze.pdbx_refine_id                  'X-RAY DIFFRACTION' 
# 
_refine_hist.pdbx_refine_id                   'X-RAY DIFFRACTION' 
_refine_hist.cycle_id                         LAST 
_refine_hist.pdbx_number_atoms_protein        379 
_refine_hist.pdbx_number_atoms_nucleic_acid   576 
_refine_hist.pdbx_number_atoms_ligand         0 
_refine_hist.number_atoms_solvent             4 
_refine_hist.number_atoms_total               959 
_refine_hist.d_res_high                       2.80 
_refine_hist.d_res_low                        42.70 
# 
loop_
_refine_ls_restr.type 
_refine_ls_restr.dev_ideal 
_refine_ls_restr.dev_ideal_target 
_refine_ls_restr.weight 
_refine_ls_restr.number 
_refine_ls_restr.pdbx_refine_id 
_refine_ls_restr.pdbx_restraint_function 
c_bond_d                0.009  ?     ? ? 'X-RAY DIFFRACTION' ? 
c_bond_d_na             ?      ?     ? ? 'X-RAY DIFFRACTION' ? 
c_bond_d_prot           ?      ?     ? ? 'X-RAY DIFFRACTION' ? 
c_angle_d               ?      ?     ? ? 'X-RAY DIFFRACTION' ? 
c_angle_d_na            ?      ?     ? ? 'X-RAY DIFFRACTION' ? 
c_angle_d_prot          ?      ?     ? ? 'X-RAY DIFFRACTION' ? 
c_angle_deg             1.364  ?     ? ? 'X-RAY DIFFRACTION' ? 
c_angle_deg_na          ?      ?     ? ? 'X-RAY DIFFRACTION' ? 
c_angle_deg_prot        ?      ?     ? ? 'X-RAY DIFFRACTION' ? 
c_dihedral_angle_d      19.085 ?     ? ? 'X-RAY DIFFRACTION' ? 
c_dihedral_angle_d_na   ?      ?     ? ? 'X-RAY DIFFRACTION' ? 
c_dihedral_angle_d_prot ?      ?     ? ? 'X-RAY DIFFRACTION' ? 
c_improper_angle_d      1.600  ?     ? ? 'X-RAY DIFFRACTION' ? 
c_improper_angle_d_na   ?      ?     ? ? 'X-RAY DIFFRACTION' ? 
c_improper_angle_d_prot ?      ?     ? ? 'X-RAY DIFFRACTION' ? 
c_mcbond_it             6.93   4.000 ? ? 'X-RAY DIFFRACTION' ? 
c_mcangle_it            10.27  6.000 ? ? 'X-RAY DIFFRACTION' ? 
c_scbond_it             10.70  6.000 ? ? 'X-RAY DIFFRACTION' ? 
c_scangle_it            15.19  7.000 ? ? 'X-RAY DIFFRACTION' ? 
# 
_refine_ls_shell.pdbx_total_number_of_bins_used   8 
_refine_ls_shell.d_res_high                       2.80 
_refine_ls_shell.d_res_low                        2.93 
_refine_ls_shell.number_reflns_R_work             338 
_refine_ls_shell.R_factor_R_work                  0.4163000 
_refine_ls_shell.percent_reflns_obs               76.37 
_refine_ls_shell.R_factor_R_free                  0.5012000 
_refine_ls_shell.R_factor_R_free_error            ? 
_refine_ls_shell.percent_reflns_R_free            10.35 
_refine_ls_shell.number_reflns_R_free             53 
_refine_ls_shell.redundancy_reflns_obs            ? 
_refine_ls_shell.pdbx_refine_id                   'X-RAY DIFFRACTION' 
_refine_ls_shell.number_reflns_all                ? 
_refine_ls_shell.R_factor_all                     ? 
# 
loop_
_pdbx_xplor_file.serial_no 
_pdbx_xplor_file.param_file 
_pdbx_xplor_file.topol_file 
_pdbx_xplor_file.pdbx_refine_id 
1 PROTEIN_REP.PARAM PROTEIN.TOP 'X-RAY DIFFRACTION' 
2 DNA-RNA_REP.PARAM DNA-RNA.TOP 'X-RAY DIFFRACTION' 
3 WATER_REP.PARAM   WATER.TOP   'X-RAY DIFFRACTION' 
# 
_struct.entry_id                  1JKP 
_struct.title                     'Testing the Water-Mediated HIN Recombinase DNA Recognition by Systematic Mutations' 
_struct.pdbx_model_details        ? 
_struct.pdbx_CASP_flag            ? 
_struct.pdbx_model_type_details   ? 
# 
_struct_keywords.entry_id        1JKP 
_struct_keywords.pdbx_keywords   'DNA BINDING PROTEIN/DNA' 
_struct_keywords.text            
'WATER-MEDIATED RECOGNITION, PROTEIN-DNA COMPLEX, HIN RECOMBINASE, T11G MUTANT, DNA BINDING PROTEIN-DNA COMPLEX' 
# 
loop_
_struct_asym.id 
_struct_asym.pdbx_blank_PDB_chainid_flag 
_struct_asym.pdbx_modified 
_struct_asym.entity_id 
_struct_asym.details 
A N N 1 ? 
B N N 2 ? 
C N N 3 ? 
D N N 4 ? 
E N N 4 ? 
# 
_struct_biol.id                    1 
_struct_biol.pdbx_parent_biol_id   ? 
_struct_biol.details               ? 
# 
loop_
_struct_conf.conf_type_id 
_struct_conf.id 
_struct_conf.pdbx_PDB_helix_id 
_struct_conf.beg_label_comp_id 
_struct_conf.beg_label_asym_id 
_struct_conf.beg_label_seq_id 
_struct_conf.pdbx_beg_PDB_ins_code 
_struct_conf.end_label_comp_id 
_struct_conf.end_label_asym_id 
_struct_conf.end_label_seq_id 
_struct_conf.pdbx_end_PDB_ins_code 
_struct_conf.beg_auth_comp_id 
_struct_conf.beg_auth_asym_id 
_struct_conf.beg_auth_seq_id 
_struct_conf.end_auth_comp_id 
_struct_conf.end_auth_asym_id 
_struct_conf.end_auth_seq_id 
_struct_conf.pdbx_PDB_helix_class 
_struct_conf.details 
_struct_conf.pdbx_PDB_helix_length 
HELX_P HELX_P1 1 ASN C 7  ? LYS C 20 ? ASN C 145 LYS C 158 1 ? 14 
HELX_P HELX_P2 2 PRO C 23 ? PHE C 31 ? PRO C 161 PHE C 169 1 ? 9  
HELX_P HELX_P3 3 GLY C 34 ? PHE C 42 ? GLY C 172 PHE C 180 1 ? 9  
# 
_struct_conf_type.id          HELX_P 
_struct_conf_type.criteria    ? 
_struct_conf_type.reference   ? 
# 
loop_
_struct_conn.id 
_struct_conn.conn_type_id 
_struct_conn.pdbx_leaving_atom_flag 
_struct_conn.pdbx_PDB_id 
_struct_conn.ptnr1_label_asym_id 
_struct_conn.ptnr1_label_comp_id 
_struct_conn.ptnr1_label_seq_id 
_struct_conn.ptnr1_label_atom_id 
_struct_conn.pdbx_ptnr1_label_alt_id 
_struct_conn.pdbx_ptnr1_PDB_ins_code 
_struct_conn.pdbx_ptnr1_standard_comp_id 
_struct_conn.ptnr1_symmetry 
_struct_conn.ptnr2_label_asym_id 
_struct_conn.ptnr2_label_comp_id 
_struct_conn.ptnr2_label_seq_id 
_struct_conn.ptnr2_label_atom_id 
_struct_conn.pdbx_ptnr2_label_alt_id 
_struct_conn.pdbx_ptnr2_PDB_ins_code 
_struct_conn.ptnr1_auth_asym_id 
_struct_conn.ptnr1_auth_comp_id 
_struct_conn.ptnr1_auth_seq_id 
_struct_conn.ptnr2_auth_asym_id 
_struct_conn.ptnr2_auth_comp_id 
_struct_conn.ptnr2_auth_seq_id 
_struct_conn.ptnr2_symmetry 
_struct_conn.pdbx_ptnr3_label_atom_id 
_struct_conn.pdbx_ptnr3_label_seq_id 
_struct_conn.pdbx_ptnr3_label_comp_id 
_struct_conn.pdbx_ptnr3_label_asym_id 
_struct_conn.pdbx_ptnr3_label_alt_id 
_struct_conn.pdbx_ptnr3_PDB_ins_code 
_struct_conn.details 
_struct_conn.pdbx_dist_value 
_struct_conn.pdbx_value_order 
_struct_conn.pdbx_role 
hydrog1  hydrog ? ? A DG 2  N1 ? ? ? 1_555 B DC 14 N3 ? ? A DG 3  B DC 29 1_555 ? ? ? ? ? ? WATSON-CRICK ? ? ? 
hydrog2  hydrog ? ? A DG 2  N2 ? ? ? 1_555 B DC 14 O2 ? ? A DG 3  B DC 29 1_555 ? ? ? ? ? ? WATSON-CRICK ? ? ? 
hydrog3  hydrog ? ? A DG 2  O6 ? ? ? 1_555 B DC 14 N4 ? ? A DG 3  B DC 29 1_555 ? ? ? ? ? ? WATSON-CRICK ? ? ? 
hydrog4  hydrog ? ? A DT 3  N3 ? ? ? 1_555 B DA 13 N1 ? ? A DT 4  B DA 28 1_555 ? ? ? ? ? ? WATSON-CRICK ? ? ? 
hydrog5  hydrog ? ? A DT 3  O4 ? ? ? 1_555 B DA 13 N6 ? ? A DT 4  B DA 28 1_555 ? ? ? ? ? ? WATSON-CRICK ? ? ? 
hydrog6  hydrog ? ? A DT 4  N3 ? ? ? 1_555 B DA 12 N1 ? ? A DT 5  B DA 27 1_555 ? ? ? ? ? ? WATSON-CRICK ? ? ? 
hydrog7  hydrog ? ? A DT 4  O4 ? ? ? 1_555 B DA 12 N6 ? ? A DT 5  B DA 27 1_555 ? ? ? ? ? ? WATSON-CRICK ? ? ? 
hydrog8  hydrog ? ? A DT 5  N3 ? ? ? 1_555 B DA 11 N1 ? ? A DT 6  B DA 26 1_555 ? ? ? ? ? ? WATSON-CRICK ? ? ? 
hydrog9  hydrog ? ? A DT 5  O4 ? ? ? 1_555 B DA 11 N6 ? ? A DT 6  B DA 26 1_555 ? ? ? ? ? ? WATSON-CRICK ? ? ? 
hydrog10 hydrog ? ? A DT 6  N3 ? ? ? 1_555 B DA 10 N1 ? ? A DT 7  B DA 25 1_555 ? ? ? ? ? ? WATSON-CRICK ? ? ? 
hydrog11 hydrog ? ? A DT 6  O4 ? ? ? 1_555 B DA 10 N6 ? ? A DT 7  B DA 25 1_555 ? ? ? ? ? ? WATSON-CRICK ? ? ? 
hydrog12 hydrog ? ? A DT 7  N3 ? ? ? 1_555 B DA 9  N1 ? ? A DT 8  B DA 24 1_555 ? ? ? ? ? ? WATSON-CRICK ? ? ? 
hydrog13 hydrog ? ? A DT 7  O4 ? ? ? 1_555 B DA 9  N6 ? ? A DT 8  B DA 24 1_555 ? ? ? ? ? ? WATSON-CRICK ? ? ? 
hydrog14 hydrog ? ? A DG 8  N1 ? ? ? 1_555 B DC 8  N3 ? ? A DG 9  B DC 23 1_555 ? ? ? ? ? ? WATSON-CRICK ? ? ? 
hydrog15 hydrog ? ? A DG 8  N2 ? ? ? 1_555 B DC 8  O2 ? ? A DG 9  B DC 23 1_555 ? ? ? ? ? ? WATSON-CRICK ? ? ? 
hydrog16 hydrog ? ? A DG 8  O6 ? ? ? 1_555 B DC 8  N4 ? ? A DG 9  B DC 23 1_555 ? ? ? ? ? ? WATSON-CRICK ? ? ? 
hydrog17 hydrog ? ? A DA 9  N1 ? ? ? 1_555 B DT 7  N3 ? ? A DA 10 B DT 22 1_555 ? ? ? ? ? ? WATSON-CRICK ? ? ? 
hydrog18 hydrog ? ? A DA 9  N6 ? ? ? 1_555 B DT 7  O4 ? ? A DA 10 B DT 22 1_555 ? ? ? ? ? ? WATSON-CRICK ? ? ? 
hydrog19 hydrog ? ? A DG 10 N1 ? ? ? 1_555 B DC 6  N3 ? ? A DG 11 B DC 21 1_555 ? ? ? ? ? ? WATSON-CRICK ? ? ? 
hydrog20 hydrog ? ? A DG 10 N2 ? ? ? 1_555 B DC 6  O2 ? ? A DG 11 B DC 21 1_555 ? ? ? ? ? ? WATSON-CRICK ? ? ? 
hydrog21 hydrog ? ? A DG 10 O6 ? ? ? 1_555 B DC 6  N4 ? ? A DG 11 B DC 21 1_555 ? ? ? ? ? ? WATSON-CRICK ? ? ? 
hydrog22 hydrog ? ? A DA 11 N1 ? ? ? 1_555 B DT 5  N3 ? ? A DA 12 B DT 20 1_555 ? ? ? ? ? ? WATSON-CRICK ? ? ? 
hydrog23 hydrog ? ? A DA 11 N6 ? ? ? 1_555 B DT 5  O4 ? ? A DA 12 B DT 20 1_555 ? ? ? ? ? ? WATSON-CRICK ? ? ? 
hydrog24 hydrog ? ? A DA 12 N1 ? ? ? 1_555 B DT 4  N3 ? ? A DA 13 B DT 19 1_555 ? ? ? ? ? ? WATSON-CRICK ? ? ? 
hydrog25 hydrog ? ? A DA 12 N6 ? ? ? 1_555 B DT 4  O4 ? ? A DA 13 B DT 19 1_555 ? ? ? ? ? ? WATSON-CRICK ? ? ? 
hydrog26 hydrog ? ? A DG 13 N1 ? ? ? 1_555 B DC 3  N3 ? ? A DG 14 B DC 18 1_555 ? ? ? ? ? ? WATSON-CRICK ? ? ? 
hydrog27 hydrog ? ? A DG 13 N2 ? ? ? 1_555 B DC 3  O2 ? ? A DG 14 B DC 18 1_555 ? ? ? ? ? ? WATSON-CRICK ? ? ? 
hydrog28 hydrog ? ? A DG 13 O6 ? ? ? 1_555 B DC 3  N4 ? ? A DG 14 B DC 18 1_555 ? ? ? ? ? ? WATSON-CRICK ? ? ? 
# 
_struct_conn_type.id          hydrog 
_struct_conn_type.criteria    ? 
_struct_conn_type.reference   ? 
# 
_atom_sites.entry_id                    1JKP 
_atom_sites.fract_transf_matrix[1][1]   0.00654243 
_atom_sites.fract_transf_matrix[1][2]   -0.00022067 
_atom_sites.fract_transf_matrix[1][3]   0.00971541 
_atom_sites.fract_transf_matrix[2][1]   0.00886591 
_atom_sites.fract_transf_matrix[2][2]   -0.00587539 
_atom_sites.fract_transf_matrix[2][3]   -0.00610382 
_atom_sites.fract_transf_matrix[3][1]   0.00896028 
_atom_sites.fract_transf_matrix[3][2]   0.01933330 
_atom_sites.fract_transf_matrix[3][3]   -0.00559479 
_atom_sites.fract_transf_vector[1]      0.278719 
_atom_sites.fract_transf_vector[2]      0.050189 
_atom_sites.fract_transf_vector[3]      0.204877 
# 
loop_
_atom_type.symbol 
C 
N 
O 
P 
# 
loop_
_atom_site.group_PDB 
_atom_site.id 
_atom_site.type_symbol 
_atom_site.label_atom_id 
_atom_site.label_alt_id 
_atom_site.label_comp_id 
_atom_site.label_asym_id 
_atom_site.label_entity_id 
_atom_site.label_seq_id 
_atom_site.pdbx_PDB_ins_code 
_atom_site.Cartn_x 
_atom_site.Cartn_y 
_atom_site.Cartn_z 
_atom_site.occupancy 
_atom_site.B_iso_or_equiv 
_atom_site.pdbx_formal_charge 
_atom_site.auth_seq_id 
_atom_site.auth_comp_id 
_atom_site.auth_asym_id 
_atom_site.auth_atom_id 
_atom_site.pdbx_PDB_model_num 
ATOM   1   O "O5'" . DT  A 1 1  ? 6.694   -17.255 -33.771 1.00 86.79 ? 2   DT  A "O5'" 1 
ATOM   2   C "C5'" . DT  A 1 1  ? 7.419   -16.436 -32.852 1.00 93.55 ? 2   DT  A "C5'" 1 
ATOM   3   C "C4'" . DT  A 1 1  ? 6.937   -15.005 -32.768 1.00 93.97 ? 2   DT  A "C4'" 1 
ATOM   4   O "O4'" . DT  A 1 1  ? 5.628   -14.975 -32.138 1.00 93.67 ? 2   DT  A "O4'" 1 
ATOM   5   C "C3'" . DT  A 1 1  ? 7.833   -14.112 -31.901 1.00 94.88 ? 2   DT  A "C3'" 1 
ATOM   6   O "O3'" . DT  A 1 1  ? 7.888   -12.772 -32.406 1.00 94.94 ? 2   DT  A "O3'" 1 
ATOM   7   C "C2'" . DT  A 1 1  ? 7.109   -14.087 -30.573 1.00 94.94 ? 2   DT  A "C2'" 1 
ATOM   8   C "C1'" . DT  A 1 1  ? 5.672   -14.067 -31.045 1.00 94.84 ? 2   DT  A "C1'" 1 
ATOM   9   N N1    . DT  A 1 1  ? 4.693   -14.485 -30.018 1.00 91.41 ? 2   DT  A N1    1 
ATOM   10  C C2    . DT  A 1 1  ? 3.585   -13.694 -29.838 1.00 82.84 ? 2   DT  A C2    1 
ATOM   11  O O2    . DT  A 1 1  ? 3.346   -12.717 -30.528 1.00 80.44 ? 2   DT  A O2    1 
ATOM   12  N N3    . DT  A 1 1  ? 2.755   -14.091 -28.823 1.00 79.13 ? 2   DT  A N3    1 
ATOM   13  C C4    . DT  A 1 1  ? 2.907   -15.189 -27.998 1.00 83.76 ? 2   DT  A C4    1 
ATOM   14  O O4    . DT  A 1 1  ? 2.075   -15.410 -27.114 1.00 82.89 ? 2   DT  A O4    1 
ATOM   15  C C5    . DT  A 1 1  ? 4.077   -16.001 -28.266 1.00 87.28 ? 2   DT  A C5    1 
ATOM   16  C C7    . DT  A 1 1  ? 4.313   -17.232 -27.446 1.00 88.97 ? 2   DT  A C7    1 
ATOM   17  C C6    . DT  A 1 1  ? 4.900   -15.612 -29.249 1.00 90.56 ? 2   DT  A C6    1 
ATOM   18  P P     . DG  A 1 2  ? 8.834   -11.679 -31.675 1.00 95.00 ? 3   DG  A P     1 
ATOM   19  O OP1   . DG  A 1 2  ? 9.973   -11.411 -32.599 1.00 95.00 ? 3   DG  A OP1   1 
ATOM   20  O OP2   . DG  A 1 2  ? 9.107   -12.095 -30.264 1.00 94.84 ? 3   DG  A OP2   1 
ATOM   21  O "O5'" . DG  A 1 2  ? 7.950   -10.356 -31.623 1.00 81.47 ? 3   DG  A "O5'" 1 
ATOM   22  C "C5'" . DG  A 1 2  ? 7.867   -9.481  -32.744 1.00 69.41 ? 3   DG  A "C5'" 1 
ATOM   23  C "C4'" . DG  A 1 2  ? 7.452   -8.116  -32.268 1.00 62.09 ? 3   DG  A "C4'" 1 
ATOM   24  O "O4'" . DG  A 1 2  ? 6.184   -8.280  -31.585 1.00 58.64 ? 3   DG  A "O4'" 1 
ATOM   25  C "C3'" . DG  A 1 2  ? 8.420   -7.578  -31.216 1.00 59.32 ? 3   DG  A "C3'" 1 
ATOM   26  O "O3'" . DG  A 1 2  ? 8.453   -6.149  -31.210 1.00 55.14 ? 3   DG  A "O3'" 1 
ATOM   27  C "C2'" . DG  A 1 2  ? 7.811   -8.063  -29.922 1.00 58.28 ? 3   DG  A "C2'" 1 
ATOM   28  C "C1'" . DG  A 1 2  ? 6.331   -7.930  -30.220 1.00 48.78 ? 3   DG  A "C1'" 1 
ATOM   29  N N9    . DG  A 1 2  ? 5.524   -8.837  -29.415 1.00 39.42 ? 3   DG  A N9    1 
ATOM   30  C C8    . DG  A 1 2  ? 5.797   -10.154 -29.133 1.00 39.34 ? 3   DG  A C8    1 
ATOM   31  N N7    . DG  A 1 2  ? 4.955   -10.686 -28.290 1.00 35.43 ? 3   DG  A N7    1 
ATOM   32  C C5    . DG  A 1 2  ? 4.055   -9.669  -28.017 1.00 41.75 ? 3   DG  A C5    1 
ATOM   33  C C6    . DG  A 1 2  ? 2.935   -9.654  -27.159 1.00 50.44 ? 3   DG  A C6    1 
ATOM   34  O O6    . DG  A 1 2  ? 2.520   -10.565 -26.424 1.00 55.31 ? 3   DG  A O6    1 
ATOM   35  N N1    . DG  A 1 2  ? 2.278   -8.420  -27.194 1.00 55.62 ? 3   DG  A N1    1 
ATOM   36  C C2    . DG  A 1 2  ? 2.667   -7.336  -27.957 1.00 56.13 ? 3   DG  A C2    1 
ATOM   37  N N2    . DG  A 1 2  ? 1.903   -6.236  -27.857 1.00 54.15 ? 3   DG  A N2    1 
ATOM   38  N N3    . DG  A 1 2  ? 3.729   -7.335  -28.754 1.00 49.52 ? 3   DG  A N3    1 
ATOM   39  C C4    . DG  A 1 2  ? 4.372   -8.527  -28.731 1.00 43.36 ? 3   DG  A C4    1 
ATOM   40  P P     . DT  A 1 3  ? 9.391   -5.389  -30.153 1.00 68.53 ? 4   DT  A P     1 
ATOM   41  O OP1   . DT  A 1 3  ? 10.461  -4.738  -30.933 1.00 66.79 ? 4   DT  A OP1   1 
ATOM   42  O OP2   . DT  A 1 3  ? 9.749   -6.309  -29.045 1.00 68.10 ? 4   DT  A OP2   1 
ATOM   43  O "O5'" . DT  A 1 3  ? 8.454   -4.256  -29.564 1.00 66.36 ? 4   DT  A "O5'" 1 
ATOM   44  C "C5'" . DT  A 1 3  ? 7.733   -3.412  -30.438 1.00 56.71 ? 4   DT  A "C5'" 1 
ATOM   45  C "C4'" . DT  A 1 3  ? 6.792   -2.548  -29.642 1.00 48.88 ? 4   DT  A "C4'" 1 
ATOM   46  O "O4'" . DT  A 1 3  ? 5.855   -3.401  -28.945 1.00 46.87 ? 4   DT  A "O4'" 1 
ATOM   47  C "C3'" . DT  A 1 3  ? 7.486   -1.719  -28.568 1.00 48.53 ? 4   DT  A "C3'" 1 
ATOM   48  O "O3'" . DT  A 1 3  ? 6.835   -0.461  -28.493 1.00 57.20 ? 4   DT  A "O3'" 1 
ATOM   49  C "C2'" . DT  A 1 3  ? 7.271   -2.520  -27.297 1.00 33.72 ? 4   DT  A "C2'" 1 
ATOM   50  C "C1'" . DT  A 1 3  ? 5.920   -3.177  -27.546 1.00 25.74 ? 4   DT  A "C1'" 1 
ATOM   51  N N1    . DT  A 1 3  ? 5.748   -4.487  -26.889 1.00 28.18 ? 4   DT  A N1    1 
ATOM   52  C C2    . DT  A 1 3  ? 4.644   -4.696  -26.073 1.00 34.57 ? 4   DT  A C2    1 
ATOM   53  O O2    . DT  A 1 3  ? 3.805   -3.835  -25.843 1.00 45.08 ? 4   DT  A O2    1 
ATOM   54  N N3    . DT  A 1 3  ? 4.564   -5.962  -25.530 1.00 28.48 ? 4   DT  A N3    1 
ATOM   55  C C4    . DT  A 1 3  ? 5.468   -7.014  -25.712 1.00 43.14 ? 4   DT  A C4    1 
ATOM   56  O O4    . DT  A 1 3  ? 5.274   -8.121  -25.171 1.00 41.79 ? 4   DT  A O4    1 
ATOM   57  C C5    . DT  A 1 3  ? 6.601   -6.708  -26.561 1.00 40.98 ? 4   DT  A C5    1 
ATOM   58  C C7    . DT  A 1 3  ? 7.623   -7.769  -26.795 1.00 35.04 ? 4   DT  A C7    1 
ATOM   59  C C6    . DT  A 1 3  ? 6.682   -5.482  -27.102 1.00 32.59 ? 4   DT  A C6    1 
ATOM   60  P P     . DT  A 1 4  ? 7.136   0.507   -27.264 1.00 68.04 ? 5   DT  A P     1 
ATOM   61  O OP1   . DT  A 1 4  ? 6.766   1.895   -27.661 1.00 27.88 ? 5   DT  A OP1   1 
ATOM   62  O OP2   . DT  A 1 4  ? 8.513   0.191   -26.806 1.00 76.41 ? 5   DT  A OP2   1 
ATOM   63  O "O5'" . DT  A 1 4  ? 6.079   0.047   -26.173 1.00 59.07 ? 5   DT  A "O5'" 1 
ATOM   64  C "C5'" . DT  A 1 4  ? 4.697   0.316   -26.382 1.00 53.51 ? 5   DT  A "C5'" 1 
ATOM   65  C "C4'" . DT  A 1 4  ? 3.969   0.346   -25.062 1.00 54.23 ? 5   DT  A "C4'" 1 
ATOM   66  O "O4'" . DT  A 1 4  ? 3.863   -0.986  -24.511 1.00 49.27 ? 5   DT  A "O4'" 1 
ATOM   67  C "C3'" . DT  A 1 4  ? 4.667   1.186   -24.003 1.00 41.38 ? 5   DT  A "C3'" 1 
ATOM   68  O "O3'" . DT  A 1 4  ? 3.687   1.886   -23.268 1.00 48.00 ? 5   DT  A "O3'" 1 
ATOM   69  C "C2'" . DT  A 1 4  ? 5.367   0.160   -23.131 1.00 40.28 ? 5   DT  A "C2'" 1 
ATOM   70  C "C1'" . DT  A 1 4  ? 4.444   -1.039  -23.224 1.00 27.33 ? 5   DT  A "C1'" 1 
ATOM   71  N N1    . DT  A 1 4  ? 5.115   -2.349  -23.097 1.00 40.41 ? 5   DT  A N1    1 
ATOM   72  C C2    . DT  A 1 4  ? 4.401   -3.370  -22.507 1.00 44.16 ? 5   DT  A C2    1 
ATOM   73  O O2    . DT  A 1 4  ? 3.247   -3.242  -22.146 1.00 49.30 ? 5   DT  A O2    1 
ATOM   74  N N3    . DT  A 1 4  ? 5.087   -4.556  -22.372 1.00 39.94 ? 5   DT  A N3    1 
ATOM   75  C C4    . DT  A 1 4  ? 6.381   -4.824  -22.786 1.00 38.22 ? 5   DT  A C4    1 
ATOM   76  O O4    . DT  A 1 4  ? 6.867   -5.944  -22.612 1.00 38.47 ? 5   DT  A O4    1 
ATOM   77  C C5    . DT  A 1 4  ? 7.066   -3.716  -23.418 1.00 33.70 ? 5   DT  A C5    1 
ATOM   78  C C7    . DT  A 1 4  ? 8.469   -3.922  -23.901 1.00 39.50 ? 5   DT  A C7    1 
ATOM   79  C C6    . DT  A 1 4  ? 6.408   -2.546  -23.541 1.00 41.89 ? 5   DT  A C6    1 
ATOM   80  P P     . DT  A 1 5  ? 4.134   3.051   -22.275 1.00 64.71 ? 6   DT  A P     1 
ATOM   81  O OP1   . DT  A 1 5  ? 3.519   4.322   -22.731 1.00 49.91 ? 6   DT  A OP1   1 
ATOM   82  O OP2   . DT  A 1 5  ? 5.603   2.975   -22.061 1.00 73.20 ? 6   DT  A OP2   1 
ATOM   83  O "O5'" . DT  A 1 5  ? 3.410   2.597   -20.947 1.00 63.83 ? 6   DT  A "O5'" 1 
ATOM   84  C "C5'" . DT  A 1 5  ? 2.236   1.798   -21.021 1.00 63.85 ? 6   DT  A "C5'" 1 
ATOM   85  C "C4'" . DT  A 1 5  ? 2.036   1.086   -19.709 1.00 66.44 ? 6   DT  A "C4'" 1 
ATOM   86  O "O4'" . DT  A 1 5  ? 2.749   -0.170  -19.672 1.00 57.64 ? 6   DT  A "O4'" 1 
ATOM   87  C "C3'" . DT  A 1 5  ? 2.575   1.907   -18.545 1.00 70.00 ? 6   DT  A "C3'" 1 
ATOM   88  O "O3'" . DT  A 1 5  ? 1.702   1.745   -17.439 1.00 68.08 ? 6   DT  A "O3'" 1 
ATOM   89  C "C2'" . DT  A 1 5  ? 3.936   1.281   -18.281 1.00 54.51 ? 6   DT  A "C2'" 1 
ATOM   90  C "C1'" . DT  A 1 5  ? 3.620   -0.171  -18.554 1.00 39.35 ? 6   DT  A "C1'" 1 
ATOM   91  N N1    . DT  A 1 5  ? 4.751   -1.052  -18.866 1.00 34.42 ? 6   DT  A N1    1 
ATOM   92  C C2    . DT  A 1 5  ? 4.568   -2.389  -18.600 1.00 34.30 ? 6   DT  A C2    1 
ATOM   93  O O2    . DT  A 1 5  ? 3.547   -2.824  -18.106 1.00 33.04 ? 6   DT  A O2    1 
ATOM   94  N N3    . DT  A 1 5  ? 5.621   -3.200  -18.930 1.00 31.70 ? 6   DT  A N3    1 
ATOM   95  C C4    . DT  A 1 5  ? 6.816   -2.812  -19.474 1.00 31.74 ? 6   DT  A C4    1 
ATOM   96  O O4    . DT  A 1 5  ? 7.656   -3.658  -19.735 1.00 35.56 ? 6   DT  A O4    1 
ATOM   97  C C5    . DT  A 1 5  ? 6.964   -1.383  -19.697 1.00 29.83 ? 6   DT  A C5    1 
ATOM   98  C C7    . DT  A 1 5  ? 8.256   -0.865  -20.231 1.00 25.86 ? 6   DT  A C7    1 
ATOM   99  C C6    . DT  A 1 5  ? 5.931   -0.583  -19.398 1.00 34.45 ? 6   DT  A C6    1 
ATOM   100 P P     . DT  A 1 6  ? 1.934   2.619   -16.124 1.00 73.53 ? 7   DT  A P     1 
ATOM   101 O OP1   . DT  A 1 6  ? 0.626   3.301   -15.900 1.00 72.34 ? 7   DT  A OP1   1 
ATOM   102 O OP2   . DT  A 1 6  ? 3.185   3.420   -16.287 1.00 52.66 ? 7   DT  A OP2   1 
ATOM   103 O "O5'" . DT  A 1 6  ? 2.158   1.503   -15.012 1.00 50.30 ? 7   DT  A "O5'" 1 
ATOM   104 C "C5'" . DT  A 1 6  ? 1.276   0.391   -14.990 1.00 63.59 ? 7   DT  A "C5'" 1 
ATOM   105 C "C4'" . DT  A 1 6  ? 1.877   -0.770  -14.239 1.00 70.98 ? 7   DT  A "C4'" 1 
ATOM   106 O "O4'" . DT  A 1 6  ? 2.950   -1.391  -14.991 1.00 70.29 ? 7   DT  A "O4'" 1 
ATOM   107 C "C3'" . DT  A 1 6  ? 2.430   -0.446  -12.854 1.00 68.89 ? 7   DT  A "C3'" 1 
ATOM   108 O "O3'" . DT  A 1 6  ? 1.863   -1.365  -11.930 1.00 61.89 ? 7   DT  A "O3'" 1 
ATOM   109 C "C2'" . DT  A 1 6  ? 3.923   -0.675  -13.005 1.00 77.27 ? 7   DT  A "C2'" 1 
ATOM   110 C "C1'" . DT  A 1 6  ? 4.003   -1.713  -14.113 1.00 55.57 ? 7   DT  A "C1'" 1 
ATOM   111 N N1    . DT  A 1 6  ? 5.278   -1.715  -14.880 1.00 38.85 ? 7   DT  A N1    1 
ATOM   112 C C2    . DT  A 1 6  ? 5.884   -2.938  -15.097 1.00 36.79 ? 7   DT  A C2    1 
ATOM   113 O O2    . DT  A 1 6  ? 5.387   -3.996  -14.734 1.00 42.72 ? 7   DT  A O2    1 
ATOM   114 N N3    . DT  A 1 6  ? 7.100   -2.879  -15.747 1.00 32.19 ? 7   DT  A N3    1 
ATOM   115 C C4    . DT  A 1 6  ? 7.754   -1.747  -16.192 1.00 33.26 ? 7   DT  A C4    1 
ATOM   116 O O4    . DT  A 1 6  ? 8.854   -1.848  -16.736 1.00 47.05 ? 7   DT  A O4    1 
ATOM   117 C C5    . DT  A 1 6  ? 7.050   -0.498  -15.960 1.00 26.37 ? 7   DT  A C5    1 
ATOM   118 C C7    . DT  A 1 6  ? 7.674   0.776   -16.428 1.00 15.57 ? 7   DT  A C7    1 
ATOM   119 C C6    . DT  A 1 6  ? 5.860   -0.543  -15.332 1.00 22.74 ? 7   DT  A C6    1 
ATOM   120 P P     . DT  A 1 7  ? 2.175   -1.237  -10.360 1.00 53.13 ? 8   DT  A P     1 
ATOM   121 O OP1   . DT  A 1 7  ? 0.891   -1.010  -9.629  1.00 53.01 ? 8   DT  A OP1   1 
ATOM   122 O OP2   . DT  A 1 7  ? 3.315   -0.305  -10.151 1.00 37.74 ? 8   DT  A OP2   1 
ATOM   123 O "O5'" . DT  A 1 7  ? 2.588   -2.736  -10.054 1.00 37.87 ? 8   DT  A "O5'" 1 
ATOM   124 C "C5'" . DT  A 1 7  ? 1.908   -3.778  -10.752 1.00 44.59 ? 8   DT  A "C5'" 1 
ATOM   125 C "C4'" . DT  A 1 7  ? 2.731   -5.040  -10.749 1.00 53.62 ? 8   DT  A "C4'" 1 
ATOM   126 O "O4'" . DT  A 1 7  ? 3.894   -4.914  -11.618 1.00 52.94 ? 8   DT  A "O4'" 1 
ATOM   127 C "C3'" . DT  A 1 7  ? 3.251   -5.360  -9.355  1.00 47.45 ? 8   DT  A "C3'" 1 
ATOM   128 O "O3'" . DT  A 1 7  ? 2.942   -6.698  -8.986  1.00 43.89 ? 8   DT  A "O3'" 1 
ATOM   129 C "C2'" . DT  A 1 7  ? 4.748   -5.117  -9.451  1.00 53.75 ? 8   DT  A "C2'" 1 
ATOM   130 C "C1'" . DT  A 1 7  ? 5.057   -5.331  -10.925 1.00 32.18 ? 8   DT  A "C1'" 1 
ATOM   131 N N1    . DT  A 1 7  ? 6.232   -4.545  -11.426 1.00 22.96 ? 8   DT  A N1    1 
ATOM   132 C C2    . DT  A 1 7  ? 7.322   -5.269  -11.868 1.00 23.60 ? 8   DT  A C2    1 
ATOM   133 O O2    . DT  A 1 7  ? 7.360   -6.487  -11.846 1.00 23.79 ? 8   DT  A O2    1 
ATOM   134 N N3    . DT  A 1 7  ? 8.375   -4.515  -12.326 1.00 16.42 ? 8   DT  A N3    1 
ATOM   135 C C4    . DT  A 1 7  ? 8.455   -3.136  -12.384 1.00 30.07 ? 8   DT  A C4    1 
ATOM   136 O O4    . DT  A 1 7  ? 9.458   -2.586  -12.861 1.00 50.00 ? 8   DT  A O4    1 
ATOM   137 C C5    . DT  A 1 7  ? 7.305   -2.435  -11.878 1.00 22.88 ? 8   DT  A C5    1 
ATOM   138 C C7    . DT  A 1 7  ? 7.350   -0.940  -11.862 1.00 20.37 ? 8   DT  A C7    1 
ATOM   139 C C6    . DT  A 1 7  ? 6.250   -3.160  -11.438 1.00 15.38 ? 8   DT  A C6    1 
ATOM   140 P P     . DG  A 1 8  ? 2.951   -7.097  -7.436  1.00 42.19 ? 9   DG  A P     1 
ATOM   141 O OP1   . DG  A 1 8  ? 1.957   -8.184  -7.275  1.00 21.22 ? 9   DG  A OP1   1 
ATOM   142 O OP2   . DG  A 1 8  ? 2.864   -5.872  -6.602  1.00 42.47 ? 9   DG  A OP2   1 
ATOM   143 O "O5'" . DG  A 1 8  ? 4.405   -7.685  -7.214  1.00 50.64 ? 9   DG  A "O5'" 1 
ATOM   144 C "C5'" . DG  A 1 8  ? 4.821   -8.833  -7.920  1.00 55.25 ? 9   DG  A "C5'" 1 
ATOM   145 C "C4'" . DG  A 1 8  ? 6.273   -9.107  -7.632  1.00 48.94 ? 9   DG  A "C4'" 1 
ATOM   146 O "O4'" . DG  A 1 8  ? 7.099   -8.108  -8.273  1.00 44.08 ? 9   DG  A "O4'" 1 
ATOM   147 C "C3'" . DG  A 1 8  ? 6.626   -9.064  -6.146  1.00 37.08 ? 9   DG  A "C3'" 1 
ATOM   148 O "O3'" . DG  A 1 8  ? 7.520   -10.137 -5.878  1.00 56.33 ? 9   DG  A "O3'" 1 
ATOM   149 C "C2'" . DG  A 1 8  ? 7.314   -7.716  -5.988  1.00 17.87 ? 9   DG  A "C2'" 1 
ATOM   150 C "C1'" . DG  A 1 8  ? 7.993   -7.561  -7.328  1.00 15.49 ? 9   DG  A "C1'" 1 
ATOM   151 N N9    . DG  A 1 8  ? 8.317   -6.208  -7.756  1.00 19.03 ? 9   DG  A N9    1 
ATOM   152 C C8    . DG  A 1 8  ? 7.675   -5.041  -7.438  1.00 26.06 ? 9   DG  A C8    1 
ATOM   153 N N7    . DG  A 1 8  ? 8.213   -3.992  -8.007  1.00 33.12 ? 9   DG  A N7    1 
ATOM   154 C C5    . DG  A 1 8  ? 9.278   -4.503  -8.736  1.00 16.43 ? 9   DG  A C5    1 
ATOM   155 C C6    . DG  A 1 8  ? 10.236  -3.850  -9.542  1.00 23.48 ? 9   DG  A C6    1 
ATOM   156 O O6    . DG  A 1 8  ? 10.343  -2.645  -9.798  1.00 36.99 ? 9   DG  A O6    1 
ATOM   157 N N1    . DG  A 1 8  ? 11.139  -4.743  -10.081 1.00 19.00 ? 9   DG  A N1    1 
ATOM   158 C C2    . DG  A 1 8  ? 11.124  -6.092  -9.881  1.00 37.48 ? 9   DG  A C2    1 
ATOM   159 N N2    . DG  A 1 8  ? 12.084  -6.791  -10.503 1.00 49.84 ? 9   DG  A N2    1 
ATOM   160 N N3    . DG  A 1 8  ? 10.239  -6.717  -9.134  1.00 26.09 ? 9   DG  A N3    1 
ATOM   161 C C4    . DG  A 1 8  ? 9.354   -5.865  -8.592  1.00 21.82 ? 9   DG  A C4    1 
ATOM   162 P P     . DA  A 1 9  ? 7.615   -10.759 -4.406  1.00 72.22 ? 10  DA  A P     1 
ATOM   163 O OP1   . DA  A 1 9  ? 6.570   -11.806 -4.240  1.00 50.41 ? 10  DA  A OP1   1 
ATOM   164 O OP2   . DA  A 1 9  ? 7.688   -9.632  -3.443  1.00 73.43 ? 10  DA  A OP2   1 
ATOM   165 O "O5'" . DA  A 1 9  ? 9.036   -11.470 -4.458  1.00 83.55 ? 10  DA  A "O5'" 1 
ATOM   166 C "C5'" . DA  A 1 9  ? 9.434   -12.185 -5.631  1.00 74.77 ? 10  DA  A "C5'" 1 
ATOM   167 C "C4'" . DA  A 1 9  ? 10.896  -11.948 -5.950  1.00 61.41 ? 10  DA  A "C4'" 1 
ATOM   168 O "O4'" . DA  A 1 9  ? 11.121  -10.630 -6.516  1.00 50.39 ? 10  DA  A "O4'" 1 
ATOM   169 C "C3'" . DA  A 1 9  ? 11.883  -12.107 -4.794  1.00 60.64 ? 10  DA  A "C3'" 1 
ATOM   170 O "O3'" . DA  A 1 9  ? 12.962  -12.955 -5.211  1.00 74.20 ? 10  DA  A "O3'" 1 
ATOM   171 C "C2'" . DA  A 1 9  ? 12.333  -10.681 -4.505  1.00 53.13 ? 10  DA  A "C2'" 1 
ATOM   172 C "C1'" . DA  A 1 9  ? 12.174  -9.962  -5.841  1.00 24.32 ? 10  DA  A "C1'" 1 
ATOM   173 N N9    . DA  A 1 9  ? 11.780  -8.555  -5.725  1.00 31.55 ? 10  DA  A N9    1 
ATOM   174 C C8    . DA  A 1 9  ? 10.717  -8.054  -5.010  1.00 40.12 ? 10  DA  A C8    1 
ATOM   175 N N7    . DA  A 1 9  ? 10.569  -6.750  -5.121  1.00 43.38 ? 10  DA  A N7    1 
ATOM   176 C C5    . DA  A 1 9  ? 11.613  -6.363  -5.959  1.00 28.36 ? 10  DA  A C5    1 
ATOM   177 C C6    . DA  A 1 9  ? 12.013  -5.095  -6.481  1.00 30.20 ? 10  DA  A C6    1 
ATOM   178 N N6    . DA  A 1 9  ? 11.370  -3.947  -6.241  1.00 30.66 ? 10  DA  A N6    1 
ATOM   179 N N1    . DA  A 1 9  ? 13.105  -5.059  -7.274  1.00 22.98 ? 10  DA  A N1    1 
ATOM   180 C C2    . DA  A 1 9  ? 13.736  -6.207  -7.536  1.00 26.59 ? 10  DA  A C2    1 
ATOM   181 N N3    . DA  A 1 9  ? 13.453  -7.454  -7.124  1.00 31.82 ? 10  DA  A N3    1 
ATOM   182 C C4    . DA  A 1 9  ? 12.373  -7.464  -6.328  1.00 23.72 ? 10  DA  A C4    1 
ATOM   183 P P     . DG  A 1 10 ? 13.903  -13.660 -4.116  1.00 78.46 ? 11  DG  A P     1 
ATOM   184 O OP1   . DG  A 1 10 ? 14.348  -14.943 -4.714  1.00 74.66 ? 11  DG  A OP1   1 
ATOM   185 O OP2   . DG  A 1 10 ? 13.210  -13.682 -2.807  1.00 74.19 ? 11  DG  A OP2   1 
ATOM   186 O "O5'" . DG  A 1 10 ? 15.142  -12.655 -4.069  1.00 56.87 ? 11  DG  A "O5'" 1 
ATOM   187 C "C5'" . DG  A 1 10 ? 15.850  -12.365 -5.278  1.00 62.81 ? 11  DG  A "C5'" 1 
ATOM   188 C "C4'" . DG  A 1 10 ? 16.611  -11.064 -5.177  1.00 71.12 ? 11  DG  A "C4'" 1 
ATOM   189 O "O4'" . DG  A 1 10 ? 15.724  -9.917  -5.177  1.00 63.21 ? 11  DG  A "O4'" 1 
ATOM   190 C "C3'" . DG  A 1 10 ? 17.509  -10.903 -3.946  1.00 79.67 ? 11  DG  A "C3'" 1 
ATOM   191 O "O3'" . DG  A 1 10 ? 18.751  -10.294 -4.343  1.00 79.38 ? 11  DG  A "O3'" 1 
ATOM   192 C "C2'" . DG  A 1 10 ? 16.734  -9.906  -3.106  1.00 71.55 ? 11  DG  A "C2'" 1 
ATOM   193 C "C1'" . DG  A 1 10 ? 16.218  -9.019  -4.209  1.00 56.68 ? 11  DG  A "C1'" 1 
ATOM   194 N N9    . DG  A 1 10 ? 15.166  -8.090  -3.833  1.00 44.65 ? 11  DG  A N9    1 
ATOM   195 C C8    . DG  A 1 10 ? 14.011  -8.364  -3.145  1.00 42.97 ? 11  DG  A C8    1 
ATOM   196 N N7    . DG  A 1 10 ? 13.293  -7.297  -2.907  1.00 33.87 ? 11  DG  A N7    1 
ATOM   197 C C5    . DG  A 1 10 ? 14.017  -6.256  -3.477  1.00 29.56 ? 11  DG  A C5    1 
ATOM   198 C C6    . DG  A 1 10 ? 13.749  -4.849  -3.520  1.00 35.90 ? 11  DG  A C6    1 
ATOM   199 O O6    . DG  A 1 10 ? 12.810  -4.221  -3.010  1.00 44.36 ? 11  DG  A O6    1 
ATOM   200 N N1    . DG  A 1 10 ? 14.725  -4.164  -4.234  1.00 30.80 ? 11  DG  A N1    1 
ATOM   201 C C2    . DG  A 1 10 ? 15.827  -4.736  -4.815  1.00 33.86 ? 11  DG  A C2    1 
ATOM   202 N N2    . DG  A 1 10 ? 16.629  -3.894  -5.492  1.00 25.11 ? 11  DG  A N2    1 
ATOM   203 N N3    . DG  A 1 10 ? 16.112  -6.038  -4.750  1.00 27.39 ? 11  DG  A N3    1 
ATOM   204 C C4    . DG  A 1 10 ? 15.164  -6.732  -4.074  1.00 31.40 ? 11  DG  A C4    1 
ATOM   205 P P     . DA  A 1 11 ? 20.097  -10.595 -3.511  1.00 66.98 ? 12  DA  A P     1 
ATOM   206 O OP1   . DA  A 1 11 ? 20.361  -12.062 -3.616  1.00 39.46 ? 12  DA  A OP1   1 
ATOM   207 O OP2   . DA  A 1 11 ? 20.004  -9.949  -2.174  1.00 66.23 ? 12  DA  A OP2   1 
ATOM   208 O "O5'" . DA  A 1 11 ? 21.219  -9.794  -4.300  1.00 43.72 ? 12  DA  A "O5'" 1 
ATOM   209 C "C5'" . DA  A 1 11 ? 20.882  -8.988  -5.422  1.00 55.29 ? 12  DA  A "C5'" 1 
ATOM   210 C "C4'" . DA  A 1 11 ? 21.256  -7.549  -5.161  1.00 60.40 ? 12  DA  A "C4'" 1 
ATOM   211 O "O4'" . DA  A 1 11 ? 20.107  -6.750  -4.788  1.00 70.08 ? 12  DA  A "O4'" 1 
ATOM   212 C "C3'" . DA  A 1 11 ? 22.276  -7.376  -4.047  1.00 57.38 ? 12  DA  A "C3'" 1 
ATOM   213 O "O3'" . DA  A 1 11 ? 23.184  -6.352  -4.409  1.00 65.76 ? 12  DA  A "O3'" 1 
ATOM   214 C "C2'" . DA  A 1 11 ? 21.430  -6.921  -2.875  1.00 66.33 ? 12  DA  A "C2'" 1 
ATOM   215 C "C1'" . DA  A 1 11 ? 20.362  -6.087  -3.563  1.00 62.71 ? 12  DA  A "C1'" 1 
ATOM   216 N N9    . DA  A 1 11 ? 19.097  -6.002  -2.829  1.00 52.83 ? 12  DA  A N9    1 
ATOM   217 C C8    . DA  A 1 11 ? 18.386  -7.034  -2.266  1.00 47.48 ? 12  DA  A C8    1 
ATOM   218 N N7    . DA  A 1 11 ? 17.290  -6.653  -1.653  1.00 44.00 ? 12  DA  A N7    1 
ATOM   219 C C5    . DA  A 1 11 ? 17.274  -5.278  -1.824  1.00 44.60 ? 12  DA  A C5    1 
ATOM   220 C C6    . DA  A 1 11 ? 16.369  -4.280  -1.394  1.00 47.95 ? 12  DA  A C6    1 
ATOM   221 N N6    . DA  A 1 11 ? 15.281  -4.543  -0.661  1.00 42.88 ? 12  DA  A N6    1 
ATOM   222 N N1    . DA  A 1 11 ? 16.634  -2.994  -1.738  1.00 43.59 ? 12  DA  A N1    1 
ATOM   223 C C2    . DA  A 1 11 ? 17.743  -2.743  -2.458  1.00 48.13 ? 12  DA  A C2    1 
ATOM   224 N N3    . DA  A 1 11 ? 18.678  -3.599  -2.910  1.00 44.50 ? 12  DA  A N3    1 
ATOM   225 C C4    . DA  A 1 11 ? 18.377  -4.861  -2.555  1.00 42.63 ? 12  DA  A C4    1 
ATOM   226 P P     . DA  A 1 12 ? 24.642  -6.330  -3.759  1.00 75.42 ? 13  DA  A P     1 
ATOM   227 O OP1   . DA  A 1 12 ? 25.608  -6.513  -4.872  1.00 78.28 ? 13  DA  A OP1   1 
ATOM   228 O OP2   . DA  A 1 12 ? 24.646  -7.274  -2.605  1.00 56.67 ? 13  DA  A OP2   1 
ATOM   229 O "O5'" . DA  A 1 12 ? 24.763  -4.836  -3.235  1.00 60.53 ? 13  DA  A "O5'" 1 
ATOM   230 C "C5'" . DA  A 1 12 ? 24.276  -3.759  -4.028  1.00 61.67 ? 13  DA  A "C5'" 1 
ATOM   231 C "C4'" . DA  A 1 12 ? 23.783  -2.646  -3.137  1.00 72.74 ? 13  DA  A "C4'" 1 
ATOM   232 O "O4'" . DA  A 1 12 ? 22.458  -2.947  -2.615  1.00 79.74 ? 13  DA  A "O4'" 1 
ATOM   233 C "C3'" . DA  A 1 12 ? 24.683  -2.423  -1.918  1.00 66.28 ? 13  DA  A "C3'" 1 
ATOM   234 O "O3'" . DA  A 1 12 ? 24.884  -1.033  -1.675  1.00 59.33 ? 13  DA  A "O3'" 1 
ATOM   235 C "C2'" . DA  A 1 12 ? 23.888  -3.024  -0.774  1.00 60.72 ? 13  DA  A "C2'" 1 
ATOM   236 C "C1'" . DA  A 1 12 ? 22.465  -2.725  -1.211  1.00 58.51 ? 13  DA  A "C1'" 1 
ATOM   237 N N9    . DA  A 1 12 ? 21.445  -3.572  -0.591  1.00 43.07 ? 13  DA  A N9    1 
ATOM   238 C C8    . DA  A 1 12 ? 21.480  -4.931  -0.394  1.00 39.61 ? 13  DA  A C8    1 
ATOM   239 N N7    . DA  A 1 12 ? 20.424  -5.406  0.230   1.00 36.76 ? 13  DA  A N7    1 
ATOM   240 C C5    . DA  A 1 12 ? 19.636  -4.282  0.452   1.00 34.89 ? 13  DA  A C5    1 
ATOM   241 C C6    . DA  A 1 12 ? 18.372  -4.114  1.068   1.00 21.74 ? 13  DA  A C6    1 
ATOM   242 N N6    . DA  A 1 12 ? 17.675  -5.111  1.579   1.00 18.24 ? 13  DA  A N6    1 
ATOM   243 N N1    . DA  A 1 12 ? 17.852  -2.867  1.127   1.00 16.71 ? 13  DA  A N1    1 
ATOM   244 C C2    . DA  A 1 12 ? 18.564  -1.860  0.592   1.00 28.28 ? 13  DA  A C2    1 
ATOM   245 N N3    . DA  A 1 12 ? 19.763  -1.893  -0.018  1.00 35.28 ? 13  DA  A N3    1 
ATOM   246 C C4    . DA  A 1 12 ? 20.248  -3.147  -0.054  1.00 37.27 ? 13  DA  A C4    1 
ATOM   247 P P     . DG  A 1 13 ? 26.029  -0.581  -0.652  1.00 74.77 ? 14  DG  A P     1 
ATOM   248 O OP1   . DG  A 1 13 ? 27.007  0.259   -1.402  1.00 66.18 ? 14  DG  A OP1   1 
ATOM   249 O OP2   . DG  A 1 13 ? 26.481  -1.803  0.073   1.00 66.37 ? 14  DG  A OP2   1 
ATOM   250 O "O5'" . DG  A 1 13 ? 25.285  0.369   0.377   1.00 76.95 ? 14  DG  A "O5'" 1 
ATOM   251 C "C5'" . DG  A 1 13 ? 24.776  1.610   -0.068  1.00 67.84 ? 14  DG  A "C5'" 1 
ATOM   252 C "C4'" . DG  A 1 13 ? 23.753  2.138   0.905   1.00 52.22 ? 14  DG  A "C4'" 1 
ATOM   253 O "O4'" . DG  A 1 13 ? 22.684  1.172   1.102   1.00 50.56 ? 14  DG  A "O4'" 1 
ATOM   254 C "C3'" . DG  A 1 13 ? 24.282  2.484   2.296   1.00 41.95 ? 14  DG  A "C3'" 1 
ATOM   255 O "O3'" . DG  A 1 13 ? 23.623  3.678   2.709   1.00 66.53 ? 14  DG  A "O3'" 1 
ATOM   256 C "C2'" . DG  A 1 13 ? 23.761  1.342   3.153   1.00 48.29 ? 14  DG  A "C2'" 1 
ATOM   257 C "C1'" . DG  A 1 13 ? 22.413  1.083   2.487   1.00 27.72 ? 14  DG  A "C1'" 1 
ATOM   258 N N9    . DG  A 1 13 ? 21.767  -0.202  2.764   1.00 29.33 ? 14  DG  A N9    1 
ATOM   259 C C8    . DG  A 1 13 ? 22.232  -1.464  2.454   1.00 31.20 ? 14  DG  A C8    1 
ATOM   260 N N7    . DG  A 1 13 ? 21.450  -2.421  2.891   1.00 31.76 ? 14  DG  A N7    1 
ATOM   261 C C5    . DG  A 1 13 ? 20.396  -1.754  3.514   1.00 25.09 ? 14  DG  A C5    1 
ATOM   262 C C6    . DG  A 1 13 ? 19.236  -2.268  4.198   1.00 29.09 ? 14  DG  A C6    1 
ATOM   263 O O6    . DG  A 1 13 ? 18.907  -3.450  4.384   1.00 28.85 ? 14  DG  A O6    1 
ATOM   264 N N1    . DG  A 1 13 ? 18.432  -1.240  4.690   1.00 22.09 ? 14  DG  A N1    1 
ATOM   265 C C2    . DG  A 1 13 ? 18.694  0.104   4.543   1.00 37.80 ? 14  DG  A C2    1 
ATOM   266 N N2    . DG  A 1 13 ? 17.800  0.941   5.087   1.00 45.61 ? 14  DG  A N2    1 
ATOM   267 N N3    . DG  A 1 13 ? 19.759  0.592   3.912   1.00 31.06 ? 14  DG  A N3    1 
ATOM   268 C C4    . DG  A 1 13 ? 20.563  -0.386  3.431   1.00 27.53 ? 14  DG  A C4    1 
ATOM   269 P P     . DA  A 1 14 ? 23.907  5.052   1.930   1.00 83.49 ? 15  DA  A P     1 
ATOM   270 O OP1   . DA  A 1 14 ? 23.109  6.139   2.579   1.00 84.57 ? 15  DA  A OP1   1 
ATOM   271 O OP2   . DA  A 1 14 ? 23.756  4.788   0.481   1.00 77.35 ? 15  DA  A OP2   1 
ATOM   272 O "O5'" . DA  A 1 14 ? 25.450  5.299   2.197   1.00 86.20 ? 15  DA  A "O5'" 1 
ATOM   273 C "C5'" . DA  A 1 14 ? 25.993  5.081   3.489   1.00 90.01 ? 15  DA  A "C5'" 1 
ATOM   274 C "C4'" . DA  A 1 14 ? 27.497  5.160   3.432   1.00 72.84 ? 15  DA  A "C4'" 1 
ATOM   275 O "O4'" . DA  A 1 14 ? 27.865  6.461   2.908   1.00 66.14 ? 15  DA  A "O4'" 1 
ATOM   276 C "C3'" . DA  A 1 14 ? 28.150  5.053   4.806   1.00 65.68 ? 15  DA  A "C3'" 1 
ATOM   277 O "O3'" . DA  A 1 14 ? 29.462  4.512   4.689   1.00 94.58 ? 15  DA  A "O3'" 1 
ATOM   278 C "C2'" . DA  A 1 14 ? 28.312  6.503   5.205   1.00 61.14 ? 15  DA  A "C2'" 1 
ATOM   279 C "C1'" . DA  A 1 14 ? 28.613  7.171   3.872   1.00 42.88 ? 15  DA  A "C1'" 1 
ATOM   280 N N9    . DA  A 1 14 ? 28.188  8.566   3.863   1.00 32.83 ? 15  DA  A N9    1 
ATOM   281 C C8    . DA  A 1 14 ? 26.943  9.064   4.133   1.00 39.29 ? 15  DA  A C8    1 
ATOM   282 N N7    . DA  A 1 14 ? 26.909  10.370  4.240   1.00 38.24 ? 15  DA  A N7    1 
ATOM   283 C C5    . DA  A 1 14 ? 28.217  10.760  3.988   1.00 24.64 ? 15  DA  A C5    1 
ATOM   284 C C6    . DA  A 1 14 ? 28.865  12.025  4.013   1.00 29.54 ? 15  DA  A C6    1 
ATOM   285 N N6    . DA  A 1 14 ? 28.261  13.172  4.366   1.00 30.51 ? 15  DA  A N6    1 
ATOM   286 N N1    . DA  A 1 14 ? 30.181  12.063  3.689   1.00 31.33 ? 15  DA  A N1    1 
ATOM   287 C C2    . DA  A 1 14 ? 30.800  10.907  3.399   1.00 37.80 ? 15  DA  A C2    1 
ATOM   288 N N3    . DA  A 1 14 ? 30.309  9.662   3.381   1.00 37.22 ? 15  DA  A N3    1 
ATOM   289 C C4    . DA  A 1 14 ? 29.001  9.660   3.692   1.00 27.35 ? 15  DA  A C4    1 
ATOM   290 O "O5'" . DA  B 2 1  ? 17.576  -12.080 10.750  1.00 78.50 ? 16  DA  B "O5'" 1 
ATOM   291 C "C5'" . DA  B 2 1  ? 16.790  -12.430 11.896  1.00 69.82 ? 16  DA  B "C5'" 1 
ATOM   292 C "C4'" . DA  B 2 1  ? 16.344  -11.315 12.819  1.00 61.37 ? 16  DA  B "C4'" 1 
ATOM   293 O "O4'" . DA  B 2 1  ? 17.511  -10.583 13.268  1.00 46.18 ? 16  DA  B "O4'" 1 
ATOM   294 C "C3'" A DA  B 2 1  ? 15.288  -10.246 12.542  0.50 58.97 ? 16  DA  B "C3'" 1 
ATOM   295 C "C3'" B DA  B 2 1  ? 15.565  -10.355 11.905  0.50 59.24 ? 16  DA  B "C3'" 1 
ATOM   296 O "O3'" A DA  B 2 1  ? 14.541  -10.101 13.787  0.50 62.14 ? 16  DA  B "O3'" 1 
ATOM   297 O "O3'" B DA  B 2 1  ? 14.138  -10.306 11.977  0.50 58.72 ? 16  DA  B "O3'" 1 
ATOM   298 C "C2'" . DA  B 2 1  ? 16.114  -8.990  12.207  1.00 53.20 ? 16  DA  B "C2'" 1 
ATOM   299 C "C1'" . DA  B 2 1  ? 17.397  -9.196  12.980  1.00 27.94 ? 16  DA  B "C1'" 1 
ATOM   300 N N9    . DA  B 2 1  ? 18.461  -8.862  12.043  1.00 23.62 ? 16  DA  B N9    1 
ATOM   301 C C8    . DA  B 2 1  ? 19.211  -9.705  11.254  1.00 29.99 ? 16  DA  B C8    1 
ATOM   302 N N7    . DA  B 2 1  ? 20.026  -9.081  10.435  1.00 26.90 ? 16  DA  B N7    1 
ATOM   303 C C5    . DA  B 2 1  ? 19.810  -7.741  10.719  1.00 15.37 ? 16  DA  B C5    1 
ATOM   304 C C6    . DA  B 2 1  ? 20.356  -6.570  10.196  1.00 21.28 ? 16  DA  B C6    1 
ATOM   305 N N6    . DA  B 2 1  ? 21.274  -6.544  9.226   1.00 28.14 ? 16  DA  B N6    1 
ATOM   306 N N1    . DA  B 2 1  ? 19.924  -5.401  10.708  1.00 16.37 ? 16  DA  B N1    1 
ATOM   307 C C2    . DA  B 2 1  ? 19.010  -5.418  11.683  1.00 15.09 ? 16  DA  B C2    1 
ATOM   308 N N3    . DA  B 2 1  ? 18.422  -6.452  12.258  1.00 15.00 ? 16  DA  B N3    1 
ATOM   309 C C4    . DA  B 2 1  ? 18.866  -7.595  11.723  1.00 15.45 ? 16  DA  B C4    1 
ATOM   310 P P     A DT  B 2 2  ? 13.260  -9.133  13.844  0.50 64.75 ? 17  DT  B P     1 
ATOM   311 P P     B DT  B 2 2  ? 13.307  -9.812  10.667  0.50 61.38 ? 17  DT  B P     1 
ATOM   312 O OP1   A DT  B 2 2  ? 13.182  -8.370  15.116  0.50 66.56 ? 17  DT  B OP1   1 
ATOM   313 O OP1   B DT  B 2 2  ? 11.925  -10.354 10.747  0.50 54.50 ? 17  DT  B OP1   1 
ATOM   314 O OP2   A DT  B 2 2  ? 12.060  -9.864  13.376  0.50 62.43 ? 17  DT  B OP2   1 
ATOM   315 O OP2   B DT  B 2 2  ? 14.125  -10.082 9.450   0.50 52.23 ? 17  DT  B OP2   1 
ATOM   316 O "O5'" A DT  B 2 2  ? 13.704  -8.115  12.728  0.50 63.33 ? 17  DT  B "O5'" 1 
ATOM   317 O "O5'" B DT  B 2 2  ? 13.230  -8.226  10.816  0.50 54.33 ? 17  DT  B "O5'" 1 
ATOM   318 C "C5'" A DT  B 2 2  ? 12.786  -7.624  11.818  0.50 62.71 ? 17  DT  B "C5'" 1 
ATOM   319 C "C5'" B DT  B 2 2  ? 12.800  -7.642  12.047  0.50 59.70 ? 17  DT  B "C5'" 1 
ATOM   320 C "C4'" A DT  B 2 2  ? 12.774  -6.130  11.938  0.50 65.51 ? 17  DT  B "C4'" 1 
ATOM   321 C "C4'" B DT  B 2 2  ? 12.782  -6.131  11.957  0.50 64.00 ? 17  DT  B "C4'" 1 
ATOM   322 O "O4'" . DT  B 2 2  ? 14.114  -5.615  11.732  1.00 61.05 ? 17  DT  B "O4'" 1 
ATOM   323 C "C3'" . DT  B 2 2  ? 11.897  -5.508  10.878  1.00 66.72 ? 17  DT  B "C3'" 1 
ATOM   324 O "O3'" . DT  B 2 2  ? 11.209  -4.435  11.454  1.00 60.80 ? 17  DT  B "O3'" 1 
ATOM   325 C "C2'" . DT  B 2 2  ? 12.883  -5.044  9.821   1.00 63.98 ? 17  DT  B "C2'" 1 
ATOM   326 C "C1'" . DT  B 2 2  ? 14.118  -4.707  10.643  1.00 52.45 ? 17  DT  B "C1'" 1 
ATOM   327 N N1    . DT  B 2 2  ? 15.385  -4.892  9.920   1.00 30.63 ? 17  DT  B N1    1 
ATOM   328 C C2    . DT  B 2 2  ? 16.081  -3.776  9.504   1.00 29.69 ? 17  DT  B C2    1 
ATOM   329 O O2    . DT  B 2 2  ? 15.691  -2.640  9.678   1.00 33.68 ? 17  DT  B O2    1 
ATOM   330 N N3    . DT  B 2 2  ? 17.253  -4.048  8.847   1.00 24.72 ? 17  DT  B N3    1 
ATOM   331 C C4    . DT  B 2 2  ? 17.778  -5.297  8.551   1.00 34.13 ? 17  DT  B C4    1 
ATOM   332 O O4    . DT  B 2 2  ? 18.845  -5.401  7.941   1.00 32.30 ? 17  DT  B O4    1 
ATOM   333 C C5    . DT  B 2 2  ? 16.999  -6.411  8.998   1.00 33.63 ? 17  DT  B C5    1 
ATOM   334 C C7    . DT  B 2 2  ? 17.496  -7.787  8.695   1.00 24.90 ? 17  DT  B C7    1 
ATOM   335 C C6    . DT  B 2 2  ? 15.856  -6.163  9.664   1.00 35.95 ? 17  DT  B C6    1 
ATOM   336 P P     . DC  B 2 3  ? 10.143  -3.686  10.589  1.00 69.97 ? 18  DC  B P     1 
ATOM   337 O OP1   . DC  B 2 3  ? 9.222   -2.978  11.534  1.00 65.12 ? 18  DC  B OP1   1 
ATOM   338 O OP2   . DC  B 2 3  ? 9.631   -4.721  9.649   1.00 69.77 ? 18  DC  B OP2   1 
ATOM   339 O "O5'" . DC  B 2 3  ? 11.048  -2.641  9.814   1.00 36.38 ? 18  DC  B "O5'" 1 
ATOM   340 C "C5'" . DC  B 2 3  ? 11.577  -1.544  10.527  1.00 24.62 ? 18  DC  B "C5'" 1 
ATOM   341 C "C4'" . DC  B 2 3  ? 12.080  -0.503  9.565   1.00 41.70 ? 18  DC  B "C4'" 1 
ATOM   342 O "O4'" . DC  B 2 3  ? 13.303  -0.985  8.979   1.00 52.00 ? 18  DC  B "O4'" 1 
ATOM   343 C "C3'" . DC  B 2 3  ? 11.135  -0.187  8.410   1.00 36.76 ? 18  DC  B "C3'" 1 
ATOM   344 O "O3'" . DC  B 2 3  ? 11.106  1.229   8.222   1.00 43.77 ? 18  DC  B "O3'" 1 
ATOM   345 C "C2'" . DC  B 2 3  ? 11.777  -0.908  7.240   1.00 48.67 ? 18  DC  B "C2'" 1 
ATOM   346 C "C1'" . DC  B 2 3  ? 13.246  -0.846  7.588   1.00 39.78 ? 18  DC  B "C1'" 1 
ATOM   347 N N1    . DC  B 2 3  ? 14.068  -1.909  7.031   1.00 35.87 ? 18  DC  B N1    1 
ATOM   348 C C2    . DC  B 2 3  ? 15.228  -1.563  6.361   1.00 35.20 ? 18  DC  B C2    1 
ATOM   349 O O2    . DC  B 2 3  ? 15.505  -0.371  6.255   1.00 41.83 ? 18  DC  B O2    1 
ATOM   350 N N3    . DC  B 2 3  ? 16.018  -2.530  5.846   1.00 27.03 ? 18  DC  B N3    1 
ATOM   351 C C4    . DC  B 2 3  ? 15.670  -3.807  5.985   1.00 37.30 ? 18  DC  B C4    1 
ATOM   352 N N4    . DC  B 2 3  ? 16.474  -4.737  5.470   1.00 33.19 ? 18  DC  B N4    1 
ATOM   353 C C5    . DC  B 2 3  ? 14.479  -4.193  6.665   1.00 31.69 ? 18  DC  B C5    1 
ATOM   354 C C6    . DC  B 2 3  ? 13.713  -3.218  7.171   1.00 33.52 ? 18  DC  B C6    1 
ATOM   355 P P     . DT  B 2 4  ? 9.988   1.897   7.291   1.00 51.28 ? 19  DT  B P     1 
ATOM   356 O OP1   . DT  B 2 4  ? 9.605   3.186   7.930   1.00 49.27 ? 19  DT  B OP1   1 
ATOM   357 O OP2   . DT  B 2 4  ? 8.943   0.902   6.921   1.00 31.31 ? 19  DT  B OP2   1 
ATOM   358 O "O5'" . DT  B 2 4  ? 10.817  2.237   5.986   1.00 56.51 ? 19  DT  B "O5'" 1 
ATOM   359 C "C5'" . DT  B 2 4  ? 12.109  2.779   6.138   1.00 59.43 ? 19  DT  B "C5'" 1 
ATOM   360 C "C4'" . DT  B 2 4  ? 12.768  2.993   4.799   1.00 60.25 ? 19  DT  B "C4'" 1 
ATOM   361 O "O4'" . DT  B 2 4  ? 13.607  1.873   4.489   1.00 47.77 ? 19  DT  B "O4'" 1 
ATOM   362 C "C3'" . DT  B 2 4  ? 11.870  3.237   3.586   1.00 58.22 ? 19  DT  B "C3'" 1 
ATOM   363 O "O3'" . DT  B 2 4  ? 12.270  4.463   2.963   1.00 51.33 ? 19  DT  B "O3'" 1 
ATOM   364 C "C2'" . DT  B 2 4  ? 12.146  2.034   2.693   1.00 57.24 ? 19  DT  B "C2'" 1 
ATOM   365 C "C1'" . DT  B 2 4  ? 13.549  1.625   3.110   1.00 49.55 ? 19  DT  B "C1'" 1 
ATOM   366 N N1    . DT  B 2 4  ? 13.915  0.215   2.926   1.00 33.88 ? 19  DT  B N1    1 
ATOM   367 C C2    . DT  B 2 4  ? 15.075  -0.072  2.242   1.00 25.52 ? 19  DT  B C2    1 
ATOM   368 O O2    . DT  B 2 4  ? 15.816  0.788   1.792   1.00 27.91 ? 19  DT  B O2    1 
ATOM   369 N N3    . DT  B 2 4  ? 15.348  -1.405  2.120   1.00 19.16 ? 19  DT  B N3    1 
ATOM   370 C C4    . DT  B 2 4  ? 14.607  -2.448  2.615   1.00 22.52 ? 19  DT  B C4    1 
ATOM   371 O O4    . DT  B 2 4  ? 14.969  -3.598  2.409   1.00 32.10 ? 19  DT  B O4    1 
ATOM   372 C C5    . DT  B 2 4  ? 13.426  -2.072  3.349   1.00 15.57 ? 19  DT  B C5    1 
ATOM   373 C C7    . DT  B 2 4  ? 12.596  -3.138  3.981   1.00 16.38 ? 19  DT  B C7    1 
ATOM   374 C C6    . DT  B 2 4  ? 13.131  -0.780  3.447   1.00 15.41 ? 19  DT  B C6    1 
ATOM   375 P P     . DT  B 2 5  ? 11.381  5.097   1.789   1.00 54.30 ? 20  DT  B P     1 
ATOM   376 O OP1   . DT  B 2 5  ? 11.135  6.525   2.086   1.00 42.82 ? 20  DT  B OP1   1 
ATOM   377 O OP2   . DT  B 2 5  ? 10.231  4.212   1.490   1.00 53.27 ? 20  DT  B OP2   1 
ATOM   378 O "O5'" . DT  B 2 5  ? 12.418  5.015   0.595   1.00 65.70 ? 20  DT  B "O5'" 1 
ATOM   379 C "C5'" . DT  B 2 5  ? 13.794  5.208   0.874   1.00 67.58 ? 20  DT  B "C5'" 1 
ATOM   380 C "C4'" . DT  B 2 5  ? 14.659  4.603   -0.204  1.00 58.89 ? 20  DT  B "C4'" 1 
ATOM   381 O "O4'" . DT  B 2 5  ? 14.844  3.182   -0.002  1.00 54.84 ? 20  DT  B "O4'" 1 
ATOM   382 C "C3'" . DT  B 2 5  ? 14.177  4.785   -1.642  1.00 51.95 ? 20  DT  B "C3'" 1 
ATOM   383 O "O3'" . DT  B 2 5  ? 15.222  5.380   -2.419  1.00 71.16 ? 20  DT  B "O3'" 1 
ATOM   384 C "C2'" . DT  B 2 5  ? 13.869  3.365   -2.100  1.00 34.11 ? 20  DT  B "C2'" 1 
ATOM   385 C "C1'" . DT  B 2 5  ? 14.821  2.534   -1.261  1.00 37.53 ? 20  DT  B "C1'" 1 
ATOM   386 N N1    . DT  B 2 5  ? 14.420  1.127   -1.039  1.00 30.00 ? 20  DT  B N1    1 
ATOM   387 C C2    . DT  B 2 5  ? 15.339  0.111   -1.279  1.00 35.33 ? 20  DT  B C2    1 
ATOM   388 O O2    . DT  B 2 5  ? 16.474  0.303   -1.666  1.00 45.60 ? 20  DT  B O2    1 
ATOM   389 N N3    . DT  B 2 5  ? 14.873  -1.153  -1.035  1.00 21.52 ? 20  DT  B N3    1 
ATOM   390 C C4    . DT  B 2 5  ? 13.616  -1.503  -0.580  1.00 28.34 ? 20  DT  B C4    1 
ATOM   391 O O4    . DT  B 2 5  ? 13.337  -2.681  -0.397  1.00 29.15 ? 20  DT  B O4    1 
ATOM   392 C C5    . DT  B 2 5  ? 12.710  -0.400  -0.351  1.00 26.49 ? 20  DT  B C5    1 
ATOM   393 C C7    . DT  B 2 5  ? 11.330  -0.698  0.137   1.00 31.75 ? 20  DT  B C7    1 
ATOM   394 C C6    . DT  B 2 5  ? 13.148  0.845   -0.590  1.00 15.82 ? 20  DT  B C6    1 
ATOM   395 P P     . DC  B 2 6  ? 14.933  5.851   -3.933  1.00 94.71 ? 21  DC  B P     1 
ATOM   396 O OP1   . DC  B 2 6  ? 15.766  7.057   -4.196  1.00 94.92 ? 21  DC  B OP1   1 
ATOM   397 O OP2   . DC  B 2 6  ? 13.460  5.918   -4.189  1.00 90.32 ? 21  DC  B OP2   1 
ATOM   398 O "O5'" . DC  B 2 6  ? 15.559  4.643   -4.756  1.00 85.54 ? 21  DC  B "O5'" 1 
ATOM   399 C "C5'" . DC  B 2 6  ? 16.894  4.231   -4.502  1.00 74.11 ? 21  DC  B "C5'" 1 
ATOM   400 C "C4'" . DC  B 2 6  ? 17.307  3.179   -5.502  1.00 80.02 ? 21  DC  B "C4'" 1 
ATOM   401 O "O4'" . DC  B 2 6  ? 16.932  1.866   -5.018  1.00 70.82 ? 21  DC  B "O4'" 1 
ATOM   402 C "C3'" . DC  B 2 6  ? 16.649  3.357   -6.873  1.00 82.95 ? 21  DC  B "C3'" 1 
ATOM   403 O "O3'" . DC  B 2 6  ? 17.578  3.136   -7.942  1.00 93.84 ? 21  DC  B "O3'" 1 
ATOM   404 C "C2'" . DC  B 2 6  ? 15.566  2.297   -6.877  1.00 83.70 ? 21  DC  B "C2'" 1 
ATOM   405 C "C1'" . DC  B 2 6  ? 16.134  1.203   -5.983  1.00 56.12 ? 21  DC  B "C1'" 1 
ATOM   406 N N1    . DC  B 2 6  ? 15.076  0.451   -5.276  1.00 46.44 ? 21  DC  B N1    1 
ATOM   407 C C2    . DC  B 2 6  ? 15.255  -0.923  -5.042  1.00 43.68 ? 21  DC  B C2    1 
ATOM   408 O O2    . DC  B 2 6  ? 16.335  -1.448  -5.353  1.00 33.46 ? 21  DC  B O2    1 
ATOM   409 N N3    . DC  B 2 6  ? 14.244  -1.634  -4.473  1.00 32.36 ? 21  DC  B N3    1 
ATOM   410 C C4    . DC  B 2 6  ? 13.108  -1.019  -4.123  1.00 40.01 ? 21  DC  B C4    1 
ATOM   411 N N4    . DC  B 2 6  ? 12.127  -1.761  -3.595  1.00 45.83 ? 21  DC  B N4    1 
ATOM   412 C C5    . DC  B 2 6  ? 12.921  0.386   -4.309  1.00 41.30 ? 21  DC  B C5    1 
ATOM   413 C C6    . DC  B 2 6  ? 13.919  1.075   -4.881  1.00 40.33 ? 21  DC  B C6    1 
ATOM   414 P P     . DT  B 2 7  ? 17.110  3.320   -9.478  1.00 92.41 ? 22  DT  B P     1 
ATOM   415 O OP1   . DT  B 2 7  ? 17.716  4.574   -9.987  1.00 64.63 ? 22  DT  B OP1   1 
ATOM   416 O OP2   . DT  B 2 7  ? 15.639  3.140   -9.589  1.00 84.36 ? 22  DT  B OP2   1 
ATOM   417 O "O5'" . DT  B 2 7  ? 17.816  2.071   -10.175 1.00 81.24 ? 22  DT  B "O5'" 1 
ATOM   418 C "C5'" . DT  B 2 7  ? 18.934  1.441   -9.541  1.00 81.46 ? 22  DT  B "C5'" 1 
ATOM   419 C "C4'" . DT  B 2 7  ? 18.876  -0.060  -9.715  1.00 85.75 ? 22  DT  B "C4'" 1 
ATOM   420 O "O4'" . DT  B 2 7  ? 17.847  -0.658  -8.887  1.00 86.13 ? 22  DT  B "O4'" 1 
ATOM   421 C "C3'" . DT  B 2 7  ? 18.593  -0.529  -11.141 1.00 91.95 ? 22  DT  B "C3'" 1 
ATOM   422 O "O3'" . DT  B 2 7  ? 19.419  -1.650  -11.450 1.00 94.64 ? 22  DT  B "O3'" 1 
ATOM   423 C "C2'" . DT  B 2 7  ? 17.142  -0.968  -11.089 1.00 88.83 ? 22  DT  B "C2'" 1 
ATOM   424 C "C1'" . DT  B 2 7  ? 17.044  -1.527  -9.681  1.00 69.69 ? 22  DT  B "C1'" 1 
ATOM   425 N N1    . DT  B 2 7  ? 15.670  -1.529  -9.126  1.00 50.56 ? 22  DT  B N1    1 
ATOM   426 C C2    . DT  B 2 7  ? 15.113  -2.730  -8.696  1.00 46.34 ? 22  DT  B C2    1 
ATOM   427 O O2    . DT  B 2 7  ? 15.701  -3.802  -8.732  1.00 39.18 ? 22  DT  B O2    1 
ATOM   428 N N3    . DT  B 2 7  ? 13.834  -2.622  -8.210  1.00 40.77 ? 22  DT  B N3    1 
ATOM   429 C C4    . DT  B 2 7  ? 13.074  -1.466  -8.103  1.00 43.54 ? 22  DT  B C4    1 
ATOM   430 O O4    . DT  B 2 7  ? 11.934  -1.524  -7.636  1.00 48.39 ? 22  DT  B O4    1 
ATOM   431 C C5    . DT  B 2 7  ? 13.723  -0.250  -8.569  1.00 33.19 ? 22  DT  B C5    1 
ATOM   432 C C7    . DT  B 2 7  ? 12.981  1.046   -8.501  1.00 25.47 ? 22  DT  B C7    1 
ATOM   433 C C6    . DT  B 2 7  ? 14.968  -0.344  -9.048  1.00 38.23 ? 22  DT  B C6    1 
ATOM   434 P P     . DC  B 2 8  ? 19.713  -2.011  -12.985 1.00 86.86 ? 23  DC  B P     1 
ATOM   435 O OP1   . DC  B 2 8  ? 21.042  -2.673  -13.054 1.00 88.93 ? 23  DC  B OP1   1 
ATOM   436 O OP2   . DC  B 2 8  ? 19.438  -0.797  -13.807 1.00 76.77 ? 23  DC  B OP2   1 
ATOM   437 O "O5'" . DC  B 2 8  ? 18.637  -3.129  -13.307 1.00 69.72 ? 23  DC  B "O5'" 1 
ATOM   438 C "C5'" . DC  B 2 8  ? 18.809  -4.447  -12.794 1.00 67.45 ? 23  DC  B "C5'" 1 
ATOM   439 C "C4'" . DC  B 2 8  ? 17.669  -5.328  -13.248 1.00 77.70 ? 23  DC  B "C4'" 1 
ATOM   440 O "O4'" . DC  B 2 8  ? 16.450  -4.976  -12.538 1.00 66.88 ? 23  DC  B "O4'" 1 
ATOM   441 C "C3'" . DC  B 2 8  ? 17.368  -5.172  -14.739 1.00 83.26 ? 23  DC  B "C3'" 1 
ATOM   442 O "O3'" . DC  B 2 8  ? 17.007  -6.435  -15.312 1.00 75.95 ? 23  DC  B "O3'" 1 
ATOM   443 C "C2'" . DC  B 2 8  ? 16.202  -4.199  -14.747 1.00 82.96 ? 23  DC  B "C2'" 1 
ATOM   444 C "C1'" . DC  B 2 8  ? 15.467  -4.547  -13.456 1.00 68.56 ? 23  DC  B "C1'" 1 
ATOM   445 N N1    . DC  B 2 8  ? 14.723  -3.437  -12.843 1.00 49.01 ? 23  DC  B N1    1 
ATOM   446 C C2    . DC  B 2 8  ? 13.716  -3.753  -11.936 1.00 43.60 ? 23  DC  B C2    1 
ATOM   447 O O2    . DC  B 2 8  ? 13.562  -4.943  -11.629 1.00 28.55 ? 23  DC  B O2    1 
ATOM   448 N N3    . DC  B 2 8  ? 12.944  -2.758  -11.419 1.00 46.93 ? 23  DC  B N3    1 
ATOM   449 C C4    . DC  B 2 8  ? 13.173  -1.484  -11.775 1.00 52.80 ? 23  DC  B C4    1 
ATOM   450 N N4    . DC  B 2 8  ? 12.371  -0.532  -11.276 1.00 44.62 ? 23  DC  B N4    1 
ATOM   451 C C5    . DC  B 2 8  ? 14.235  -1.130  -12.670 1.00 45.71 ? 23  DC  B C5    1 
ATOM   452 C C6    . DC  B 2 8  ? 14.980  -2.130  -13.171 1.00 45.64 ? 23  DC  B C6    1 
ATOM   453 P P     . DA  B 2 9  ? 17.980  -7.142  -16.381 1.00 64.65 ? 24  DA  B P     1 
ATOM   454 O OP1   . DA  B 2 9  ? 19.293  -7.376  -15.726 1.00 54.70 ? 24  DA  B OP1   1 
ATOM   455 O OP2   . DA  B 2 9  ? 17.916  -6.358  -17.646 1.00 53.09 ? 24  DA  B OP2   1 
ATOM   456 O "O5'" . DA  B 2 9  ? 17.309  -8.575  -16.578 1.00 43.92 ? 24  DA  B "O5'" 1 
ATOM   457 C "C5'" . DA  B 2 9  ? 17.453  -9.571  -15.566 1.00 38.23 ? 24  DA  B "C5'" 1 
ATOM   458 C "C4'" . DA  B 2 9  ? 16.116  -10.189 -15.219 1.00 51.30 ? 24  DA  B "C4'" 1 
ATOM   459 O "O4'" . DA  B 2 9  ? 15.217  -9.206  -14.639 1.00 61.51 ? 24  DA  B "O4'" 1 
ATOM   460 C "C3'" . DA  B 2 9  ? 15.351  -10.848 -16.361 1.00 37.89 ? 24  DA  B "C3'" 1 
ATOM   461 O "O3'" . DA  B 2 9  ? 14.821  -12.083 -15.871 1.00 52.43 ? 24  DA  B "O3'" 1 
ATOM   462 C "C2'" . DA  B 2 9  ? 14.256  -9.839  -16.687 1.00 53.74 ? 24  DA  B "C2'" 1 
ATOM   463 C "C1'" . DA  B 2 9  ? 13.986  -9.147  -15.350 1.00 44.76 ? 24  DA  B "C1'" 1 
ATOM   464 N N9    . DA  B 2 9  ? 13.586  -7.728  -15.418 1.00 42.65 ? 24  DA  B N9    1 
ATOM   465 C C8    . DA  B 2 9  ? 14.187  -6.724  -16.146 1.00 45.05 ? 24  DA  B C8    1 
ATOM   466 N N7    . DA  B 2 9  ? 13.659  -5.533  -15.959 1.00 26.29 ? 24  DA  B N7    1 
ATOM   467 C C5    . DA  B 2 9  ? 12.635  -5.763  -15.054 1.00 37.01 ? 24  DA  B C5    1 
ATOM   468 C C6    . DA  B 2 9  ? 11.704  -4.894  -14.426 1.00 34.25 ? 24  DA  B C6    1 
ATOM   469 N N6    . DA  B 2 9  ? 11.670  -3.563  -14.605 1.00 16.41 ? 24  DA  B N6    1 
ATOM   470 N N1    . DA  B 2 9  ? 10.803  -5.448  -13.592 1.00 31.90 ? 24  DA  B N1    1 
ATOM   471 C C2    . DA  B 2 9  ? 10.846  -6.771  -13.394 1.00 41.48 ? 24  DA  B C2    1 
ATOM   472 N N3    . DA  B 2 9  ? 11.677  -7.688  -13.905 1.00 36.95 ? 24  DA  B N3    1 
ATOM   473 C C4    . DA  B 2 9  ? 12.559  -7.115  -14.733 1.00 38.72 ? 24  DA  B C4    1 
ATOM   474 P P     . DA  B 2 10 ? 13.950  -13.014 -16.838 1.00 77.09 ? 25  DA  B P     1 
ATOM   475 O OP1   . DA  B 2 10 ? 13.959  -14.419 -16.318 1.00 57.93 ? 25  DA  B OP1   1 
ATOM   476 O OP2   . DA  B 2 10 ? 14.381  -12.727 -18.228 1.00 76.21 ? 25  DA  B OP2   1 
ATOM   477 O "O5'" . DA  B 2 10 ? 12.480  -12.446 -16.668 1.00 73.64 ? 25  DA  B "O5'" 1 
ATOM   478 C "C5'" . DA  B 2 10 ? 11.775  -12.635 -15.455 1.00 74.49 ? 25  DA  B "C5'" 1 
ATOM   479 C "C4'" . DA  B 2 10 ? 10.387  -12.073 -15.599 1.00 49.51 ? 25  DA  B "C4'" 1 
ATOM   480 O "O4'" . DA  B 2 10 ? 10.429  -10.620 -15.542 1.00 53.18 ? 25  DA  B "O4'" 1 
ATOM   481 C "C3'" . DA  B 2 10 ? 9.793   -12.429 -16.965 1.00 47.41 ? 25  DA  B "C3'" 1 
ATOM   482 O "O3'" . DA  B 2 10 ? 8.393   -12.691 -16.842 1.00 54.34 ? 25  DA  B "O3'" 1 
ATOM   483 C "C2'" . DA  B 2 10 ? 9.967   -11.141 -17.751 1.00 43.11 ? 25  DA  B "C2'" 1 
ATOM   484 C "C1'" . DA  B 2 10 ? 9.707   -10.129 -16.655 1.00 43.66 ? 25  DA  B "C1'" 1 
ATOM   485 N N9    . DA  B 2 10 ? 10.110  -8.747  -16.935 1.00 42.97 ? 25  DA  B N9    1 
ATOM   486 C C8    . DA  B 2 10 ? 11.191  -8.288  -17.643 1.00 32.30 ? 25  DA  B C8    1 
ATOM   487 N N7    . DA  B 2 10 ? 11.221  -6.979  -17.766 1.00 37.44 ? 25  DA  B N7    1 
ATOM   488 C C5    . DA  B 2 10 ? 10.092  -6.546  -17.080 1.00 34.91 ? 25  DA  B C5    1 
ATOM   489 C C6    . DA  B 2 10 ? 9.543   -5.254  -16.843 1.00 32.08 ? 25  DA  B C6    1 
ATOM   490 N N6    . DA  B 2 10 ? 10.068  -4.111  -17.290 1.00 28.40 ? 25  DA  B N6    1 
ATOM   491 N N1    . DA  B 2 10 ? 8.415   -5.182  -16.118 1.00 31.21 ? 25  DA  B N1    1 
ATOM   492 C C2    . DA  B 2 10 ? 7.878   -6.315  -15.663 1.00 43.15 ? 25  DA  B C2    1 
ATOM   493 N N3    . DA  B 2 10 ? 8.287   -7.575  -15.818 1.00 39.55 ? 25  DA  B N3    1 
ATOM   494 C C4    . DA  B 2 10 ? 9.411   -7.623  -16.547 1.00 41.82 ? 25  DA  B C4    1 
ATOM   495 P P     . DA  B 2 11 ? 7.880   -14.171 -16.506 1.00 66.16 ? 26  DA  B P     1 
ATOM   496 O OP1   . DA  B 2 11 ? 8.827   -14.708 -15.492 1.00 70.50 ? 26  DA  B OP1   1 
ATOM   497 O OP2   . DA  B 2 11 ? 7.640   -14.925 -17.758 1.00 80.30 ? 26  DA  B OP2   1 
ATOM   498 O "O5'" . DA  B 2 11 ? 6.482   -13.879 -15.812 1.00 70.48 ? 26  DA  B "O5'" 1 
ATOM   499 C "C5'" . DA  B 2 11 ? 6.448   -13.477 -14.448 1.00 79.93 ? 26  DA  B "C5'" 1 
ATOM   500 C "C4'" . DA  B 2 11 ? 5.312   -12.514 -14.200 1.00 74.01 ? 26  DA  B "C4'" 1 
ATOM   501 O "O4'" . DA  B 2 11 ? 5.593   -11.191 -14.713 1.00 67.91 ? 26  DA  B "O4'" 1 
ATOM   502 C "C3'" . DA  B 2 11 ? 3.984   -12.926 -14.812 1.00 60.80 ? 26  DA  B "C3'" 1 
ATOM   503 O "O3'" . DA  B 2 11 ? 2.956   -12.579 -13.885 1.00 59.02 ? 26  DA  B "O3'" 1 
ATOM   504 C "C2'" . DA  B 2 11 ? 3.931   -12.097 -16.085 1.00 49.88 ? 26  DA  B "C2'" 1 
ATOM   505 C "C1'" . DA  B 2 11 ? 4.605   -10.811 -15.660 1.00 33.37 ? 26  DA  B "C1'" 1 
ATOM   506 N N9    . DA  B 2 11 ? 5.302   -10.096 -16.722 1.00 36.83 ? 26  DA  B N9    1 
ATOM   507 C C8    . DA  B 2 11 ? 6.184   -10.603 -17.636 1.00 35.77 ? 26  DA  B C8    1 
ATOM   508 N N7    . DA  B 2 11 ? 6.740   -9.688  -18.397 1.00 35.72 ? 26  DA  B N7    1 
ATOM   509 C C5    . DA  B 2 11 ? 6.158   -8.503  -17.975 1.00 27.86 ? 26  DA  B C5    1 
ATOM   510 C C6    . DA  B 2 11 ? 6.333   -7.160  -18.376 1.00 37.03 ? 26  DA  B C6    1 
ATOM   511 N N6    . DA  B 2 11 ? 7.169   -6.774  -19.331 1.00 39.42 ? 26  DA  B N6    1 
ATOM   512 N N1    . DA  B 2 11 ? 5.608   -6.217  -17.744 1.00 37.26 ? 26  DA  B N1    1 
ATOM   513 C C2    . DA  B 2 11 ? 4.771   -6.602  -16.775 1.00 51.04 ? 26  DA  B C2    1 
ATOM   514 N N3    . DA  B 2 11 ? 4.519   -7.829  -16.307 1.00 45.02 ? 26  DA  B N3    1 
ATOM   515 C C4    . DA  B 2 11 ? 5.253   -8.743  -16.959 1.00 32.27 ? 26  DA  B C4    1 
ATOM   516 P P     . DA  B 2 12 ? 1.428   -12.670 -14.330 1.00 64.01 ? 27  DA  B P     1 
ATOM   517 O OP1   . DA  B 2 12 ? 0.607   -12.640 -13.100 1.00 75.03 ? 27  DA  B OP1   1 
ATOM   518 O OP2   . DA  B 2 12 ? 1.258   -13.772 -15.297 1.00 71.59 ? 27  DA  B OP2   1 
ATOM   519 O "O5'" . DA  B 2 12 ? 1.223   -11.301 -15.093 1.00 64.65 ? 27  DA  B "O5'" 1 
ATOM   520 C "C5'" . DA  B 2 12 ? 1.206   -10.086 -14.370 1.00 61.73 ? 27  DA  B "C5'" 1 
ATOM   521 C "C4'" . DA  B 2 12 ? 0.242   -9.150  -15.039 1.00 63.57 ? 27  DA  B "C4'" 1 
ATOM   522 O "O4'" . DA  B 2 12 ? 0.896   -8.524  -16.155 1.00 46.51 ? 27  DA  B "O4'" 1 
ATOM   523 C "C3'" . DA  B 2 12 ? -0.917  -9.936  -15.631 1.00 60.91 ? 27  DA  B "C3'" 1 
ATOM   524 O "O3'" . DA  B 2 12 ? -2.078  -9.120  -15.625 1.00 73.30 ? 27  DA  B "O3'" 1 
ATOM   525 C "C2'" . DA  B 2 12 ? -0.440  -10.245 -17.037 1.00 49.43 ? 27  DA  B "C2'" 1 
ATOM   526 C "C1'" . DA  B 2 12 ? 0.361   -9.000  -17.377 1.00 49.12 ? 27  DA  B "C1'" 1 
ATOM   527 N N9    . DA  B 2 12 ? 1.496   -9.205  -18.270 1.00 40.64 ? 27  DA  B N9    1 
ATOM   528 C C8    . DA  B 2 12 ? 2.175   -10.358 -18.550 1.00 29.11 ? 27  DA  B C8    1 
ATOM   529 N N7    . DA  B 2 12 ? 3.202   -10.180 -19.342 1.00 33.96 ? 27  DA  B N7    1 
ATOM   530 C C5    . DA  B 2 12 ? 3.189   -8.819  -19.612 1.00 24.26 ? 27  DA  B C5    1 
ATOM   531 C C6    . DA  B 2 12 ? 4.035   -7.988  -20.380 1.00 36.05 ? 27  DA  B C6    1 
ATOM   532 N N6    . DA  B 2 12 ? 5.104   -8.430  -21.047 1.00 43.00 ? 27  DA  B N6    1 
ATOM   533 N N1    . DA  B 2 12 ? 3.742   -6.669  -20.435 1.00 37.49 ? 27  DA  B N1    1 
ATOM   534 C C2    . DA  B 2 12 ? 2.674   -6.228  -19.768 1.00 44.17 ? 27  DA  B C2    1 
ATOM   535 N N3    . DA  B 2 12 ? 1.808   -6.908  -19.015 1.00 45.41 ? 27  DA  B N3    1 
ATOM   536 C C4    . DA  B 2 12 ? 2.131   -8.211  -18.975 1.00 31.51 ? 27  DA  B C4    1 
ATOM   537 P P     . DA  B 2 13 ? -3.440  -9.703  -16.205 1.00 78.79 ? 28  DA  B P     1 
ATOM   538 O OP1   . DA  B 2 13 ? -4.480  -9.235  -15.252 1.00 78.72 ? 28  DA  B OP1   1 
ATOM   539 O OP2   . DA  B 2 13 ? -3.292  -11.164 -16.493 1.00 59.32 ? 28  DA  B OP2   1 
ATOM   540 O "O5'" . DA  B 2 13 ? -3.577  -8.913  -17.578 1.00 64.24 ? 28  DA  B "O5'" 1 
ATOM   541 C "C5'" . DA  B 2 13 ? -3.749  -7.503  -17.563 1.00 68.39 ? 28  DA  B "C5'" 1 
ATOM   542 C "C4'" . DA  B 2 13 ? -3.736  -6.948  -18.965 1.00 67.68 ? 28  DA  B "C4'" 1 
ATOM   543 O "O4'" . DA  B 2 13 ? -2.378  -6.859  -19.472 1.00 64.27 ? 28  DA  B "O4'" 1 
ATOM   544 C "C3'" . DA  B 2 13 ? -4.515  -7.811  -19.955 1.00 62.06 ? 28  DA  B "C3'" 1 
ATOM   545 O "O3'" . DA  B 2 13 ? -5.317  -7.014  -20.817 1.00 61.80 ? 28  DA  B "O3'" 1 
ATOM   546 C "C2'" . DA  B 2 13 ? -3.425  -8.453  -20.779 1.00 67.15 ? 28  DA  B "C2'" 1 
ATOM   547 C "C1'" . DA  B 2 13 ? -2.380  -7.361  -20.784 1.00 58.51 ? 28  DA  B "C1'" 1 
ATOM   548 N N9    . DA  B 2 13 ? -1.054  -7.870  -21.117 1.00 40.53 ? 28  DA  B N9    1 
ATOM   549 C C8    . DA  B 2 13 ? -0.578  -9.130  -20.892 1.00 33.40 ? 28  DA  B C8    1 
ATOM   550 N N7    . DA  B 2 13 ? 0.557   -9.379  -21.494 1.00 42.90 ? 28  DA  B N7    1 
ATOM   551 C C5    . DA  B 2 13 ? 0.870   -8.185  -22.115 1.00 33.79 ? 28  DA  B C5    1 
ATOM   552 C C6    . DA  B 2 13 ? 1.928   -7.810  -22.949 1.00 45.59 ? 28  DA  B C6    1 
ATOM   553 N N6    . DA  B 2 13 ? 2.879   -8.651  -23.355 1.00 59.72 ? 28  DA  B N6    1 
ATOM   554 N N1    . DA  B 2 13 ? 1.967   -6.530  -23.379 1.00 42.61 ? 28  DA  B N1    1 
ATOM   555 C C2    . DA  B 2 13 ? 0.989   -5.705  -23.000 1.00 38.11 ? 28  DA  B C2    1 
ATOM   556 N N3    . DA  B 2 13 ? -0.076  -5.953  -22.241 1.00 31.50 ? 28  DA  B N3    1 
ATOM   557 C C4    . DA  B 2 13 ? -0.080  -7.227  -21.834 1.00 29.27 ? 28  DA  B C4    1 
ATOM   558 P P     . DC  B 2 14 ? -6.206  -7.735  -21.948 1.00 63.46 ? 29  DC  B P     1 
ATOM   559 O OP1   . DC  B 2 14 ? -7.621  -7.352  -21.742 1.00 70.09 ? 29  DC  B OP1   1 
ATOM   560 O OP2   . DC  B 2 14 ? -5.838  -9.172  -21.958 1.00 62.31 ? 29  DC  B OP2   1 
ATOM   561 O "O5'" . DC  B 2 14 ? -5.712  -7.062  -23.307 1.00 44.32 ? 29  DC  B "O5'" 1 
ATOM   562 C "C5'" . DC  B 2 14 ? -5.675  -5.642  -23.432 1.00 43.49 ? 29  DC  B "C5'" 1 
ATOM   563 C "C4'" . DC  B 2 14 ? -4.893  -5.236  -24.658 1.00 62.74 ? 29  DC  B "C4'" 1 
ATOM   564 O "O4'" . DC  B 2 14 ? -3.549  -5.771  -24.548 1.00 66.11 ? 29  DC  B "O4'" 1 
ATOM   565 C "C3'" . DC  B 2 14 ? -5.451  -5.770  -25.976 1.00 74.05 ? 29  DC  B "C3'" 1 
ATOM   566 O "O3'" . DC  B 2 14 ? -5.144  -4.873  -27.045 1.00 85.77 ? 29  DC  B "O3'" 1 
ATOM   567 C "C2'" . DC  B 2 14 ? -4.619  -7.016  -26.213 1.00 76.23 ? 29  DC  B "C2'" 1 
ATOM   568 C "C1'" . DC  B 2 14 ? -3.266  -6.603  -25.656 1.00 63.79 ? 29  DC  B "C1'" 1 
ATOM   569 N N1    . DC  B 2 14 ? -2.437  -7.723  -25.186 1.00 56.57 ? 29  DC  B N1    1 
ATOM   570 C C2    . DC  B 2 14 ? -1.054  -7.701  -25.446 1.00 54.19 ? 29  DC  B C2    1 
ATOM   571 O O2    . DC  B 2 14 ? -0.558  -6.706  -25.998 1.00 41.21 ? 29  DC  B O2    1 
ATOM   572 N N3    . DC  B 2 14 ? -0.294  -8.758  -25.073 1.00 54.42 ? 29  DC  B N3    1 
ATOM   573 C C4    . DC  B 2 14 ? -0.855  -9.791  -24.440 1.00 65.40 ? 29  DC  B C4    1 
ATOM   574 N N4    . DC  B 2 14 ? -0.066  -10.806 -24.079 1.00 61.74 ? 29  DC  B N4    1 
ATOM   575 C C5    . DC  B 2 14 ? -2.254  -9.827  -24.140 1.00 63.60 ? 29  DC  B C5    1 
ATOM   576 C C6    . DC  B 2 14 ? -2.999  -8.780  -24.526 1.00 55.11 ? 29  DC  B C6    1 
ATOM   577 N N     . GLY C 3 1  ? -0.832  -1.507  -20.586 1.00 54.67 ? 139 GLY C N     1 
ATOM   578 C CA    . GLY C 3 1  ? 0.265   -2.385  -20.119 1.00 57.45 ? 139 GLY C CA    1 
ATOM   579 C C     . GLY C 3 1  ? -0.222  -3.398  -19.100 1.00 64.99 ? 139 GLY C C     1 
ATOM   580 O O     . GLY C 3 1  ? -1.290  -3.996  -19.259 1.00 60.80 ? 139 GLY C O     1 
ATOM   581 N N     . ARG C 3 2  ? 0.576   -3.604  -18.055 1.00 68.14 ? 140 ARG C N     1 
ATOM   582 C CA    . ARG C 3 2  ? 0.226   -4.534  -16.986 1.00 62.30 ? 140 ARG C CA    1 
ATOM   583 C C     . ARG C 3 2  ? -0.701  -3.809  -16.014 1.00 53.56 ? 140 ARG C C     1 
ATOM   584 O O     . ARG C 3 2  ? -0.405  -2.708  -15.559 1.00 44.02 ? 140 ARG C O     1 
ATOM   585 C CB    . ARG C 3 2  ? 1.496   -5.017  -16.261 1.00 61.63 ? 140 ARG C CB    1 
ATOM   586 C CG    . ARG C 3 2  ? 1.269   -5.680  -14.898 1.00 72.00 ? 140 ARG C CG    1 
ATOM   587 C CD    . ARG C 3 2  ? 2.489   -6.477  -14.410 1.00 44.39 ? 140 ARG C CD    1 
ATOM   588 N NE    . ARG C 3 2  ? 2.266   -6.978  -13.062 1.00 55.50 ? 140 ARG C NE    1 
ATOM   589 C CZ    . ARG C 3 2  ? 2.880   -8.025  -12.527 1.00 61.77 ? 140 ARG C CZ    1 
ATOM   590 N NH1   . ARG C 3 2  ? 3.775   -8.716  -13.223 1.00 57.22 ? 140 ARG C NH1   1 
ATOM   591 N NH2   . ARG C 3 2  ? 2.598   -8.372  -11.278 1.00 66.97 ? 140 ARG C NH2   1 
ATOM   592 N N     . PRO C 3 3  ? -1.843  -4.416  -15.694 1.00 42.59 ? 141 PRO C N     1 
ATOM   593 C CA    . PRO C 3 3  ? -2.778  -3.785  -14.773 1.00 42.25 ? 141 PRO C CA    1 
ATOM   594 C C     . PRO C 3 3  ? -2.056  -3.403  -13.474 1.00 56.68 ? 141 PRO C C     1 
ATOM   595 O O     . PRO C 3 3  ? -1.191  -4.143  -12.973 1.00 60.85 ? 141 PRO C O     1 
ATOM   596 C CB    . PRO C 3 3  ? -3.822  -4.873  -14.571 1.00 51.92 ? 141 PRO C CB    1 
ATOM   597 C CG    . PRO C 3 3  ? -2.995  -6.160  -14.663 1.00 30.09 ? 141 PRO C CG    1 
ATOM   598 C CD    . PRO C 3 3  ? -2.135  -5.852  -15.855 1.00 45.76 ? 141 PRO C CD    1 
ATOM   599 N N     . ARG C 3 4  ? -2.400  -2.235  -12.939 1.00 52.85 ? 142 ARG C N     1 
ATOM   600 C CA    . ARG C 3 4  ? -1.784  -1.774  -11.705 1.00 47.96 ? 142 ARG C CA    1 
ATOM   601 C C     . ARG C 3 4  ? -2.076  -2.746  -10.576 1.00 58.48 ? 142 ARG C C     1 
ATOM   602 O O     . ARG C 3 4  ? -2.844  -3.690  -10.746 1.00 54.35 ? 142 ARG C O     1 
ATOM   603 C CB    . ARG C 3 4  ? -2.283  -0.367  -11.338 1.00 21.86 ? 142 ARG C CB    1 
ATOM   604 C CG    . ARG C 3 4  ? -1.321  0.762   -11.780 1.00 19.89 ? 142 ARG C CG    1 
ATOM   605 C CD    . ARG C 3 4  ? -1.827  2.139   -11.389 1.00 20.46 ? 142 ARG C CD    1 
ATOM   606 N NE    . ARG C 3 4  ? -0.927  3.221   -11.803 1.00 34.21 ? 142 ARG C NE    1 
ATOM   607 C CZ    . ARG C 3 4  ? 0.316   3.384   -11.357 1.00 47.53 ? 142 ARG C CZ    1 
ATOM   608 N NH1   . ARG C 3 4  ? 0.824   2.523   -10.482 1.00 63.38 ? 142 ARG C NH1   1 
ATOM   609 N NH2   . ARG C 3 4  ? 1.041   4.432   -11.750 1.00 36.74 ? 142 ARG C NH2   1 
ATOM   610 N N     . ALA C 3 5  ? -1.457  -2.521  -9.425  1.00 66.61 ? 143 ALA C N     1 
ATOM   611 C CA    . ALA C 3 5  ? -1.664  -3.402  -8.287  1.00 71.96 ? 143 ALA C CA    1 
ATOM   612 C C     . ALA C 3 5  ? -2.843  -2.970  -7.404  1.00 69.50 ? 143 ALA C C     1 
ATOM   613 O O     . ALA C 3 5  ? -3.505  -3.806  -6.770  1.00 55.72 ? 143 ALA C O     1 
ATOM   614 C CB    . ALA C 3 5  ? -0.391  -3.462  -7.466  1.00 91.34 ? 143 ALA C CB    1 
ATOM   615 N N     . ILE C 3 6  ? -3.101  -1.664  -7.377  1.00 65.68 ? 144 ILE C N     1 
ATOM   616 C CA    . ILE C 3 6  ? -4.170  -1.101  -6.564  1.00 59.71 ? 144 ILE C CA    1 
ATOM   617 C C     . ILE C 3 6  ? -4.755  0.231   -7.109  1.00 66.81 ? 144 ILE C C     1 
ATOM   618 O O     . ILE C 3 6  ? -4.018  1.144   -7.488  1.00 68.91 ? 144 ILE C O     1 
ATOM   619 C CB    . ILE C 3 6  ? -3.638  -0.884  -5.140  1.00 52.68 ? 144 ILE C CB    1 
ATOM   620 C CG1   . ILE C 3 6  ? -2.398  0.002   -5.207  1.00 29.58 ? 144 ILE C CG1   1 
ATOM   621 C CG2   . ILE C 3 6  ? -3.315  -2.217  -4.487  1.00 24.65 ? 144 ILE C CG2   1 
ATOM   622 C CD1   . ILE C 3 6  ? -1.478  -0.104  -4.023  1.00 46.04 ? 144 ILE C CD1   1 
ATOM   623 N N     . ASN C 3 7  ? -6.083  0.335   -7.125  1.00 63.35 ? 145 ASN C N     1 
ATOM   624 C CA    . ASN C 3 7  ? -6.801  1.527   -7.601  1.00 58.18 ? 145 ASN C CA    1 
ATOM   625 C C     . ASN C 3 7  ? -6.874  2.658   -6.575  1.00 63.39 ? 145 ASN C C     1 
ATOM   626 O O     . ASN C 3 7  ? -6.600  2.452   -5.390  1.00 74.01 ? 145 ASN C O     1 
ATOM   627 C CB    . ASN C 3 7  ? -8.206  1.128   -7.955  1.00 51.37 ? 145 ASN C CB    1 
ATOM   628 C CG    . ASN C 3 7  ? -8.852  0.349   -6.851  1.00 50.38 ? 145 ASN C CG    1 
ATOM   629 O OD1   . ASN C 3 7  ? -9.263  0.912   -5.831  1.00 55.82 ? 145 ASN C OD1   1 
ATOM   630 N ND2   . ASN C 3 7  ? -8.922  -0.972  -7.029  1.00 34.35 ? 145 ASN C ND2   1 
ATOM   631 N N     . LYS C 3 8  ? -7.286  3.843   -7.026  1.00 60.88 ? 146 LYS C N     1 
ATOM   632 C CA    . LYS C 3 8  ? -7.362  5.002   -6.143  1.00 63.05 ? 146 LYS C CA    1 
ATOM   633 C C     . LYS C 3 8  ? -8.068  4.683   -4.837  1.00 67.48 ? 146 LYS C C     1 
ATOM   634 O O     . LYS C 3 8  ? -7.596  5.068   -3.770  1.00 77.54 ? 146 LYS C O     1 
ATOM   635 C CB    . LYS C 3 8  ? -8.046  6.190   -6.837  1.00 61.91 ? 146 LYS C CB    1 
ATOM   636 C CG    . LYS C 3 8  ? -7.095  7.149   -7.598  1.00 74.05 ? 146 LYS C CG    1 
ATOM   637 C CD    . LYS C 3 8  ? -6.591  6.597   -8.955  1.00 85.44 ? 146 LYS C CD    1 
ATOM   638 C CE    . LYS C 3 8  ? -7.646  6.652   -10.110 1.00 94.85 ? 146 LYS C CE    1 
ATOM   639 N NZ    . LYS C 3 8  ? -7.610  7.878   -11.005 1.00 88.75 ? 146 LYS C NZ    1 
ATOM   640 N N     . HIS C 3 9  ? -9.184  3.966   -4.921  1.00 69.14 ? 147 HIS C N     1 
ATOM   641 C CA    . HIS C 3 9  ? -9.967  3.579   -3.741  1.00 74.59 ? 147 HIS C CA    1 
ATOM   642 C C     . HIS C 3 9  ? -9.059  2.767   -2.804  1.00 72.29 ? 147 HIS C C     1 
ATOM   643 O O     . HIS C 3 9  ? -8.919  3.075   -1.608  1.00 66.84 ? 147 HIS C O     1 
ATOM   644 C CB    . HIS C 3 9  ? -11.163 2.740   -4.204  1.00 84.47 ? 147 HIS C CB    1 
ATOM   645 C CG    . HIS C 3 9  ? -12.329 2.741   -3.263  1.00 94.90 ? 147 HIS C CG    1 
ATOM   646 N ND1   . HIS C 3 9  ? -12.618 1.675   -2.435  1.00 95.00 ? 147 HIS C ND1   1 
ATOM   647 C CD2   . HIS C 3 9  ? -13.308 3.653   -3.055  1.00 94.27 ? 147 HIS C CD2   1 
ATOM   648 C CE1   . HIS C 3 9  ? -13.727 1.931   -1.762  1.00 95.00 ? 147 HIS C CE1   1 
ATOM   649 N NE2   . HIS C 3 9  ? -14.166 3.124   -2.121  1.00 95.00 ? 147 HIS C NE2   1 
ATOM   650 N N     . GLU C 3 10 ? -8.443  1.728   -3.366  1.00 71.52 ? 148 GLU C N     1 
ATOM   651 C CA    . GLU C 3 10 ? -7.532  0.875   -2.619  1.00 58.02 ? 148 GLU C CA    1 
ATOM   652 C C     . GLU C 3 10 ? -6.428  1.752   -2.076  1.00 47.78 ? 148 GLU C C     1 
ATOM   653 O O     . GLU C 3 10 ? -6.075  1.649   -0.910  1.00 55.17 ? 148 GLU C O     1 
ATOM   654 C CB    . GLU C 3 10 ? -6.903  -0.189  -3.519  1.00 50.63 ? 148 GLU C CB    1 
ATOM   655 C CG    . GLU C 3 10 ? -7.846  -1.254  -4.058  1.00 60.92 ? 148 GLU C CG    1 
ATOM   656 C CD    . GLU C 3 10 ? -7.163  -2.212  -5.057  1.00 74.40 ? 148 GLU C CD    1 
ATOM   657 O OE1   . GLU C 3 10 ? -7.010  -1.869  -6.258  1.00 72.19 ? 148 GLU C OE1   1 
ATOM   658 O OE2   . GLU C 3 10 ? -6.766  -3.320  -4.637  1.00 77.24 ? 148 GLU C OE2   1 
ATOM   659 N N     . GLN C 3 11 ? -5.881  2.617   -2.924  1.00 39.16 ? 149 GLN C N     1 
ATOM   660 C CA    . GLN C 3 11 ? -4.799  3.506   -2.499  1.00 53.28 ? 149 GLN C CA    1 
ATOM   661 C C     . GLN C 3 11 ? -5.184  4.298   -1.275  1.00 58.66 ? 149 GLN C C     1 
ATOM   662 O O     . GLN C 3 11 ? -4.382  4.433   -0.360  1.00 66.32 ? 149 GLN C O     1 
ATOM   663 C CB    . GLN C 3 11 ? -4.414  4.475   -3.610  1.00 58.44 ? 149 GLN C CB    1 
ATOM   664 C CG    . GLN C 3 11 ? -3.686  3.828   -4.766  1.00 72.91 ? 149 GLN C CG    1 
ATOM   665 C CD    . GLN C 3 11 ? -3.342  4.827   -5.847  1.00 87.61 ? 149 GLN C CD    1 
ATOM   666 O OE1   . GLN C 3 11 ? -2.659  5.822   -5.591  1.00 83.35 ? 149 GLN C OE1   1 
ATOM   667 N NE2   . GLN C 3 11 ? -3.818  4.573   -7.067  1.00 89.21 ? 149 GLN C NE2   1 
ATOM   668 N N     . GLU C 3 12 ? -6.408  4.829   -1.277  1.00 67.13 ? 150 GLU C N     1 
ATOM   669 C CA    . GLU C 3 12 ? -6.946  5.615   -0.159  1.00 60.91 ? 150 GLU C CA    1 
ATOM   670 C C     . GLU C 3 12 ? -7.050  4.743   1.051   1.00 51.44 ? 150 GLU C C     1 
ATOM   671 O O     . GLU C 3 12 ? -6.477  5.017   2.104   1.00 44.71 ? 150 GLU C O     1 
ATOM   672 C CB    . GLU C 3 12 ? -8.342  6.095   -0.457  1.00 63.22 ? 150 GLU C CB    1 
ATOM   673 C CG    . GLU C 3 12 ? -8.401  7.420   -1.111  1.00 81.32 ? 150 GLU C CG    1 
ATOM   674 C CD    . GLU C 3 12 ? -9.831  7.844   -1.300  1.00 94.85 ? 150 GLU C CD    1 
ATOM   675 O OE1   . GLU C 3 12 ? -10.548 7.136   -2.049  1.00 95.00 ? 150 GLU C OE1   1 
ATOM   676 O OE2   . GLU C 3 12 ? -10.239 8.866   -0.693  1.00 95.00 ? 150 GLU C OE2   1 
ATOM   677 N N     . GLN C 3 13 ? -7.840  3.697   0.895   1.00 40.15 ? 151 GLN C N     1 
ATOM   678 C CA    . GLN C 3 13 ? -8.002  2.748   1.960   1.00 47.95 ? 151 GLN C CA    1 
ATOM   679 C C     . GLN C 3 13 ? -6.622  2.504   2.595   1.00 60.49 ? 151 GLN C C     1 
ATOM   680 O O     . GLN C 3 13 ? -6.419  2.740   3.786   1.00 66.35 ? 151 GLN C O     1 
ATOM   681 C CB    . GLN C 3 13 ? -8.575  1.467   1.375   1.00 42.91 ? 151 GLN C CB    1 
ATOM   682 C CG    . GLN C 3 13 ? -8.563  0.298   2.324   1.00 60.15 ? 151 GLN C CG    1 
ATOM   683 C CD    . GLN C 3 13 ? -9.613  -0.722  1.957   1.00 86.37 ? 151 GLN C CD    1 
ATOM   684 O OE1   . GLN C 3 13 ? -9.693  -1.171  0.812   1.00 87.89 ? 151 GLN C OE1   1 
ATOM   685 N NE2   . GLN C 3 13 ? -10.431 -1.094  2.932   1.00 94.87 ? 151 GLN C NE2   1 
ATOM   686 N N     . ILE C 3 14 ? -5.664  2.076   1.781   1.00 68.12 ? 152 ILE C N     1 
ATOM   687 C CA    . ILE C 3 14 ? -4.325  1.795   2.278   1.00 54.15 ? 152 ILE C CA    1 
ATOM   688 C C     . ILE C 3 14 ? -3.628  2.972   2.899   1.00 50.07 ? 152 ILE C C     1 
ATOM   689 O O     . ILE C 3 14 ? -3.132  2.880   4.014   1.00 65.30 ? 152 ILE C O     1 
ATOM   690 C CB    . ILE C 3 14 ? -3.405  1.252   1.184   1.00 52.97 ? 152 ILE C CB    1 
ATOM   691 C CG1   . ILE C 3 14 ? -3.750  -0.213  0.905   1.00 46.03 ? 152 ILE C CG1   1 
ATOM   692 C CG2   . ILE C 3 14 ? -1.964  1.381   1.629   1.00 38.20 ? 152 ILE C CG2   1 
ATOM   693 C CD1   . ILE C 3 14 ? -3.015  -0.820  -0.248  1.00 56.28 ? 152 ILE C CD1   1 
ATOM   694 N N     . SER C 3 15 ? -3.567  4.079   2.178   1.00 41.12 ? 153 SER C N     1 
ATOM   695 C CA    . SER C 3 15 ? -2.888  5.254   2.700   1.00 44.81 ? 153 SER C CA    1 
ATOM   696 C C     . SER C 3 15 ? -3.402  5.635   4.082   1.00 57.30 ? 153 SER C C     1 
ATOM   697 O O     . SER C 3 15 ? -2.651  6.162   4.905   1.00 63.72 ? 153 SER C O     1 
ATOM   698 C CB    . SER C 3 15 ? -3.054  6.433   1.749   1.00 34.00 ? 153 SER C CB    1 
ATOM   699 O OG    . SER C 3 15 ? -2.231  7.509   2.158   1.00 48.74 ? 153 SER C OG    1 
ATOM   700 N N     . ARG C 3 16 ? -4.682  5.370   4.334   1.00 62.49 ? 154 ARG C N     1 
ATOM   701 C CA    . ARG C 3 16 ? -5.284  5.671   5.632   1.00 62.22 ? 154 ARG C CA    1 
ATOM   702 C C     . ARG C 3 16 ? -4.781  4.614   6.620   1.00 63.21 ? 154 ARG C C     1 
ATOM   703 O O     . ARG C 3 16 ? -4.215  4.951   7.661   1.00 72.91 ? 154 ARG C O     1 
ATOM   704 C CB    . ARG C 3 16 ? -6.816  5.635   5.523   1.00 77.45 ? 154 ARG C CB    1 
ATOM   705 C CG    . ARG C 3 16 ? -7.572  6.528   6.521   1.00 81.54 ? 154 ARG C CG    1 
ATOM   706 C CD    . ARG C 3 16 ? -9.047  6.658   6.136   1.00 75.55 ? 154 ARG C CD    1 
ATOM   707 N NE    . ARG C 3 16 ? -9.200  7.181   4.778   1.00 76.25 ? 154 ARG C NE    1 
ATOM   708 C CZ    . ARG C 3 16 ? -9.968  6.632   3.838   1.00 77.58 ? 154 ARG C CZ    1 
ATOM   709 N NH1   . ARG C 3 16 ? -10.668 5.534   4.099   1.00 74.52 ? 154 ARG C NH1   1 
ATOM   710 N NH2   . ARG C 3 16 ? -10.026 7.175   2.628   1.00 71.30 ? 154 ARG C NH2   1 
ATOM   711 N N     . LEU C 3 17 ? -4.972  3.340   6.285   1.00 56.11 ? 155 LEU C N     1 
ATOM   712 C CA    . LEU C 3 17 ? -4.505  2.251   7.138   1.00 51.18 ? 155 LEU C CA    1 
ATOM   713 C C     . LEU C 3 17 ? -3.025  2.409   7.497   1.00 58.08 ? 155 LEU C C     1 
ATOM   714 O O     . LEU C 3 17 ? -2.622  2.100   8.612   1.00 60.94 ? 155 LEU C O     1 
ATOM   715 C CB    . LEU C 3 17 ? -4.698  0.900   6.447   1.00 40.84 ? 155 LEU C CB    1 
ATOM   716 C CG    . LEU C 3 17 ? -6.091  0.293   6.349   1.00 46.74 ? 155 LEU C CG    1 
ATOM   717 C CD1   . LEU C 3 17 ? -6.056  -0.988  5.531   1.00 61.78 ? 155 LEU C CD1   1 
ATOM   718 C CD2   . LEU C 3 17 ? -6.583  -0.015  7.730   1.00 55.22 ? 155 LEU C CD2   1 
ATOM   719 N N     . LEU C 3 18 ? -2.214  2.872   6.551   1.00 66.40 ? 156 LEU C N     1 
ATOM   720 C CA    . LEU C 3 18 ? -0.783  3.049   6.803   1.00 77.69 ? 156 LEU C CA    1 
ATOM   721 C C     . LEU C 3 18 ? -0.542  4.155   7.796   1.00 84.61 ? 156 LEU C C     1 
ATOM   722 O O     . LEU C 3 18 ? 0.458   4.147   8.514   1.00 94.65 ? 156 LEU C O     1 
ATOM   723 C CB    . LEU C 3 18 ? -0.018  3.398   5.527   1.00 72.60 ? 156 LEU C CB    1 
ATOM   724 C CG    . LEU C 3 18 ? 0.394   2.255   4.609   1.00 70.64 ? 156 LEU C CG    1 
ATOM   725 C CD1   . LEU C 3 18 ? 1.198   2.800   3.442   1.00 69.58 ? 156 LEU C CD1   1 
ATOM   726 C CD2   . LEU C 3 18 ? 1.206   1.260   5.392   1.00 69.14 ? 156 LEU C CD2   1 
ATOM   727 N N     . GLU C 3 19 ? -1.454  5.118   7.829   1.00 80.78 ? 157 GLU C N     1 
ATOM   728 C CA    . GLU C 3 19 ? -1.303  6.239   8.735   1.00 78.63 ? 157 GLU C CA    1 
ATOM   729 C C     . GLU C 3 19 ? -1.915  5.970   10.099  1.00 74.09 ? 157 GLU C C     1 
ATOM   730 O O     . GLU C 3 19 ? -1.818  6.782   11.013  1.00 75.79 ? 157 GLU C O     1 
ATOM   731 C CB    . GLU C 3 19 ? -1.834  7.512   8.066   1.00 77.12 ? 157 GLU C CB    1 
ATOM   732 N N     . LYS C 3 20 ? -2.515  4.797   10.239  1.00 68.32 ? 158 LYS C N     1 
ATOM   733 C CA    . LYS C 3 20 ? -3.087  4.390   11.509  1.00 67.19 ? 158 LYS C CA    1 
ATOM   734 C C     . LYS C 3 20 ? -2.054  3.537   12.219  1.00 68.03 ? 158 LYS C C     1 
ATOM   735 O O     . LYS C 3 20 ? -2.224  3.199   13.387  1.00 71.41 ? 158 LYS C O     1 
ATOM   736 C CB    . LYS C 3 20 ? -4.348  3.556   11.309  1.00 75.01 ? 158 LYS C CB    1 
ATOM   737 C CG    . LYS C 3 20 ? -5.614  4.346   11.341  1.00 77.39 ? 158 LYS C CG    1 
ATOM   738 C CD    . LYS C 3 20 ? -6.792  3.429   11.554  1.00 80.44 ? 158 LYS C CD    1 
ATOM   739 C CE    . LYS C 3 20 ? -8.013  4.253   11.921  1.00 84.81 ? 158 LYS C CE    1 
ATOM   740 N NZ    . LYS C 3 20 ? -9.213  3.409   12.101  1.00 79.25 ? 158 LYS C NZ    1 
ATOM   741 N N     . GLY C 3 21 ? -1.001  3.161   11.495  1.00 65.26 ? 159 GLY C N     1 
ATOM   742 C CA    . GLY C 3 21 ? 0.042   2.346   12.082  1.00 64.45 ? 159 GLY C CA    1 
ATOM   743 C C     . GLY C 3 21 ? 0.187   0.948   11.513  1.00 69.40 ? 159 GLY C C     1 
ATOM   744 O O     . GLY C 3 21 ? 1.069   0.204   11.938  1.00 78.97 ? 159 GLY C O     1 
ATOM   745 N N     . HIS C 3 22 ? -0.663  0.575   10.563  1.00 71.51 ? 160 HIS C N     1 
ATOM   746 C CA    . HIS C 3 22 ? -0.559  -0.754  9.968   1.00 72.08 ? 160 HIS C CA    1 
ATOM   747 C C     . HIS C 3 22 ? 0.763   -0.944  9.224   1.00 69.00 ? 160 HIS C C     1 
ATOM   748 O O     . HIS C 3 22 ? 1.153   -0.124  8.402   1.00 68.28 ? 160 HIS C O     1 
ATOM   749 C CB    . HIS C 3 22 ? -1.711  -1.004  9.007   1.00 74.05 ? 160 HIS C CB    1 
ATOM   750 C CG    . HIS C 3 22 ? -3.038  -1.128  9.683   1.00 83.22 ? 160 HIS C CG    1 
ATOM   751 N ND1   . HIS C 3 22 ? -3.621  -0.087  10.372  1.00 83.41 ? 160 HIS C ND1   1 
ATOM   752 C CD2   . HIS C 3 22 ? -3.901  -2.168  9.768   1.00 86.81 ? 160 HIS C CD2   1 
ATOM   753 C CE1   . HIS C 3 22 ? -4.788  -0.480  10.853  1.00 86.80 ? 160 HIS C CE1   1 
ATOM   754 N NE2   . HIS C 3 22 ? -4.982  -1.739  10.500  1.00 81.95 ? 160 HIS C NE2   1 
ATOM   755 N N     . PRO C 3 23 ? 1.461   -2.049  9.503   1.00 62.36 ? 161 PRO C N     1 
ATOM   756 C CA    . PRO C 3 23 ? 2.741   -2.360  8.872   1.00 56.93 ? 161 PRO C CA    1 
ATOM   757 C C     . PRO C 3 23 ? 2.552   -2.713  7.416   1.00 54.58 ? 161 PRO C C     1 
ATOM   758 O O     . PRO C 3 23 ? 1.627   -3.446  7.049   1.00 47.30 ? 161 PRO C O     1 
ATOM   759 C CB    . PRO C 3 23 ? 3.218   -3.559  9.664   1.00 66.96 ? 161 PRO C CB    1 
ATOM   760 C CG    . PRO C 3 23 ? 1.940   -4.291  9.887   1.00 51.47 ? 161 PRO C CG    1 
ATOM   761 C CD    . PRO C 3 23 ? 0.999   -3.186  10.316  1.00 58.20 ? 161 PRO C CD    1 
ATOM   762 N N     . ARG C 3 24 ? 3.441   -2.210  6.581   1.00 48.29 ? 162 ARG C N     1 
ATOM   763 C CA    . ARG C 3 24 ? 3.330   -2.508  5.171   1.00 41.78 ? 162 ARG C CA    1 
ATOM   764 C C     . ARG C 3 24 ? 3.410   -4.007  4.943   1.00 43.80 ? 162 ARG C C     1 
ATOM   765 O O     . ARG C 3 24 ? 2.807   -4.527  4.016   1.00 57.19 ? 162 ARG C O     1 
ATOM   766 C CB    . ARG C 3 24 ? 4.441   -1.816  4.395   1.00 26.57 ? 162 ARG C CB    1 
ATOM   767 C CG    . ARG C 3 24 ? 4.441   -0.315  4.526   1.00 16.33 ? 162 ARG C CG    1 
ATOM   768 C CD    . ARG C 3 24 ? 5.437   0.270   3.551   1.00 30.02 ? 162 ARG C CD    1 
ATOM   769 N NE    . ARG C 3 24 ? 5.282   1.714   3.420   1.00 40.89 ? 162 ARG C NE    1 
ATOM   770 C CZ    . ARG C 3 24 ? 5.384   2.569   4.431   1.00 54.34 ? 162 ARG C CZ    1 
ATOM   771 N NH1   . ARG C 3 24 ? 5.223   3.872   4.207   1.00 54.90 ? 162 ARG C NH1   1 
ATOM   772 N NH2   . ARG C 3 24 ? 5.649   2.118   5.660   1.00 61.42 ? 162 ARG C NH2   1 
ATOM   773 N N     . GLN C 3 25 ? 4.157   -4.706  5.783   1.00 46.85 ? 163 GLN C N     1 
ATOM   774 C CA    . GLN C 3 25 ? 4.280   -6.146  5.610   1.00 59.46 ? 163 GLN C CA    1 
ATOM   775 C C     . GLN C 3 25 ? 2.897   -6.789  5.656   1.00 57.33 ? 163 GLN C C     1 
ATOM   776 O O     . GLN C 3 25 ? 2.563   -7.636  4.825   1.00 57.55 ? 163 GLN C O     1 
ATOM   777 C CB    . GLN C 3 25 ? 5.149   -6.738  6.714   1.00 75.03 ? 163 GLN C CB    1 
ATOM   778 C CG    . GLN C 3 25 ? 6.499   -6.074  6.878   1.00 91.58 ? 163 GLN C CG    1 
ATOM   779 C CD    . GLN C 3 25 ? 7.653   -7.047  6.677   1.00 95.00 ? 163 GLN C CD    1 
ATOM   780 O OE1   . GLN C 3 25 ? 7.834   -7.588  5.580   1.00 95.00 ? 163 GLN C OE1   1 
ATOM   781 N NE2   . GLN C 3 25 ? 8.443   -7.277  7.739   1.00 95.00 ? 163 GLN C NE2   1 
ATOM   782 N N     . GLN C 3 26 ? 2.100   -6.373  6.637   1.00 57.08 ? 164 GLN C N     1 
ATOM   783 C CA    . GLN C 3 26 ? 0.760   -6.909  6.807   1.00 59.33 ? 164 GLN C CA    1 
ATOM   784 C C     . GLN C 3 26 ? -0.112  -6.533  5.645   1.00 55.58 ? 164 GLN C C     1 
ATOM   785 O O     . GLN C 3 26 ? -0.580  -7.407  4.914   1.00 48.85 ? 164 GLN C O     1 
ATOM   786 C CB    . GLN C 3 26 ? 0.139   -6.394  8.091   1.00 70.83 ? 164 GLN C CB    1 
ATOM   787 N N     . LEU C 3 27 ? -0.329  -5.227  5.492   1.00 51.36 ? 165 LEU C N     1 
ATOM   788 C CA    . LEU C 3 27 ? -1.130  -4.680  4.396   1.00 46.86 ? 165 LEU C CA    1 
ATOM   789 C C     . LEU C 3 27 ? -0.791  -5.351  3.071   1.00 51.78 ? 165 LEU C C     1 
ATOM   790 O O     . LEU C 3 27 ? -1.668  -5.555  2.234   1.00 49.89 ? 165 LEU C O     1 
ATOM   791 C CB    . LEU C 3 27 ? -0.877  -3.185  4.243   1.00 31.52 ? 165 LEU C CB    1 
ATOM   792 C CG    . LEU C 3 27 ? -1.467  -2.233  5.269   1.00 39.52 ? 165 LEU C CG    1 
ATOM   793 C CD1   . LEU C 3 27 ? -1.224  -0.802  4.835   1.00 31.45 ? 165 LEU C CD1   1 
ATOM   794 C CD2   . LEU C 3 27 ? -2.954  -2.471  5.363   1.00 47.55 ? 165 LEU C CD2   1 
ATOM   795 N N     . ALA C 3 28 ? 0.491   -5.677  2.892   1.00 57.56 ? 166 ALA C N     1 
ATOM   796 C CA    . ALA C 3 28 ? 0.992   -6.330  1.685   1.00 47.88 ? 166 ALA C CA    1 
ATOM   797 C C     . ALA C 3 28 ? 0.393   -7.724  1.551   1.00 48.45 ? 166 ALA C C     1 
ATOM   798 O O     . ALA C 3 28 ? -0.181  -8.069  0.512   1.00 48.99 ? 166 ALA C O     1 
ATOM   799 C CB    . ALA C 3 28 ? 2.496   -6.421  1.737   1.00 40.43 ? 166 ALA C CB    1 
ATOM   800 N N     . ILE C 3 29 ? 0.534   -8.525  2.605   1.00 47.92 ? 167 ILE C N     1 
ATOM   801 C CA    . ILE C 3 29 ? -0.011  -9.875  2.610   1.00 55.13 ? 167 ILE C CA    1 
ATOM   802 C C     . ILE C 3 29 ? -1.507  -9.820  2.356   1.00 63.66 ? 167 ILE C C     1 
ATOM   803 O O     . ILE C 3 29 ? -2.059  -10.630 1.613   1.00 67.25 ? 167 ILE C O     1 
ATOM   804 C CB    . ILE C 3 29 ? 0.140   -10.544 3.964   1.00 54.47 ? 167 ILE C CB    1 
ATOM   805 C CG1   . ILE C 3 29 ? 1.548   -10.334 4.502   1.00 60.65 ? 167 ILE C CG1   1 
ATOM   806 C CG2   . ILE C 3 29 ? -0.180  -12.027 3.835   1.00 51.54 ? 167 ILE C CG2   1 
ATOM   807 C CD1   . ILE C 3 29 ? 1.770   -11.004 5.839   1.00 66.07 ? 167 ILE C CD1   1 
ATOM   808 N N     . ILE C 3 30 ? -2.155  -8.853  2.993   1.00 67.47 ? 168 ILE C N     1 
ATOM   809 C CA    . ILE C 3 30 ? -3.590  -8.690  2.888   1.00 73.52 ? 168 ILE C CA    1 
ATOM   810 C C     . ILE C 3 30 ? -4.097  -8.263  1.514   1.00 68.53 ? 168 ILE C C     1 
ATOM   811 O O     . ILE C 3 30 ? -4.856  -8.998  0.891   1.00 57.14 ? 168 ILE C O     1 
ATOM   812 C CB    . ILE C 3 30 ? -4.073  -7.714  3.970   1.00 83.05 ? 168 ILE C CB    1 
ATOM   813 C CG1   . ILE C 3 30 ? -3.699  -8.282  5.345   1.00 88.22 ? 168 ILE C CG1   1 
ATOM   814 C CG2   . ILE C 3 30 ? -5.577  -7.524  3.885   1.00 82.32 ? 168 ILE C CG2   1 
ATOM   815 C CD1   . ILE C 3 30 ? -3.726  -7.277  6.484   1.00 94.96 ? 168 ILE C CD1   1 
ATOM   816 N N     . PHE C 3 31 ? -3.683  -7.095  1.032   1.00 65.67 ? 169 PHE C N     1 
ATOM   817 C CA    . PHE C 3 31 ? -4.140  -6.620  -0.275  1.00 66.70 ? 169 PHE C CA    1 
ATOM   818 C C     . PHE C 3 31 ? -3.631  -7.411  -1.470  1.00 77.45 ? 169 PHE C C     1 
ATOM   819 O O     . PHE C 3 31 ? -3.811  -6.986  -2.607  1.00 87.28 ? 169 PHE C O     1 
ATOM   820 C CB    . PHE C 3 31 ? -3.764  -5.155  -0.483  1.00 63.52 ? 169 PHE C CB    1 
ATOM   821 C CG    . PHE C 3 31 ? -4.613  -4.203  0.288   1.00 85.66 ? 169 PHE C CG    1 
ATOM   822 C CD1   . PHE C 3 31 ? -4.477  -4.089  1.659   1.00 89.31 ? 169 PHE C CD1   1 
ATOM   823 C CD2   . PHE C 3 31 ? -5.563  -3.424  -0.357  1.00 94.82 ? 169 PHE C CD2   1 
ATOM   824 C CE1   . PHE C 3 31 ? -5.279  -3.208  2.379   1.00 94.91 ? 169 PHE C CE1   1 
ATOM   825 C CE2   . PHE C 3 31 ? -6.371  -2.541  0.352   1.00 95.00 ? 169 PHE C CE2   1 
ATOM   826 C CZ    . PHE C 3 31 ? -6.229  -2.433  1.722   1.00 94.98 ? 169 PHE C CZ    1 
ATOM   827 N N     . GLY C 3 32 ? -2.997  -8.554  -1.232  1.00 79.61 ? 170 GLY C N     1 
ATOM   828 C CA    . GLY C 3 32 ? -2.485  -9.337  -2.345  1.00 70.48 ? 170 GLY C CA    1 
ATOM   829 C C     . GLY C 3 32 ? -1.446  -8.612  -3.206  1.00 68.92 ? 170 GLY C C     1 
ATOM   830 O O     . GLY C 3 32 ? -1.499  -8.669  -4.440  1.00 79.66 ? 170 GLY C O     1 
ATOM   831 N N     . ILE C 3 33 ? -0.503  -7.921  -2.568  1.00 57.92 ? 171 ILE C N     1 
ATOM   832 C CA    . ILE C 3 33 ? 0.543   -7.217  -3.295  1.00 52.25 ? 171 ILE C CA    1 
ATOM   833 C C     . ILE C 3 33 ? 1.840   -7.239  -2.492  1.00 55.95 ? 171 ILE C C     1 
ATOM   834 O O     . ILE C 3 33 ? 1.816   -7.305  -1.263  1.00 58.53 ? 171 ILE C O     1 
ATOM   835 C CB    . ILE C 3 33 ? 0.149   -5.751  -3.597  1.00 42.16 ? 171 ILE C CB    1 
ATOM   836 C CG1   . ILE C 3 33 ? 0.060   -4.935  -2.313  1.00 36.15 ? 171 ILE C CG1   1 
ATOM   837 C CG2   . ILE C 3 33 ? -1.188  -5.709  -4.287  1.00 46.90 ? 171 ILE C CG2   1 
ATOM   838 C CD1   . ILE C 3 33 ? 0.010   -3.442  -2.583  1.00 28.16 ? 171 ILE C CD1   1 
ATOM   839 N N     . GLY C 3 34 ? 2.965   -7.183  -3.201  1.00 51.85 ? 172 GLY C N     1 
ATOM   840 C CA    . GLY C 3 34 ? 4.277   -7.221  -2.567  1.00 48.10 ? 172 GLY C CA    1 
ATOM   841 C C     . GLY C 3 34 ? 4.722   -5.957  -1.851  1.00 48.90 ? 172 GLY C C     1 
ATOM   842 O O     . GLY C 3 34 ? 4.349   -4.833  -2.236  1.00 42.06 ? 172 GLY C O     1 
ATOM   843 N N     . VAL C 3 35 ? 5.563   -6.146  -0.832  1.00 35.20 ? 173 VAL C N     1 
ATOM   844 C CA    . VAL C 3 35 ? 6.028   -5.038  -0.019  1.00 27.13 ? 173 VAL C CA    1 
ATOM   845 C C     . VAL C 3 35 ? 6.725   -3.936  -0.762  1.00 29.95 ? 173 VAL C C     1 
ATOM   846 O O     . VAL C 3 35 ? 6.460   -2.763  -0.495  1.00 44.62 ? 173 VAL C O     1 
ATOM   847 C CB    . VAL C 3 35 ? 6.956   -5.496  1.083   1.00 21.60 ? 173 VAL C CB    1 
ATOM   848 C CG1   . VAL C 3 35 ? 7.292   -4.318  1.965   1.00 16.28 ? 173 VAL C CG1   1 
ATOM   849 C CG2   . VAL C 3 35 ? 6.288   -6.575  1.910   1.00 15.26 ? 173 VAL C CG2   1 
ATOM   850 N N     . SER C 3 36 ? 7.625   -4.290  -1.676  1.00 26.02 ? 174 SER C N     1 
ATOM   851 C CA    . SER C 3 36 ? 8.331   -3.251  -2.417  1.00 35.19 ? 174 SER C CA    1 
ATOM   852 C C     . SER C 3 36 ? 7.341   -2.366  -3.143  1.00 34.14 ? 174 SER C C     1 
ATOM   853 O O     . SER C 3 36 ? 7.590   -1.172  -3.308  1.00 31.17 ? 174 SER C O     1 
ATOM   854 C CB    . SER C 3 36 ? 9.346   -3.840  -3.406  1.00 35.65 ? 174 SER C CB    1 
ATOM   855 O OG    . SER C 3 36 ? 8.871   -5.027  -4.006  1.00 55.01 ? 174 SER C OG    1 
ATOM   856 N N     . THR C 3 37 ? 6.209   -2.941  -3.547  1.00 43.08 ? 175 THR C N     1 
ATOM   857 C CA    . THR C 3 37 ? 5.181   -2.174  -4.242  1.00 47.96 ? 175 THR C CA    1 
ATOM   858 C C     . THR C 3 37 ? 4.646   -1.101  -3.303  1.00 47.43 ? 175 THR C C     1 
ATOM   859 O O     . THR C 3 37 ? 4.553   0.058   -3.678  1.00 35.41 ? 175 THR C O     1 
ATOM   860 C CB    . THR C 3 37 ? 4.003   -3.067  -4.714  1.00 56.65 ? 175 THR C CB    1 
ATOM   861 O OG1   . THR C 3 37 ? 4.455   -3.991  -5.710  1.00 56.62 ? 175 THR C OG1   1 
ATOM   862 C CG2   . THR C 3 37 ? 2.921   -2.227  -5.329  1.00 67.21 ? 175 THR C CG2   1 
ATOM   863 N N     . LEU C 3 38 ? 4.307   -1.478  -2.075  1.00 44.00 ? 176 LEU C N     1 
ATOM   864 C CA    . LEU C 3 38 ? 3.790   -0.498  -1.128  1.00 36.87 ? 176 LEU C CA    1 
ATOM   865 C C     . LEU C 3 38 ? 4.761   0.648   -0.853  1.00 39.22 ? 176 LEU C C     1 
ATOM   866 O O     . LEU C 3 38 ? 4.374   1.821   -0.850  1.00 47.33 ? 176 LEU C O     1 
ATOM   867 C CB    . LEU C 3 38 ? 3.429   -1.163  0.197   1.00 33.42 ? 176 LEU C CB    1 
ATOM   868 C CG    . LEU C 3 38 ? 2.156   -2.000  0.250   1.00 55.71 ? 176 LEU C CG    1 
ATOM   869 C CD1   . LEU C 3 38 ? 1.977   -2.523  1.660   1.00 65.64 ? 176 LEU C CD1   1 
ATOM   870 C CD2   . LEU C 3 38 ? 0.962   -1.170  -0.142  1.00 45.82 ? 176 LEU C CD2   1 
ATOM   871 N N     . TYR C 3 39 ? 6.020   0.314   -0.600  1.00 34.60 ? 177 TYR C N     1 
ATOM   872 C CA    . TYR C 3 39 ? 6.994   1.349   -0.310  1.00 40.23 ? 177 TYR C CA    1 
ATOM   873 C C     . TYR C 3 39 ? 7.078   2.315   -1.467  1.00 36.90 ? 177 TYR C C     1 
ATOM   874 O O     . TYR C 3 39 ? 7.448   3.475   -1.297  1.00 38.98 ? 177 TYR C O     1 
ATOM   875 C CB    . TYR C 3 39 ? 8.342   0.717   -0.031  1.00 36.02 ? 177 TYR C CB    1 
ATOM   876 C CG    . TYR C 3 39 ? 8.462   0.202   1.378   1.00 36.25 ? 177 TYR C CG    1 
ATOM   877 C CD1   . TYR C 3 39 ? 8.580   1.083   2.439   1.00 33.08 ? 177 TYR C CD1   1 
ATOM   878 C CD2   . TYR C 3 39 ? 8.461   -1.166  1.652   1.00 35.52 ? 177 TYR C CD2   1 
ATOM   879 C CE1   . TYR C 3 39 ? 8.697   0.623   3.748   1.00 42.46 ? 177 TYR C CE1   1 
ATOM   880 C CE2   . TYR C 3 39 ? 8.578   -1.637  2.957   1.00 24.06 ? 177 TYR C CE2   1 
ATOM   881 C CZ    . TYR C 3 39 ? 8.693   -0.737  3.996   1.00 38.49 ? 177 TYR C CZ    1 
ATOM   882 O OH    . TYR C 3 39 ? 8.784   -1.185  5.288   1.00 39.69 ? 177 TYR C OH    1 
ATOM   883 N N     . ARG C 3 40 ? 6.713   1.815   -2.643  1.00 37.02 ? 178 ARG C N     1 
ATOM   884 C CA    . ARG C 3 40 ? 6.719   2.608   -3.861  1.00 42.87 ? 178 ARG C CA    1 
ATOM   885 C C     . ARG C 3 40 ? 5.506   3.531   -3.862  1.00 43.47 ? 178 ARG C C     1 
ATOM   886 O O     . ARG C 3 40 ? 5.647   4.719   -4.098  1.00 42.40 ? 178 ARG C O     1 
ATOM   887 C CB    A ARG C 3 40 ? 6.723   1.699   -5.097  0.50 39.69 ? 178 ARG C CB    1 
ATOM   888 C CB    B ARG C 3 40 ? 6.214   1.807   -4.976  0.50 49.86 ? 178 ARG C CB    1 
ATOM   889 C CG    A ARG C 3 40 ? 6.502   2.425   -6.434  0.50 38.58 ? 178 ARG C CG    1 
ATOM   890 C CG    B ARG C 3 40 ? 5.806   2.610   -6.193  0.50 50.14 ? 178 ARG C CG    1 
ATOM   891 C CD    A ARG C 3 40 ? 7.491   1.974   -7.520  0.50 28.30 ? 178 ARG C CD    1 
ATOM   892 C CD    B ARG C 3 40 ? 6.984   2.820   -7.135  0.50 50.17 ? 178 ARG C CD    1 
ATOM   893 N NE    A ARG C 3 40 ? 7.541   0.527   -7.672  0.50 16.61 ? 178 ARG C NE    1 
ATOM   894 N NE    B ARG C 3 40 ? 7.916   1.697   -7.143  0.50 50.09 ? 178 ARG C NE    1 
ATOM   895 C CZ    A ARG C 3 40 ? 6.585   -0.189  -8.235  0.50 17.50 ? 178 ARG C CZ    1 
ATOM   896 C CZ    B ARG C 3 40 ? 9.223   1.803   -7.365  0.50 50.22 ? 178 ARG C CZ    1 
ATOM   897 N NH1   A ARG C 3 40 ? 6.711   -1.506  -8.325  0.50 15.12 ? 178 ARG C NH1   1 
ATOM   898 N NH1   B ARG C 3 40 ? 9.986   0.710   -7.352  0.50 50.04 ? 178 ARG C NH1   1 
ATOM   899 N NH2   A ARG C 3 40 ? 5.510   0.424   -8.719  0.50 19.69 ? 178 ARG C NH2   1 
ATOM   900 N NH2   B ARG C 3 40 ? 9.767   2.999   -7.592  0.50 50.17 ? 178 ARG C NH2   1 
ATOM   901 N N     . TYR C 3 41 ? 4.314   2.986   -3.606  1.00 44.41 ? 179 TYR C N     1 
ATOM   902 C CA    . TYR C 3 41 ? 3.122   3.826   -3.541  1.00 53.75 ? 179 TYR C CA    1 
ATOM   903 C C     . TYR C 3 41 ? 3.119   4.716   -2.281  1.00 59.63 ? 179 TYR C C     1 
ATOM   904 O O     . TYR C 3 41 ? 2.381   5.694   -2.224  1.00 65.57 ? 179 TYR C O     1 
ATOM   905 C CB    . TYR C 3 41 ? 1.852   2.987   -3.512  1.00 59.64 ? 179 TYR C CB    1 
ATOM   906 C CG    . TYR C 3 41 ? 1.371   2.454   -4.831  1.00 61.04 ? 179 TYR C CG    1 
ATOM   907 C CD1   . TYR C 3 41 ? 2.060   1.452   -5.482  1.00 59.03 ? 179 TYR C CD1   1 
ATOM   908 C CD2   . TYR C 3 41 ? 0.165   2.885   -5.377  1.00 61.34 ? 179 TYR C CD2   1 
ATOM   909 C CE1   . TYR C 3 41 ? 1.558   0.879   -6.634  1.00 61.80 ? 179 TYR C CE1   1 
ATOM   910 C CE2   . TYR C 3 41 ? -0.346  2.318   -6.529  1.00 54.13 ? 179 TYR C CE2   1 
ATOM   911 C CZ    . TYR C 3 41 ? 0.353   1.307   -7.152  1.00 59.85 ? 179 TYR C CZ    1 
ATOM   912 O OH    . TYR C 3 41 ? -0.159  0.678   -8.274  1.00 54.74 ? 179 TYR C OH    1 
ATOM   913 N N     . PHE C 3 42 ? 3.906   4.366   -1.262  1.00 55.17 ? 180 PHE C N     1 
ATOM   914 C CA    . PHE C 3 42 ? 3.962   5.174   -0.053  1.00 45.26 ? 180 PHE C CA    1 
ATOM   915 C C     . PHE C 3 42 ? 5.294   5.018   0.619   1.00 43.19 ? 180 PHE C C     1 
ATOM   916 O O     . PHE C 3 42 ? 5.474   4.116   1.420   1.00 47.46 ? 180 PHE C O     1 
ATOM   917 C CB    . PHE C 3 42 ? 2.904   4.754   0.946   1.00 52.33 ? 180 PHE C CB    1 
ATOM   918 C CG    . PHE C 3 42 ? 1.637   4.323   0.322   1.00 54.39 ? 180 PHE C CG    1 
ATOM   919 C CD1   . PHE C 3 42 ? 1.424   2.989   0.021   1.00 54.70 ? 180 PHE C CD1   1 
ATOM   920 C CD2   . PHE C 3 42 ? 0.663   5.250   -0.009  1.00 54.27 ? 180 PHE C CD2   1 
ATOM   921 C CE1   . PHE C 3 42 ? 0.246   2.577   -0.609  1.00 63.99 ? 180 PHE C CE1   1 
ATOM   922 C CE2   . PHE C 3 42 ? -0.514  4.853   -0.639  1.00 57.00 ? 180 PHE C CE2   1 
ATOM   923 C CZ    . PHE C 3 42 ? -0.725  3.510   -0.941  1.00 55.87 ? 180 PHE C CZ    1 
ATOM   924 N N     . PRO C 3 43 ? 6.256   5.885   0.295   1.00 42.27 ? 181 PRO C N     1 
ATOM   925 C CA    . PRO C 3 43 ? 7.592   5.829   0.898   1.00 55.67 ? 181 PRO C CA    1 
ATOM   926 C C     . PRO C 3 43 ? 7.448   6.049   2.389   1.00 63.60 ? 181 PRO C C     1 
ATOM   927 O O     . PRO C 3 43 ? 6.609   6.828   2.807   1.00 63.48 ? 181 PRO C O     1 
ATOM   928 C CB    . PRO C 3 43 ? 8.313   6.983   0.226   1.00 55.51 ? 181 PRO C CB    1 
ATOM   929 C CG    . PRO C 3 43 ? 7.689   6.984   -1.141  1.00 42.90 ? 181 PRO C CG    1 
ATOM   930 C CD    . PRO C 3 43 ? 6.225   6.819   -0.839  1.00 35.31 ? 181 PRO C CD    1 
ATOM   931 N N     . ALA C 3 44 ? 8.255   5.374   3.195   1.00 70.09 ? 182 ALA C N     1 
ATOM   932 C CA    . ALA C 3 44 ? 8.143   5.537   4.640   1.00 66.63 ? 182 ALA C CA    1 
ATOM   933 C C     . ALA C 3 44 ? 8.344   7.001   5.005   1.00 66.53 ? 182 ALA C C     1 
ATOM   934 O O     . ALA C 3 44 ? 7.948   7.449   6.078   1.00 69.29 ? 182 ALA C O     1 
ATOM   935 C CB    . ALA C 3 44 ? 9.169   4.657   5.355   1.00 69.11 ? 182 ALA C CB    1 
ATOM   936 N N     . SER C 3 45 ? 8.965   7.746   4.103   1.00 63.05 ? 183 SER C N     1 
ATOM   937 C CA    . SER C 3 45 ? 9.190   9.156   4.334   1.00 67.81 ? 183 SER C CA    1 
ATOM   938 C C     . SER C 3 45 ? 8.067   9.921   3.630   1.00 75.70 ? 183 SER C C     1 
ATOM   939 O O     . SER C 3 45 ? 8.200   11.107  3.332   1.00 74.46 ? 183 SER C O     1 
ATOM   940 C CB    . SER C 3 45 ? 10.558  9.559   3.781   1.00 74.87 ? 183 SER C CB    1 
ATOM   941 O OG    . SER C 3 45 ? 10.691  9.144   2.429   1.00 89.03 ? 183 SER C OG    1 
ATOM   942 N N     . SER C 3 46 ? 6.964   9.226   3.357   1.00 85.33 ? 184 SER C N     1 
ATOM   943 C CA    . SER C 3 46 ? 5.785   9.822   2.711   1.00 94.02 ? 184 SER C CA    1 
ATOM   944 C C     . SER C 3 46 ? 4.540   9.561   3.571   1.00 94.92 ? 184 SER C C     1 
ATOM   945 O O     . SER C 3 46 ? 3.465   9.249   3.051   1.00 95.00 ? 184 SER C O     1 
ATOM   946 C CB    . SER C 3 46 ? 5.559   9.219   1.313   1.00 88.01 ? 184 SER C CB    1 
ATOM   947 O OG    . SER C 3 46 ? 4.844   7.985   1.362   1.00 80.69 ? 184 SER C OG    1 
ATOM   948 N N     . ILE C 3 47 ? 4.694   9.694   4.888   1.00 94.97 ? 185 ILE C N     1 
ATOM   949 C CA    . ILE C 3 47 ? 3.603   9.440   5.824   1.00 95.00 ? 185 ILE C CA    1 
ATOM   950 C C     . ILE C 3 47 ? 3.549   10.451  6.968   1.00 95.00 ? 185 ILE C C     1 
ATOM   951 O O     . ILE C 3 47 ? 2.423   10.919  7.257   1.00 95.00 ? 185 ILE C O     1 
ATOM   952 C CB    . ILE C 3 47 ? 3.730   8.012   6.411   1.00 95.00 ? 185 ILE C CB    1 
ATOM   953 C CG1   . ILE C 3 47 ? 3.343   6.978   5.347   1.00 94.50 ? 185 ILE C CG1   1 
ATOM   954 C CG2   . ILE C 3 47 ? 2.885   7.876   7.669   1.00 95.00 ? 185 ILE C CG2   1 
ATOM   955 C CD1   . ILE C 3 47 ? 1.933   7.150   4.786   1.00 93.57 ? 185 ILE C CD1   1 
HETATM 956 O O     . HOH D 4 .  ? 9.877   -11.310 -10.670 1.00 44.04 ? 201 HOH A O     1 
HETATM 957 O O     . HOH E 4 .  ? 20.892  -0.201  -6.997  1.00 37.97 ? 202 HOH B O     1 
HETATM 958 O O     . HOH E 4 .  ? 10.234  0.597   -3.542  1.00 31.69 ? 203 HOH B O     1 
HETATM 959 O O     . HOH E 4 .  ? 15.304  -10.424 -10.530 1.00 43.60 ? 204 HOH B O     1 
# 
loop_
_pdbx_poly_seq_scheme.asym_id 
_pdbx_poly_seq_scheme.entity_id 
_pdbx_poly_seq_scheme.seq_id 
_pdbx_poly_seq_scheme.mon_id 
_pdbx_poly_seq_scheme.ndb_seq_num 
_pdbx_poly_seq_scheme.pdb_seq_num 
_pdbx_poly_seq_scheme.auth_seq_num 
_pdbx_poly_seq_scheme.pdb_mon_id 
_pdbx_poly_seq_scheme.auth_mon_id 
_pdbx_poly_seq_scheme.pdb_strand_id 
_pdbx_poly_seq_scheme.pdb_ins_code 
_pdbx_poly_seq_scheme.hetero 
A 1 1  DT  1  2   2   DT  T   A . n 
A 1 2  DG  2  3   3   DG  G   A . n 
A 1 3  DT  3  4   4   DT  T   A . n 
A 1 4  DT  4  5   5   DT  T   A . n 
A 1 5  DT  5  6   6   DT  T   A . n 
A 1 6  DT  6  7   7   DT  T   A . n 
A 1 7  DT  7  8   8   DT  T   A . n 
A 1 8  DG  8  9   9   DG  G   A . n 
A 1 9  DA  9  10  10  DA  A   A . n 
A 1 10 DG  10 11  11  DG  G   A . n 
A 1 11 DA  11 12  12  DA  A   A . n 
A 1 12 DA  12 13  13  DA  A   A . n 
A 1 13 DG  13 14  14  DG  G   A . n 
A 1 14 DA  14 15  15  DA  A   A . n 
B 2 1  DA  1  16  16  DA  A   B . n 
B 2 2  DT  2  17  17  DT  T   B . n 
B 2 3  DC  3  18  18  DC  C   B . n 
B 2 4  DT  4  19  19  DT  T   B . n 
B 2 5  DT  5  20  20  DT  T   B . n 
B 2 6  DC  6  21  21  DC  C   B . n 
B 2 7  DT  7  22  22  DT  T   B . n 
B 2 8  DC  8  23  23  DC  C   B . n 
B 2 9  DA  9  24  24  DA  A   B . n 
B 2 10 DA  10 25  25  DA  A   B . n 
B 2 11 DA  11 26  26  DA  A   B . n 
B 2 12 DA  12 27  27  DA  A   B . n 
B 2 13 DA  13 28  28  DA  A   B . n 
B 2 14 DC  14 29  29  DC  C   B . n 
C 3 1  GLY 1  139 139 GLY GLY C . n 
C 3 2  ARG 2  140 140 ARG ARG C . n 
C 3 3  PRO 3  141 141 PRO PRO C . n 
C 3 4  ARG 4  142 142 ARG ARG C . n 
C 3 5  ALA 5  143 143 ALA ALA C . n 
C 3 6  ILE 6  144 144 ILE ILE C . n 
C 3 7  ASN 7  145 145 ASN ASN C . n 
C 3 8  LYS 8  146 146 LYS LYS C . n 
C 3 9  HIS 9  147 147 HIS HIS C . n 
C 3 10 GLU 10 148 148 GLU GLU C . n 
C 3 11 GLN 11 149 149 GLN GLN C . n 
C 3 12 GLU 12 150 150 GLU GLU C . n 
C 3 13 GLN 13 151 151 GLN GLN C . n 
C 3 14 ILE 14 152 152 ILE ILE C . n 
C 3 15 SER 15 153 153 SER SER C . n 
C 3 16 ARG 16 154 154 ARG ARG C . n 
C 3 17 LEU 17 155 155 LEU LEU C . n 
C 3 18 LEU 18 156 156 LEU LEU C . n 
C 3 19 GLU 19 157 157 GLU GLU C . n 
C 3 20 LYS 20 158 158 LYS LYS C . n 
C 3 21 GLY 21 159 159 GLY GLY C . n 
C 3 22 HIS 22 160 160 HIS HIS C . n 
C 3 23 PRO 23 161 161 PRO PRO C . n 
C 3 24 ARG 24 162 162 ARG ARG C . n 
C 3 25 GLN 25 163 163 GLN GLN C . n 
C 3 26 GLN 26 164 164 GLN GLN C . n 
C 3 27 LEU 27 165 165 LEU LEU C . n 
C 3 28 ALA 28 166 166 ALA ALA C . n 
C 3 29 ILE 29 167 167 ILE ILE C . n 
C 3 30 ILE 30 168 168 ILE ILE C . n 
C 3 31 PHE 31 169 169 PHE PHE C . n 
C 3 32 GLY 32 170 170 GLY GLY C . n 
C 3 33 ILE 33 171 171 ILE ILE C . n 
C 3 34 GLY 34 172 172 GLY GLY C . n 
C 3 35 VAL 35 173 173 VAL VAL C . n 
C 3 36 SER 36 174 174 SER SER C . n 
C 3 37 THR 37 175 175 THR THR C . n 
C 3 38 LEU 38 176 176 LEU LEU C . n 
C 3 39 TYR 39 177 177 TYR TYR C . n 
C 3 40 ARG 40 178 178 ARG ARG C . n 
C 3 41 TYR 41 179 179 TYR TYR C . n 
C 3 42 PHE 42 180 180 PHE PHE C . n 
C 3 43 PRO 43 181 181 PRO PRO C . n 
C 3 44 ALA 44 182 182 ALA ALA C . n 
C 3 45 SER 45 183 183 SER SER C . n 
C 3 46 SER 46 184 184 SER SER C . n 
C 3 47 ILE 47 185 185 ILE ILE C . n 
C 3 48 LYS 48 186 ?   ?   ?   C . n 
C 3 49 LYS 49 187 ?   ?   ?   C . n 
C 3 50 ARG 50 188 ?   ?   ?   C . n 
C 3 51 MET 51 189 ?   ?   ?   C . n 
C 3 52 ASN 52 190 ?   ?   ?   C . n 
# 
loop_
_pdbx_nonpoly_scheme.asym_id 
_pdbx_nonpoly_scheme.entity_id 
_pdbx_nonpoly_scheme.mon_id 
_pdbx_nonpoly_scheme.ndb_seq_num 
_pdbx_nonpoly_scheme.pdb_seq_num 
_pdbx_nonpoly_scheme.auth_seq_num 
_pdbx_nonpoly_scheme.pdb_mon_id 
_pdbx_nonpoly_scheme.auth_mon_id 
_pdbx_nonpoly_scheme.pdb_strand_id 
_pdbx_nonpoly_scheme.pdb_ins_code 
D 4 HOH 1 201 201 HOH HOH A . 
E 4 HOH 1 202 202 HOH HOH B . 
E 4 HOH 2 203 203 HOH HOH B . 
E 4 HOH 3 204 204 HOH HOH B . 
# 
_pdbx_struct_assembly.id                   1 
_pdbx_struct_assembly.details              author_defined_assembly 
_pdbx_struct_assembly.method_details       ? 
_pdbx_struct_assembly.oligomeric_details   trimeric 
_pdbx_struct_assembly.oligomeric_count     3 
# 
_pdbx_struct_assembly_gen.assembly_id       1 
_pdbx_struct_assembly_gen.oper_expression   1 
_pdbx_struct_assembly_gen.asym_id_list      A,B,C,D,E 
# 
_pdbx_struct_oper_list.id                   1 
_pdbx_struct_oper_list.type                 'identity operation' 
_pdbx_struct_oper_list.name                 1_555 
_pdbx_struct_oper_list.symmetry_operation   x,y,z 
_pdbx_struct_oper_list.matrix[1][1]         1.0000000000 
_pdbx_struct_oper_list.matrix[1][2]         0.0000000000 
_pdbx_struct_oper_list.matrix[1][3]         0.0000000000 
_pdbx_struct_oper_list.vector[1]            0.0000000000 
_pdbx_struct_oper_list.matrix[2][1]         0.0000000000 
_pdbx_struct_oper_list.matrix[2][2]         1.0000000000 
_pdbx_struct_oper_list.matrix[2][3]         0.0000000000 
_pdbx_struct_oper_list.vector[2]            0.0000000000 
_pdbx_struct_oper_list.matrix[3][1]         0.0000000000 
_pdbx_struct_oper_list.matrix[3][2]         0.0000000000 
_pdbx_struct_oper_list.matrix[3][3]         1.0000000000 
_pdbx_struct_oper_list.vector[3]            0.0000000000 
# 
loop_
_pdbx_audit_revision_history.ordinal 
_pdbx_audit_revision_history.data_content_type 
_pdbx_audit_revision_history.major_revision 
_pdbx_audit_revision_history.minor_revision 
_pdbx_audit_revision_history.revision_date 
1 'Structure model' 1 0 2002-02-22 
2 'Structure model' 1 1 2008-04-27 
3 'Structure model' 1 2 2011-07-13 
4 'Structure model' 1 3 2023-08-16 
# 
_pdbx_audit_revision_details.ordinal             1 
_pdbx_audit_revision_details.revision_ordinal    1 
_pdbx_audit_revision_details.data_content_type   'Structure model' 
_pdbx_audit_revision_details.provider            repository 
_pdbx_audit_revision_details.type                'Initial release' 
_pdbx_audit_revision_details.description         ? 
_pdbx_audit_revision_details.details             ? 
# 
loop_
_pdbx_audit_revision_group.ordinal 
_pdbx_audit_revision_group.revision_ordinal 
_pdbx_audit_revision_group.data_content_type 
_pdbx_audit_revision_group.group 
1 2 'Structure model' 'Version format compliance' 
2 3 'Structure model' 'Version format compliance' 
3 4 'Structure model' 'Data collection'           
4 4 'Structure model' 'Database references'       
5 4 'Structure model' 'Refinement description'    
# 
loop_
_pdbx_audit_revision_category.ordinal 
_pdbx_audit_revision_category.revision_ordinal 
_pdbx_audit_revision_category.data_content_type 
_pdbx_audit_revision_category.category 
1 4 'Structure model' chem_comp_atom                
2 4 'Structure model' chem_comp_bond                
3 4 'Structure model' database_2                    
4 4 'Structure model' pdbx_initial_refinement_model 
# 
loop_
_pdbx_audit_revision_item.ordinal 
_pdbx_audit_revision_item.revision_ordinal 
_pdbx_audit_revision_item.data_content_type 
_pdbx_audit_revision_item.item 
1 4 'Structure model' '_database_2.pdbx_DOI'                
2 4 'Structure model' '_database_2.pdbx_database_accession' 
# 
loop_
_software.name 
_software.classification 
_software.version 
_software.citation_id 
_software.pdbx_ordinal 
CNS       refinement       . ? 1 
DENZO     'data reduction' . ? 2 
SCALEPACK 'data scaling'   . ? 3 
CNS       phasing          . ? 4 
# 
loop_
_pdbx_validate_rmsd_angle.id 
_pdbx_validate_rmsd_angle.PDB_model_num 
_pdbx_validate_rmsd_angle.auth_atom_id_1 
_pdbx_validate_rmsd_angle.auth_asym_id_1 
_pdbx_validate_rmsd_angle.auth_comp_id_1 
_pdbx_validate_rmsd_angle.auth_seq_id_1 
_pdbx_validate_rmsd_angle.PDB_ins_code_1 
_pdbx_validate_rmsd_angle.label_alt_id_1 
_pdbx_validate_rmsd_angle.auth_atom_id_2 
_pdbx_validate_rmsd_angle.auth_asym_id_2 
_pdbx_validate_rmsd_angle.auth_comp_id_2 
_pdbx_validate_rmsd_angle.auth_seq_id_2 
_pdbx_validate_rmsd_angle.PDB_ins_code_2 
_pdbx_validate_rmsd_angle.label_alt_id_2 
_pdbx_validate_rmsd_angle.auth_atom_id_3 
_pdbx_validate_rmsd_angle.auth_asym_id_3 
_pdbx_validate_rmsd_angle.auth_comp_id_3 
_pdbx_validate_rmsd_angle.auth_seq_id_3 
_pdbx_validate_rmsd_angle.PDB_ins_code_3 
_pdbx_validate_rmsd_angle.label_alt_id_3 
_pdbx_validate_rmsd_angle.angle_value 
_pdbx_validate_rmsd_angle.angle_target_value 
_pdbx_validate_rmsd_angle.angle_deviation 
_pdbx_validate_rmsd_angle.angle_standard_deviation 
_pdbx_validate_rmsd_angle.linker_flag 
1 1 "C5'" B DA  16  ? ? "C4'" B DA  16  ? ? "C3'" B DA  16  ? A 127.49 115.70 11.79  1.20 N 
2 1 CB    C ARG 178 ? B CA    C ARG 178 ? ? C     C ARG 178 ? ? 93.23  110.40 -17.17 2.00 N 
# 
_pdbx_validate_torsion.id              1 
_pdbx_validate_torsion.PDB_model_num   1 
_pdbx_validate_torsion.auth_comp_id    PHE 
_pdbx_validate_torsion.auth_asym_id    C 
_pdbx_validate_torsion.auth_seq_id     169 
_pdbx_validate_torsion.PDB_ins_code    ? 
_pdbx_validate_torsion.label_alt_id    ? 
_pdbx_validate_torsion.phi             -68.33 
_pdbx_validate_torsion.psi             9.66 
# 
loop_
_pdbx_validate_planes.id 
_pdbx_validate_planes.PDB_model_num 
_pdbx_validate_planes.auth_comp_id 
_pdbx_validate_planes.auth_asym_id 
_pdbx_validate_planes.auth_seq_id 
_pdbx_validate_planes.PDB_ins_code 
_pdbx_validate_planes.label_alt_id 
_pdbx_validate_planes.rmsd 
_pdbx_validate_planes.type 
1 1 DA A 15 ? ? 0.090 'SIDE CHAIN' 
2 1 DA B 28 ? ? 0.093 'SIDE CHAIN' 
# 
loop_
_pdbx_unobs_or_zero_occ_atoms.id 
_pdbx_unobs_or_zero_occ_atoms.PDB_model_num 
_pdbx_unobs_or_zero_occ_atoms.polymer_flag 
_pdbx_unobs_or_zero_occ_atoms.occupancy_flag 
_pdbx_unobs_or_zero_occ_atoms.auth_asym_id 
_pdbx_unobs_or_zero_occ_atoms.auth_comp_id 
_pdbx_unobs_or_zero_occ_atoms.auth_seq_id 
_pdbx_unobs_or_zero_occ_atoms.PDB_ins_code 
_pdbx_unobs_or_zero_occ_atoms.auth_atom_id 
_pdbx_unobs_or_zero_occ_atoms.label_alt_id 
_pdbx_unobs_or_zero_occ_atoms.label_asym_id 
_pdbx_unobs_or_zero_occ_atoms.label_comp_id 
_pdbx_unobs_or_zero_occ_atoms.label_seq_id 
_pdbx_unobs_or_zero_occ_atoms.label_atom_id 
1 1 Y 1 C GLU 157 ? CG  ? C GLU 19 CG  
2 1 Y 1 C GLU 157 ? CD  ? C GLU 19 CD  
3 1 Y 1 C GLU 157 ? OE1 ? C GLU 19 OE1 
4 1 Y 1 C GLU 157 ? OE2 ? C GLU 19 OE2 
5 1 Y 1 C GLN 164 ? CG  ? C GLN 26 CG  
6 1 Y 1 C GLN 164 ? CD  ? C GLN 26 CD  
7 1 Y 1 C GLN 164 ? OE1 ? C GLN 26 OE1 
8 1 Y 1 C GLN 164 ? NE2 ? C GLN 26 NE2 
# 
loop_
_pdbx_unobs_or_zero_occ_residues.id 
_pdbx_unobs_or_zero_occ_residues.PDB_model_num 
_pdbx_unobs_or_zero_occ_residues.polymer_flag 
_pdbx_unobs_or_zero_occ_residues.occupancy_flag 
_pdbx_unobs_or_zero_occ_residues.auth_asym_id 
_pdbx_unobs_or_zero_occ_residues.auth_comp_id 
_pdbx_unobs_or_zero_occ_residues.auth_seq_id 
_pdbx_unobs_or_zero_occ_residues.PDB_ins_code 
_pdbx_unobs_or_zero_occ_residues.label_asym_id 
_pdbx_unobs_or_zero_occ_residues.label_comp_id 
_pdbx_unobs_or_zero_occ_residues.label_seq_id 
1 1 Y 1 C LYS 186 ? C LYS 48 
2 1 Y 1 C LYS 187 ? C LYS 49 
3 1 Y 1 C ARG 188 ? C ARG 50 
4 1 Y 1 C MET 189 ? C MET 51 
5 1 Y 1 C ASN 190 ? C ASN 52 
# 
loop_
_chem_comp_atom.comp_id 
_chem_comp_atom.atom_id 
_chem_comp_atom.type_symbol 
_chem_comp_atom.pdbx_aromatic_flag 
_chem_comp_atom.pdbx_stereo_config 
_chem_comp_atom.pdbx_ordinal 
ALA N      N N N 1   
ALA CA     C N S 2   
ALA C      C N N 3   
ALA O      O N N 4   
ALA CB     C N N 5   
ALA OXT    O N N 6   
ALA H      H N N 7   
ALA H2     H N N 8   
ALA HA     H N N 9   
ALA HB1    H N N 10  
ALA HB2    H N N 11  
ALA HB3    H N N 12  
ALA HXT    H N N 13  
ARG N      N N N 14  
ARG CA     C N S 15  
ARG C      C N N 16  
ARG O      O N N 17  
ARG CB     C N N 18  
ARG CG     C N N 19  
ARG CD     C N N 20  
ARG NE     N N N 21  
ARG CZ     C N N 22  
ARG NH1    N N N 23  
ARG NH2    N N N 24  
ARG OXT    O N N 25  
ARG H      H N N 26  
ARG H2     H N N 27  
ARG HA     H N N 28  
ARG HB2    H N N 29  
ARG HB3    H N N 30  
ARG HG2    H N N 31  
ARG HG3    H N N 32  
ARG HD2    H N N 33  
ARG HD3    H N N 34  
ARG HE     H N N 35  
ARG HH11   H N N 36  
ARG HH12   H N N 37  
ARG HH21   H N N 38  
ARG HH22   H N N 39  
ARG HXT    H N N 40  
ASN N      N N N 41  
ASN CA     C N S 42  
ASN C      C N N 43  
ASN O      O N N 44  
ASN CB     C N N 45  
ASN CG     C N N 46  
ASN OD1    O N N 47  
ASN ND2    N N N 48  
ASN OXT    O N N 49  
ASN H      H N N 50  
ASN H2     H N N 51  
ASN HA     H N N 52  
ASN HB2    H N N 53  
ASN HB3    H N N 54  
ASN HD21   H N N 55  
ASN HD22   H N N 56  
ASN HXT    H N N 57  
DA  OP3    O N N 58  
DA  P      P N N 59  
DA  OP1    O N N 60  
DA  OP2    O N N 61  
DA  "O5'"  O N N 62  
DA  "C5'"  C N N 63  
DA  "C4'"  C N R 64  
DA  "O4'"  O N N 65  
DA  "C3'"  C N S 66  
DA  "O3'"  O N N 67  
DA  "C2'"  C N N 68  
DA  "C1'"  C N R 69  
DA  N9     N Y N 70  
DA  C8     C Y N 71  
DA  N7     N Y N 72  
DA  C5     C Y N 73  
DA  C6     C Y N 74  
DA  N6     N N N 75  
DA  N1     N Y N 76  
DA  C2     C Y N 77  
DA  N3     N Y N 78  
DA  C4     C Y N 79  
DA  HOP3   H N N 80  
DA  HOP2   H N N 81  
DA  "H5'"  H N N 82  
DA  "H5''" H N N 83  
DA  "H4'"  H N N 84  
DA  "H3'"  H N N 85  
DA  "HO3'" H N N 86  
DA  "H2'"  H N N 87  
DA  "H2''" H N N 88  
DA  "H1'"  H N N 89  
DA  H8     H N N 90  
DA  H61    H N N 91  
DA  H62    H N N 92  
DA  H2     H N N 93  
DC  OP3    O N N 94  
DC  P      P N N 95  
DC  OP1    O N N 96  
DC  OP2    O N N 97  
DC  "O5'"  O N N 98  
DC  "C5'"  C N N 99  
DC  "C4'"  C N R 100 
DC  "O4'"  O N N 101 
DC  "C3'"  C N S 102 
DC  "O3'"  O N N 103 
DC  "C2'"  C N N 104 
DC  "C1'"  C N R 105 
DC  N1     N N N 106 
DC  C2     C N N 107 
DC  O2     O N N 108 
DC  N3     N N N 109 
DC  C4     C N N 110 
DC  N4     N N N 111 
DC  C5     C N N 112 
DC  C6     C N N 113 
DC  HOP3   H N N 114 
DC  HOP2   H N N 115 
DC  "H5'"  H N N 116 
DC  "H5''" H N N 117 
DC  "H4'"  H N N 118 
DC  "H3'"  H N N 119 
DC  "HO3'" H N N 120 
DC  "H2'"  H N N 121 
DC  "H2''" H N N 122 
DC  "H1'"  H N N 123 
DC  H41    H N N 124 
DC  H42    H N N 125 
DC  H5     H N N 126 
DC  H6     H N N 127 
DG  OP3    O N N 128 
DG  P      P N N 129 
DG  OP1    O N N 130 
DG  OP2    O N N 131 
DG  "O5'"  O N N 132 
DG  "C5'"  C N N 133 
DG  "C4'"  C N R 134 
DG  "O4'"  O N N 135 
DG  "C3'"  C N S 136 
DG  "O3'"  O N N 137 
DG  "C2'"  C N N 138 
DG  "C1'"  C N R 139 
DG  N9     N Y N 140 
DG  C8     C Y N 141 
DG  N7     N Y N 142 
DG  C5     C Y N 143 
DG  C6     C N N 144 
DG  O6     O N N 145 
DG  N1     N N N 146 
DG  C2     C N N 147 
DG  N2     N N N 148 
DG  N3     N N N 149 
DG  C4     C Y N 150 
DG  HOP3   H N N 151 
DG  HOP2   H N N 152 
DG  "H5'"  H N N 153 
DG  "H5''" H N N 154 
DG  "H4'"  H N N 155 
DG  "H3'"  H N N 156 
DG  "HO3'" H N N 157 
DG  "H2'"  H N N 158 
DG  "H2''" H N N 159 
DG  "H1'"  H N N 160 
DG  H8     H N N 161 
DG  H1     H N N 162 
DG  H21    H N N 163 
DG  H22    H N N 164 
DT  OP3    O N N 165 
DT  P      P N N 166 
DT  OP1    O N N 167 
DT  OP2    O N N 168 
DT  "O5'"  O N N 169 
DT  "C5'"  C N N 170 
DT  "C4'"  C N R 171 
DT  "O4'"  O N N 172 
DT  "C3'"  C N S 173 
DT  "O3'"  O N N 174 
DT  "C2'"  C N N 175 
DT  "C1'"  C N R 176 
DT  N1     N N N 177 
DT  C2     C N N 178 
DT  O2     O N N 179 
DT  N3     N N N 180 
DT  C4     C N N 181 
DT  O4     O N N 182 
DT  C5     C N N 183 
DT  C7     C N N 184 
DT  C6     C N N 185 
DT  HOP3   H N N 186 
DT  HOP2   H N N 187 
DT  "H5'"  H N N 188 
DT  "H5''" H N N 189 
DT  "H4'"  H N N 190 
DT  "H3'"  H N N 191 
DT  "HO3'" H N N 192 
DT  "H2'"  H N N 193 
DT  "H2''" H N N 194 
DT  "H1'"  H N N 195 
DT  H3     H N N 196 
DT  H71    H N N 197 
DT  H72    H N N 198 
DT  H73    H N N 199 
DT  H6     H N N 200 
GLN N      N N N 201 
GLN CA     C N S 202 
GLN C      C N N 203 
GLN O      O N N 204 
GLN CB     C N N 205 
GLN CG     C N N 206 
GLN CD     C N N 207 
GLN OE1    O N N 208 
GLN NE2    N N N 209 
GLN OXT    O N N 210 
GLN H      H N N 211 
GLN H2     H N N 212 
GLN HA     H N N 213 
GLN HB2    H N N 214 
GLN HB3    H N N 215 
GLN HG2    H N N 216 
GLN HG3    H N N 217 
GLN HE21   H N N 218 
GLN HE22   H N N 219 
GLN HXT    H N N 220 
GLU N      N N N 221 
GLU CA     C N S 222 
GLU C      C N N 223 
GLU O      O N N 224 
GLU CB     C N N 225 
GLU CG     C N N 226 
GLU CD     C N N 227 
GLU OE1    O N N 228 
GLU OE2    O N N 229 
GLU OXT    O N N 230 
GLU H      H N N 231 
GLU H2     H N N 232 
GLU HA     H N N 233 
GLU HB2    H N N 234 
GLU HB3    H N N 235 
GLU HG2    H N N 236 
GLU HG3    H N N 237 
GLU HE2    H N N 238 
GLU HXT    H N N 239 
GLY N      N N N 240 
GLY CA     C N N 241 
GLY C      C N N 242 
GLY O      O N N 243 
GLY OXT    O N N 244 
GLY H      H N N 245 
GLY H2     H N N 246 
GLY HA2    H N N 247 
GLY HA3    H N N 248 
GLY HXT    H N N 249 
HIS N      N N N 250 
HIS CA     C N S 251 
HIS C      C N N 252 
HIS O      O N N 253 
HIS CB     C N N 254 
HIS CG     C Y N 255 
HIS ND1    N Y N 256 
HIS CD2    C Y N 257 
HIS CE1    C Y N 258 
HIS NE2    N Y N 259 
HIS OXT    O N N 260 
HIS H      H N N 261 
HIS H2     H N N 262 
HIS HA     H N N 263 
HIS HB2    H N N 264 
HIS HB3    H N N 265 
HIS HD1    H N N 266 
HIS HD2    H N N 267 
HIS HE1    H N N 268 
HIS HE2    H N N 269 
HIS HXT    H N N 270 
HOH O      O N N 271 
HOH H1     H N N 272 
HOH H2     H N N 273 
ILE N      N N N 274 
ILE CA     C N S 275 
ILE C      C N N 276 
ILE O      O N N 277 
ILE CB     C N S 278 
ILE CG1    C N N 279 
ILE CG2    C N N 280 
ILE CD1    C N N 281 
ILE OXT    O N N 282 
ILE H      H N N 283 
ILE H2     H N N 284 
ILE HA     H N N 285 
ILE HB     H N N 286 
ILE HG12   H N N 287 
ILE HG13   H N N 288 
ILE HG21   H N N 289 
ILE HG22   H N N 290 
ILE HG23   H N N 291 
ILE HD11   H N N 292 
ILE HD12   H N N 293 
ILE HD13   H N N 294 
ILE HXT    H N N 295 
LEU N      N N N 296 
LEU CA     C N S 297 
LEU C      C N N 298 
LEU O      O N N 299 
LEU CB     C N N 300 
LEU CG     C N N 301 
LEU CD1    C N N 302 
LEU CD2    C N N 303 
LEU OXT    O N N 304 
LEU H      H N N 305 
LEU H2     H N N 306 
LEU HA     H N N 307 
LEU HB2    H N N 308 
LEU HB3    H N N 309 
LEU HG     H N N 310 
LEU HD11   H N N 311 
LEU HD12   H N N 312 
LEU HD13   H N N 313 
LEU HD21   H N N 314 
LEU HD22   H N N 315 
LEU HD23   H N N 316 
LEU HXT    H N N 317 
LYS N      N N N 318 
LYS CA     C N S 319 
LYS C      C N N 320 
LYS O      O N N 321 
LYS CB     C N N 322 
LYS CG     C N N 323 
LYS CD     C N N 324 
LYS CE     C N N 325 
LYS NZ     N N N 326 
LYS OXT    O N N 327 
LYS H      H N N 328 
LYS H2     H N N 329 
LYS HA     H N N 330 
LYS HB2    H N N 331 
LYS HB3    H N N 332 
LYS HG2    H N N 333 
LYS HG3    H N N 334 
LYS HD2    H N N 335 
LYS HD3    H N N 336 
LYS HE2    H N N 337 
LYS HE3    H N N 338 
LYS HZ1    H N N 339 
LYS HZ2    H N N 340 
LYS HZ3    H N N 341 
LYS HXT    H N N 342 
MET N      N N N 343 
MET CA     C N S 344 
MET C      C N N 345 
MET O      O N N 346 
MET CB     C N N 347 
MET CG     C N N 348 
MET SD     S N N 349 
MET CE     C N N 350 
MET OXT    O N N 351 
MET H      H N N 352 
MET H2     H N N 353 
MET HA     H N N 354 
MET HB2    H N N 355 
MET HB3    H N N 356 
MET HG2    H N N 357 
MET HG3    H N N 358 
MET HE1    H N N 359 
MET HE2    H N N 360 
MET HE3    H N N 361 
MET HXT    H N N 362 
PHE N      N N N 363 
PHE CA     C N S 364 
PHE C      C N N 365 
PHE O      O N N 366 
PHE CB     C N N 367 
PHE CG     C Y N 368 
PHE CD1    C Y N 369 
PHE CD2    C Y N 370 
PHE CE1    C Y N 371 
PHE CE2    C Y N 372 
PHE CZ     C Y N 373 
PHE OXT    O N N 374 
PHE H      H N N 375 
PHE H2     H N N 376 
PHE HA     H N N 377 
PHE HB2    H N N 378 
PHE HB3    H N N 379 
PHE HD1    H N N 380 
PHE HD2    H N N 381 
PHE HE1    H N N 382 
PHE HE2    H N N 383 
PHE HZ     H N N 384 
PHE HXT    H N N 385 
PRO N      N N N 386 
PRO CA     C N S 387 
PRO C      C N N 388 
PRO O      O N N 389 
PRO CB     C N N 390 
PRO CG     C N N 391 
PRO CD     C N N 392 
PRO OXT    O N N 393 
PRO H      H N N 394 
PRO HA     H N N 395 
PRO HB2    H N N 396 
PRO HB3    H N N 397 
PRO HG2    H N N 398 
PRO HG3    H N N 399 
PRO HD2    H N N 400 
PRO HD3    H N N 401 
PRO HXT    H N N 402 
SER N      N N N 403 
SER CA     C N S 404 
SER C      C N N 405 
SER O      O N N 406 
SER CB     C N N 407 
SER OG     O N N 408 
SER OXT    O N N 409 
SER H      H N N 410 
SER H2     H N N 411 
SER HA     H N N 412 
SER HB2    H N N 413 
SER HB3    H N N 414 
SER HG     H N N 415 
SER HXT    H N N 416 
THR N      N N N 417 
THR CA     C N S 418 
THR C      C N N 419 
THR O      O N N 420 
THR CB     C N R 421 
THR OG1    O N N 422 
THR CG2    C N N 423 
THR OXT    O N N 424 
THR H      H N N 425 
THR H2     H N N 426 
THR HA     H N N 427 
THR HB     H N N 428 
THR HG1    H N N 429 
THR HG21   H N N 430 
THR HG22   H N N 431 
THR HG23   H N N 432 
THR HXT    H N N 433 
TYR N      N N N 434 
TYR CA     C N S 435 
TYR C      C N N 436 
TYR O      O N N 437 
TYR CB     C N N 438 
TYR CG     C Y N 439 
TYR CD1    C Y N 440 
TYR CD2    C Y N 441 
TYR CE1    C Y N 442 
TYR CE2    C Y N 443 
TYR CZ     C Y N 444 
TYR OH     O N N 445 
TYR OXT    O N N 446 
TYR H      H N N 447 
TYR H2     H N N 448 
TYR HA     H N N 449 
TYR HB2    H N N 450 
TYR HB3    H N N 451 
TYR HD1    H N N 452 
TYR HD2    H N N 453 
TYR HE1    H N N 454 
TYR HE2    H N N 455 
TYR HH     H N N 456 
TYR HXT    H N N 457 
VAL N      N N N 458 
VAL CA     C N S 459 
VAL C      C N N 460 
VAL O      O N N 461 
VAL CB     C N N 462 
VAL CG1    C N N 463 
VAL CG2    C N N 464 
VAL OXT    O N N 465 
VAL H      H N N 466 
VAL H2     H N N 467 
VAL HA     H N N 468 
VAL HB     H N N 469 
VAL HG11   H N N 470 
VAL HG12   H N N 471 
VAL HG13   H N N 472 
VAL HG21   H N N 473 
VAL HG22   H N N 474 
VAL HG23   H N N 475 
VAL HXT    H N N 476 
# 
loop_
_chem_comp_bond.comp_id 
_chem_comp_bond.atom_id_1 
_chem_comp_bond.atom_id_2 
_chem_comp_bond.value_order 
_chem_comp_bond.pdbx_aromatic_flag 
_chem_comp_bond.pdbx_stereo_config 
_chem_comp_bond.pdbx_ordinal 
ALA N     CA     sing N N 1   
ALA N     H      sing N N 2   
ALA N     H2     sing N N 3   
ALA CA    C      sing N N 4   
ALA CA    CB     sing N N 5   
ALA CA    HA     sing N N 6   
ALA C     O      doub N N 7   
ALA C     OXT    sing N N 8   
ALA CB    HB1    sing N N 9   
ALA CB    HB2    sing N N 10  
ALA CB    HB3    sing N N 11  
ALA OXT   HXT    sing N N 12  
ARG N     CA     sing N N 13  
ARG N     H      sing N N 14  
ARG N     H2     sing N N 15  
ARG CA    C      sing N N 16  
ARG CA    CB     sing N N 17  
ARG CA    HA     sing N N 18  
ARG C     O      doub N N 19  
ARG C     OXT    sing N N 20  
ARG CB    CG     sing N N 21  
ARG CB    HB2    sing N N 22  
ARG CB    HB3    sing N N 23  
ARG CG    CD     sing N N 24  
ARG CG    HG2    sing N N 25  
ARG CG    HG3    sing N N 26  
ARG CD    NE     sing N N 27  
ARG CD    HD2    sing N N 28  
ARG CD    HD3    sing N N 29  
ARG NE    CZ     sing N N 30  
ARG NE    HE     sing N N 31  
ARG CZ    NH1    sing N N 32  
ARG CZ    NH2    doub N N 33  
ARG NH1   HH11   sing N N 34  
ARG NH1   HH12   sing N N 35  
ARG NH2   HH21   sing N N 36  
ARG NH2   HH22   sing N N 37  
ARG OXT   HXT    sing N N 38  
ASN N     CA     sing N N 39  
ASN N     H      sing N N 40  
ASN N     H2     sing N N 41  
ASN CA    C      sing N N 42  
ASN CA    CB     sing N N 43  
ASN CA    HA     sing N N 44  
ASN C     O      doub N N 45  
ASN C     OXT    sing N N 46  
ASN CB    CG     sing N N 47  
ASN CB    HB2    sing N N 48  
ASN CB    HB3    sing N N 49  
ASN CG    OD1    doub N N 50  
ASN CG    ND2    sing N N 51  
ASN ND2   HD21   sing N N 52  
ASN ND2   HD22   sing N N 53  
ASN OXT   HXT    sing N N 54  
DA  OP3   P      sing N N 55  
DA  OP3   HOP3   sing N N 56  
DA  P     OP1    doub N N 57  
DA  P     OP2    sing N N 58  
DA  P     "O5'"  sing N N 59  
DA  OP2   HOP2   sing N N 60  
DA  "O5'" "C5'"  sing N N 61  
DA  "C5'" "C4'"  sing N N 62  
DA  "C5'" "H5'"  sing N N 63  
DA  "C5'" "H5''" sing N N 64  
DA  "C4'" "O4'"  sing N N 65  
DA  "C4'" "C3'"  sing N N 66  
DA  "C4'" "H4'"  sing N N 67  
DA  "O4'" "C1'"  sing N N 68  
DA  "C3'" "O3'"  sing N N 69  
DA  "C3'" "C2'"  sing N N 70  
DA  "C3'" "H3'"  sing N N 71  
DA  "O3'" "HO3'" sing N N 72  
DA  "C2'" "C1'"  sing N N 73  
DA  "C2'" "H2'"  sing N N 74  
DA  "C2'" "H2''" sing N N 75  
DA  "C1'" N9     sing N N 76  
DA  "C1'" "H1'"  sing N N 77  
DA  N9    C8     sing Y N 78  
DA  N9    C4     sing Y N 79  
DA  C8    N7     doub Y N 80  
DA  C8    H8     sing N N 81  
DA  N7    C5     sing Y N 82  
DA  C5    C6     sing Y N 83  
DA  C5    C4     doub Y N 84  
DA  C6    N6     sing N N 85  
DA  C6    N1     doub Y N 86  
DA  N6    H61    sing N N 87  
DA  N6    H62    sing N N 88  
DA  N1    C2     sing Y N 89  
DA  C2    N3     doub Y N 90  
DA  C2    H2     sing N N 91  
DA  N3    C4     sing Y N 92  
DC  OP3   P      sing N N 93  
DC  OP3   HOP3   sing N N 94  
DC  P     OP1    doub N N 95  
DC  P     OP2    sing N N 96  
DC  P     "O5'"  sing N N 97  
DC  OP2   HOP2   sing N N 98  
DC  "O5'" "C5'"  sing N N 99  
DC  "C5'" "C4'"  sing N N 100 
DC  "C5'" "H5'"  sing N N 101 
DC  "C5'" "H5''" sing N N 102 
DC  "C4'" "O4'"  sing N N 103 
DC  "C4'" "C3'"  sing N N 104 
DC  "C4'" "H4'"  sing N N 105 
DC  "O4'" "C1'"  sing N N 106 
DC  "C3'" "O3'"  sing N N 107 
DC  "C3'" "C2'"  sing N N 108 
DC  "C3'" "H3'"  sing N N 109 
DC  "O3'" "HO3'" sing N N 110 
DC  "C2'" "C1'"  sing N N 111 
DC  "C2'" "H2'"  sing N N 112 
DC  "C2'" "H2''" sing N N 113 
DC  "C1'" N1     sing N N 114 
DC  "C1'" "H1'"  sing N N 115 
DC  N1    C2     sing N N 116 
DC  N1    C6     sing N N 117 
DC  C2    O2     doub N N 118 
DC  C2    N3     sing N N 119 
DC  N3    C4     doub N N 120 
DC  C4    N4     sing N N 121 
DC  C4    C5     sing N N 122 
DC  N4    H41    sing N N 123 
DC  N4    H42    sing N N 124 
DC  C5    C6     doub N N 125 
DC  C5    H5     sing N N 126 
DC  C6    H6     sing N N 127 
DG  OP3   P      sing N N 128 
DG  OP3   HOP3   sing N N 129 
DG  P     OP1    doub N N 130 
DG  P     OP2    sing N N 131 
DG  P     "O5'"  sing N N 132 
DG  OP2   HOP2   sing N N 133 
DG  "O5'" "C5'"  sing N N 134 
DG  "C5'" "C4'"  sing N N 135 
DG  "C5'" "H5'"  sing N N 136 
DG  "C5'" "H5''" sing N N 137 
DG  "C4'" "O4'"  sing N N 138 
DG  "C4'" "C3'"  sing N N 139 
DG  "C4'" "H4'"  sing N N 140 
DG  "O4'" "C1'"  sing N N 141 
DG  "C3'" "O3'"  sing N N 142 
DG  "C3'" "C2'"  sing N N 143 
DG  "C3'" "H3'"  sing N N 144 
DG  "O3'" "HO3'" sing N N 145 
DG  "C2'" "C1'"  sing N N 146 
DG  "C2'" "H2'"  sing N N 147 
DG  "C2'" "H2''" sing N N 148 
DG  "C1'" N9     sing N N 149 
DG  "C1'" "H1'"  sing N N 150 
DG  N9    C8     sing Y N 151 
DG  N9    C4     sing Y N 152 
DG  C8    N7     doub Y N 153 
DG  C8    H8     sing N N 154 
DG  N7    C5     sing Y N 155 
DG  C5    C6     sing N N 156 
DG  C5    C4     doub Y N 157 
DG  C6    O6     doub N N 158 
DG  C6    N1     sing N N 159 
DG  N1    C2     sing N N 160 
DG  N1    H1     sing N N 161 
DG  C2    N2     sing N N 162 
DG  C2    N3     doub N N 163 
DG  N2    H21    sing N N 164 
DG  N2    H22    sing N N 165 
DG  N3    C4     sing N N 166 
DT  OP3   P      sing N N 167 
DT  OP3   HOP3   sing N N 168 
DT  P     OP1    doub N N 169 
DT  P     OP2    sing N N 170 
DT  P     "O5'"  sing N N 171 
DT  OP2   HOP2   sing N N 172 
DT  "O5'" "C5'"  sing N N 173 
DT  "C5'" "C4'"  sing N N 174 
DT  "C5'" "H5'"  sing N N 175 
DT  "C5'" "H5''" sing N N 176 
DT  "C4'" "O4'"  sing N N 177 
DT  "C4'" "C3'"  sing N N 178 
DT  "C4'" "H4'"  sing N N 179 
DT  "O4'" "C1'"  sing N N 180 
DT  "C3'" "O3'"  sing N N 181 
DT  "C3'" "C2'"  sing N N 182 
DT  "C3'" "H3'"  sing N N 183 
DT  "O3'" "HO3'" sing N N 184 
DT  "C2'" "C1'"  sing N N 185 
DT  "C2'" "H2'"  sing N N 186 
DT  "C2'" "H2''" sing N N 187 
DT  "C1'" N1     sing N N 188 
DT  "C1'" "H1'"  sing N N 189 
DT  N1    C2     sing N N 190 
DT  N1    C6     sing N N 191 
DT  C2    O2     doub N N 192 
DT  C2    N3     sing N N 193 
DT  N3    C4     sing N N 194 
DT  N3    H3     sing N N 195 
DT  C4    O4     doub N N 196 
DT  C4    C5     sing N N 197 
DT  C5    C7     sing N N 198 
DT  C5    C6     doub N N 199 
DT  C7    H71    sing N N 200 
DT  C7    H72    sing N N 201 
DT  C7    H73    sing N N 202 
DT  C6    H6     sing N N 203 
GLN N     CA     sing N N 204 
GLN N     H      sing N N 205 
GLN N     H2     sing N N 206 
GLN CA    C      sing N N 207 
GLN CA    CB     sing N N 208 
GLN CA    HA     sing N N 209 
GLN C     O      doub N N 210 
GLN C     OXT    sing N N 211 
GLN CB    CG     sing N N 212 
GLN CB    HB2    sing N N 213 
GLN CB    HB3    sing N N 214 
GLN CG    CD     sing N N 215 
GLN CG    HG2    sing N N 216 
GLN CG    HG3    sing N N 217 
GLN CD    OE1    doub N N 218 
GLN CD    NE2    sing N N 219 
GLN NE2   HE21   sing N N 220 
GLN NE2   HE22   sing N N 221 
GLN OXT   HXT    sing N N 222 
GLU N     CA     sing N N 223 
GLU N     H      sing N N 224 
GLU N     H2     sing N N 225 
GLU CA    C      sing N N 226 
GLU CA    CB     sing N N 227 
GLU CA    HA     sing N N 228 
GLU C     O      doub N N 229 
GLU C     OXT    sing N N 230 
GLU CB    CG     sing N N 231 
GLU CB    HB2    sing N N 232 
GLU CB    HB3    sing N N 233 
GLU CG    CD     sing N N 234 
GLU CG    HG2    sing N N 235 
GLU CG    HG3    sing N N 236 
GLU CD    OE1    doub N N 237 
GLU CD    OE2    sing N N 238 
GLU OE2   HE2    sing N N 239 
GLU OXT   HXT    sing N N 240 
GLY N     CA     sing N N 241 
GLY N     H      sing N N 242 
GLY N     H2     sing N N 243 
GLY CA    C      sing N N 244 
GLY CA    HA2    sing N N 245 
GLY CA    HA3    sing N N 246 
GLY C     O      doub N N 247 
GLY C     OXT    sing N N 248 
GLY OXT   HXT    sing N N 249 
HIS N     CA     sing N N 250 
HIS N     H      sing N N 251 
HIS N     H2     sing N N 252 
HIS CA    C      sing N N 253 
HIS CA    CB     sing N N 254 
HIS CA    HA     sing N N 255 
HIS C     O      doub N N 256 
HIS C     OXT    sing N N 257 
HIS CB    CG     sing N N 258 
HIS CB    HB2    sing N N 259 
HIS CB    HB3    sing N N 260 
HIS CG    ND1    sing Y N 261 
HIS CG    CD2    doub Y N 262 
HIS ND1   CE1    doub Y N 263 
HIS ND1   HD1    sing N N 264 
HIS CD2   NE2    sing Y N 265 
HIS CD2   HD2    sing N N 266 
HIS CE1   NE2    sing Y N 267 
HIS CE1   HE1    sing N N 268 
HIS NE2   HE2    sing N N 269 
HIS OXT   HXT    sing N N 270 
HOH O     H1     sing N N 271 
HOH O     H2     sing N N 272 
ILE N     CA     sing N N 273 
ILE N     H      sing N N 274 
ILE N     H2     sing N N 275 
ILE CA    C      sing N N 276 
ILE CA    CB     sing N N 277 
ILE CA    HA     sing N N 278 
ILE C     O      doub N N 279 
ILE C     OXT    sing N N 280 
ILE CB    CG1    sing N N 281 
ILE CB    CG2    sing N N 282 
ILE CB    HB     sing N N 283 
ILE CG1   CD1    sing N N 284 
ILE CG1   HG12   sing N N 285 
ILE CG1   HG13   sing N N 286 
ILE CG2   HG21   sing N N 287 
ILE CG2   HG22   sing N N 288 
ILE CG2   HG23   sing N N 289 
ILE CD1   HD11   sing N N 290 
ILE CD1   HD12   sing N N 291 
ILE CD1   HD13   sing N N 292 
ILE OXT   HXT    sing N N 293 
LEU N     CA     sing N N 294 
LEU N     H      sing N N 295 
LEU N     H2     sing N N 296 
LEU CA    C      sing N N 297 
LEU CA    CB     sing N N 298 
LEU CA    HA     sing N N 299 
LEU C     O      doub N N 300 
LEU C     OXT    sing N N 301 
LEU CB    CG     sing N N 302 
LEU CB    HB2    sing N N 303 
LEU CB    HB3    sing N N 304 
LEU CG    CD1    sing N N 305 
LEU CG    CD2    sing N N 306 
LEU CG    HG     sing N N 307 
LEU CD1   HD11   sing N N 308 
LEU CD1   HD12   sing N N 309 
LEU CD1   HD13   sing N N 310 
LEU CD2   HD21   sing N N 311 
LEU CD2   HD22   sing N N 312 
LEU CD2   HD23   sing N N 313 
LEU OXT   HXT    sing N N 314 
LYS N     CA     sing N N 315 
LYS N     H      sing N N 316 
LYS N     H2     sing N N 317 
LYS CA    C      sing N N 318 
LYS CA    CB     sing N N 319 
LYS CA    HA     sing N N 320 
LYS C     O      doub N N 321 
LYS C     OXT    sing N N 322 
LYS CB    CG     sing N N 323 
LYS CB    HB2    sing N N 324 
LYS CB    HB3    sing N N 325 
LYS CG    CD     sing N N 326 
LYS CG    HG2    sing N N 327 
LYS CG    HG3    sing N N 328 
LYS CD    CE     sing N N 329 
LYS CD    HD2    sing N N 330 
LYS CD    HD3    sing N N 331 
LYS CE    NZ     sing N N 332 
LYS CE    HE2    sing N N 333 
LYS CE    HE3    sing N N 334 
LYS NZ    HZ1    sing N N 335 
LYS NZ    HZ2    sing N N 336 
LYS NZ    HZ3    sing N N 337 
LYS OXT   HXT    sing N N 338 
MET N     CA     sing N N 339 
MET N     H      sing N N 340 
MET N     H2     sing N N 341 
MET CA    C      sing N N 342 
MET CA    CB     sing N N 343 
MET CA    HA     sing N N 344 
MET C     O      doub N N 345 
MET C     OXT    sing N N 346 
MET CB    CG     sing N N 347 
MET CB    HB2    sing N N 348 
MET CB    HB3    sing N N 349 
MET CG    SD     sing N N 350 
MET CG    HG2    sing N N 351 
MET CG    HG3    sing N N 352 
MET SD    CE     sing N N 353 
MET CE    HE1    sing N N 354 
MET CE    HE2    sing N N 355 
MET CE    HE3    sing N N 356 
MET OXT   HXT    sing N N 357 
PHE N     CA     sing N N 358 
PHE N     H      sing N N 359 
PHE N     H2     sing N N 360 
PHE CA    C      sing N N 361 
PHE CA    CB     sing N N 362 
PHE CA    HA     sing N N 363 
PHE C     O      doub N N 364 
PHE C     OXT    sing N N 365 
PHE CB    CG     sing N N 366 
PHE CB    HB2    sing N N 367 
PHE CB    HB3    sing N N 368 
PHE CG    CD1    doub Y N 369 
PHE CG    CD2    sing Y N 370 
PHE CD1   CE1    sing Y N 371 
PHE CD1   HD1    sing N N 372 
PHE CD2   CE2    doub Y N 373 
PHE CD2   HD2    sing N N 374 
PHE CE1   CZ     doub Y N 375 
PHE CE1   HE1    sing N N 376 
PHE CE2   CZ     sing Y N 377 
PHE CE2   HE2    sing N N 378 
PHE CZ    HZ     sing N N 379 
PHE OXT   HXT    sing N N 380 
PRO N     CA     sing N N 381 
PRO N     CD     sing N N 382 
PRO N     H      sing N N 383 
PRO CA    C      sing N N 384 
PRO CA    CB     sing N N 385 
PRO CA    HA     sing N N 386 
PRO C     O      doub N N 387 
PRO C     OXT    sing N N 388 
PRO CB    CG     sing N N 389 
PRO CB    HB2    sing N N 390 
PRO CB    HB3    sing N N 391 
PRO CG    CD     sing N N 392 
PRO CG    HG2    sing N N 393 
PRO CG    HG3    sing N N 394 
PRO CD    HD2    sing N N 395 
PRO CD    HD3    sing N N 396 
PRO OXT   HXT    sing N N 397 
SER N     CA     sing N N 398 
SER N     H      sing N N 399 
SER N     H2     sing N N 400 
SER CA    C      sing N N 401 
SER CA    CB     sing N N 402 
SER CA    HA     sing N N 403 
SER C     O      doub N N 404 
SER C     OXT    sing N N 405 
SER CB    OG     sing N N 406 
SER CB    HB2    sing N N 407 
SER CB    HB3    sing N N 408 
SER OG    HG     sing N N 409 
SER OXT   HXT    sing N N 410 
THR N     CA     sing N N 411 
THR N     H      sing N N 412 
THR N     H2     sing N N 413 
THR CA    C      sing N N 414 
THR CA    CB     sing N N 415 
THR CA    HA     sing N N 416 
THR C     O      doub N N 417 
THR C     OXT    sing N N 418 
THR CB    OG1    sing N N 419 
THR CB    CG2    sing N N 420 
THR CB    HB     sing N N 421 
THR OG1   HG1    sing N N 422 
THR CG2   HG21   sing N N 423 
THR CG2   HG22   sing N N 424 
THR CG2   HG23   sing N N 425 
THR OXT   HXT    sing N N 426 
TYR N     CA     sing N N 427 
TYR N     H      sing N N 428 
TYR N     H2     sing N N 429 
TYR CA    C      sing N N 430 
TYR CA    CB     sing N N 431 
TYR CA    HA     sing N N 432 
TYR C     O      doub N N 433 
TYR C     OXT    sing N N 434 
TYR CB    CG     sing N N 435 
TYR CB    HB2    sing N N 436 
TYR CB    HB3    sing N N 437 
TYR CG    CD1    doub Y N 438 
TYR CG    CD2    sing Y N 439 
TYR CD1   CE1    sing Y N 440 
TYR CD1   HD1    sing N N 441 
TYR CD2   CE2    doub Y N 442 
TYR CD2   HD2    sing N N 443 
TYR CE1   CZ     doub Y N 444 
TYR CE1   HE1    sing N N 445 
TYR CE2   CZ     sing Y N 446 
TYR CE2   HE2    sing N N 447 
TYR CZ    OH     sing N N 448 
TYR OH    HH     sing N N 449 
TYR OXT   HXT    sing N N 450 
VAL N     CA     sing N N 451 
VAL N     H      sing N N 452 
VAL N     H2     sing N N 453 
VAL CA    C      sing N N 454 
VAL CA    CB     sing N N 455 
VAL CA    HA     sing N N 456 
VAL C     O      doub N N 457 
VAL C     OXT    sing N N 458 
VAL CB    CG1    sing N N 459 
VAL CB    CG2    sing N N 460 
VAL CB    HB     sing N N 461 
VAL CG1   HG11   sing N N 462 
VAL CG1   HG12   sing N N 463 
VAL CG1   HG13   sing N N 464 
VAL CG2   HG21   sing N N 465 
VAL CG2   HG22   sing N N 466 
VAL CG2   HG23   sing N N 467 
VAL OXT   HXT    sing N N 468 
# 
loop_
_ndb_struct_conf_na.entry_id 
_ndb_struct_conf_na.feature 
1JKP 'double helix'        
1JKP 'b-form double helix' 
# 
loop_
_ndb_struct_na_base_pair.model_number 
_ndb_struct_na_base_pair.i_label_asym_id 
_ndb_struct_na_base_pair.i_label_comp_id 
_ndb_struct_na_base_pair.i_label_seq_id 
_ndb_struct_na_base_pair.i_symmetry 
_ndb_struct_na_base_pair.j_label_asym_id 
_ndb_struct_na_base_pair.j_label_comp_id 
_ndb_struct_na_base_pair.j_label_seq_id 
_ndb_struct_na_base_pair.j_symmetry 
_ndb_struct_na_base_pair.shear 
_ndb_struct_na_base_pair.stretch 
_ndb_struct_na_base_pair.stagger 
_ndb_struct_na_base_pair.buckle 
_ndb_struct_na_base_pair.propeller 
_ndb_struct_na_base_pair.opening 
_ndb_struct_na_base_pair.pair_number 
_ndb_struct_na_base_pair.pair_name 
_ndb_struct_na_base_pair.i_auth_asym_id 
_ndb_struct_na_base_pair.i_auth_seq_id 
_ndb_struct_na_base_pair.i_PDB_ins_code 
_ndb_struct_na_base_pair.j_auth_asym_id 
_ndb_struct_na_base_pair.j_auth_seq_id 
_ndb_struct_na_base_pair.j_PDB_ins_code 
_ndb_struct_na_base_pair.hbond_type_28 
_ndb_struct_na_base_pair.hbond_type_12 
1 A DG 2  1_555 B DC 14 1_555 -1.004 0.126  -1.080 -24.888 3.201   1.954   1  A_DG3:DC29_B  A 3  ? B 29 ? 19 1 
1 A DT 3  1_555 B DA 13 1_555 0.135  0.325  -0.208 -2.068  -1.841  -11.801 2  A_DT4:DA28_B  A 4  ? B 28 ? 20 1 
1 A DT 4  1_555 B DA 12 1_555 0.019  0.231  -0.427 2.794   -15.904 5.632   3  A_DT5:DA27_B  A 5  ? B 27 ? 20 1 
1 A DT 5  1_555 B DA 11 1_555 0.044  0.209  -0.422 1.767   -25.202 -2.332  4  A_DT6:DA26_B  A 6  ? B 26 ? 20 1 
1 A DT 6  1_555 B DA 10 1_555 -0.141 -0.283 -0.072 -3.868  -3.381  -2.292  5  A_DT7:DA25_B  A 7  ? B 25 ? 20 1 
1 A DT 7  1_555 B DA 9  1_555 -0.684 -0.044 0.209  -11.429 -14.217 -0.134  6  A_DT8:DA24_B  A 8  ? B 24 ? 20 1 
1 A DG 8  1_555 B DC 8  1_555 -1.376 -0.372 -0.331 -2.440  2.025   7.605   7  A_DG9:DC23_B  A 9  ? B 23 ? 19 1 
1 A DA 9  1_555 B DT 7  1_555 -0.273 -0.272 0.332  7.788   -12.190 0.493   8  A_DA10:DT22_B A 10 ? B 22 ? 20 1 
1 A DG 10 1_555 B DC 6  1_555 -0.254 -0.446 0.058  -2.004  -7.363  0.074   9  A_DG11:DC21_B A 11 ? B 21 ? 19 1 
1 A DA 11 1_555 B DT 5  1_555 -0.142 -0.345 -0.045 -4.812  -12.039 -2.061  10 A_DA12:DT20_B A 12 ? B 20 ? 20 1 
1 A DA 12 1_555 B DT 4  1_555 0.890  0.091  0.362  6.224   -4.443  0.022   11 A_DA13:DT19_B A 13 ? B 19 ? 20 1 
1 A DG 13 1_555 B DC 3  1_555 -0.659 -0.171 0.198  0.012   -1.999  -0.295  12 A_DG14:DC18_B A 14 ? B 18 ? 19 1 
# 
loop_
_ndb_struct_na_base_pair_step.model_number 
_ndb_struct_na_base_pair_step.i_label_asym_id_1 
_ndb_struct_na_base_pair_step.i_label_comp_id_1 
_ndb_struct_na_base_pair_step.i_label_seq_id_1 
_ndb_struct_na_base_pair_step.i_symmetry_1 
_ndb_struct_na_base_pair_step.j_label_asym_id_1 
_ndb_struct_na_base_pair_step.j_label_comp_id_1 
_ndb_struct_na_base_pair_step.j_label_seq_id_1 
_ndb_struct_na_base_pair_step.j_symmetry_1 
_ndb_struct_na_base_pair_step.i_label_asym_id_2 
_ndb_struct_na_base_pair_step.i_label_comp_id_2 
_ndb_struct_na_base_pair_step.i_label_seq_id_2 
_ndb_struct_na_base_pair_step.i_symmetry_2 
_ndb_struct_na_base_pair_step.j_label_asym_id_2 
_ndb_struct_na_base_pair_step.j_label_comp_id_2 
_ndb_struct_na_base_pair_step.j_label_seq_id_2 
_ndb_struct_na_base_pair_step.j_symmetry_2 
_ndb_struct_na_base_pair_step.shift 
_ndb_struct_na_base_pair_step.slide 
_ndb_struct_na_base_pair_step.rise 
_ndb_struct_na_base_pair_step.tilt 
_ndb_struct_na_base_pair_step.roll 
_ndb_struct_na_base_pair_step.twist 
_ndb_struct_na_base_pair_step.x_displacement 
_ndb_struct_na_base_pair_step.y_displacement 
_ndb_struct_na_base_pair_step.helical_rise 
_ndb_struct_na_base_pair_step.inclination 
_ndb_struct_na_base_pair_step.tip 
_ndb_struct_na_base_pair_step.helical_twist 
_ndb_struct_na_base_pair_step.step_number 
_ndb_struct_na_base_pair_step.step_name 
_ndb_struct_na_base_pair_step.i_auth_asym_id_1 
_ndb_struct_na_base_pair_step.i_auth_seq_id_1 
_ndb_struct_na_base_pair_step.i_PDB_ins_code_1 
_ndb_struct_na_base_pair_step.j_auth_asym_id_1 
_ndb_struct_na_base_pair_step.j_auth_seq_id_1 
_ndb_struct_na_base_pair_step.j_PDB_ins_code_1 
_ndb_struct_na_base_pair_step.i_auth_asym_id_2 
_ndb_struct_na_base_pair_step.i_auth_seq_id_2 
_ndb_struct_na_base_pair_step.i_PDB_ins_code_2 
_ndb_struct_na_base_pair_step.j_auth_asym_id_2 
_ndb_struct_na_base_pair_step.j_auth_seq_id_2 
_ndb_struct_na_base_pair_step.j_PDB_ins_code_2 
1 A DG 2  1_555 B DC 14 1_555 A DT 3  1_555 B DA 13 1_555 -1.380 -0.013 2.854 -7.086 6.681  37.397 -0.772 1.291  3.010 10.209 
10.827  38.600 1  AA_DG3DT4:DA28DC29_BB   A 3  ? B 29 ? A 4  ? B 28 ? 
1 A DT 3  1_555 B DA 13 1_555 A DT 4  1_555 B DA 12 1_555 0.511  -0.400 3.089 5.216  0.568  28.901 -0.906 0.066  3.122 1.126  
-10.343 29.363 2  AA_DT4DT5:DA27DA28_BB   A 4  ? B 28 ? A 5  ? B 27 ? 
1 A DT 4  1_555 B DA 12 1_555 A DT 5  1_555 B DA 11 1_555 -0.238 0.392  3.212 3.833  7.904  33.675 -0.541 0.978  3.175 13.363 
-6.480  34.770 3  AA_DT5DT6:DA26DA27_BB   A 5  ? B 27 ? A 6  ? B 26 ? 
1 A DT 5  1_555 B DA 11 1_555 A DT 6  1_555 B DA 10 1_555 1.233  0.510  3.371 1.094  -4.770 39.632 1.310  -1.676 3.322 -7.003 
-1.607  39.921 4  AA_DT6DT7:DA25DA26_BB   A 6  ? B 26 ? A 7  ? B 25 ? 
1 A DT 6  1_555 B DA 10 1_555 A DT 7  1_555 B DA 9  1_555 -0.415 -0.586 3.461 0.680  0.409  29.572 -1.239 0.965  3.442 0.801  
-1.331  29.582 5  AA_DT7DT8:DA24DA25_BB   A 7  ? B 25 ? A 8  ? B 24 ? 
1 A DT 7  1_555 B DA 9  1_555 A DG 8  1_555 B DC 8  1_555 1.228  1.400  3.204 6.801  2.292  35.067 1.940  -0.992 3.456 3.755  
-11.144 35.772 6  AA_DT8DG9:DC23DA24_BB   A 8  ? B 24 ? A 9  ? B 23 ? 
1 A DG 8  1_555 B DC 8  1_555 A DA 9  1_555 B DT 7  1_555 -0.975 1.151  3.001 -6.536 7.012  41.928 0.898  0.704  3.253 9.648  
8.993   42.961 7  AA_DG9DA10:DT22DC23_BB  A 9  ? B 23 ? A 10 ? B 22 ? 
1 A DA 9  1_555 B DT 7  1_555 A DG 10 1_555 B DC 6  1_555 0.356  0.085  3.668 0.037  2.176  31.722 -0.292 -0.642 3.666 3.975  
-0.067  31.795 8  AA_DA10DG11:DC21DT22_BB A 10 ? B 22 ? A 11 ? B 21 ? 
1 A DG 10 1_555 B DC 6  1_555 A DA 11 1_555 B DT 5  1_555 -0.632 -0.018 3.277 -3.473 2.786  39.334 -0.356 0.522  3.310 4.123  
5.140   39.576 9  AA_DG11DA12:DT20DC21_BB A 11 ? B 21 ? A 12 ? B 20 ? 
1 A DA 11 1_555 B DT 5  1_555 A DA 12 1_555 B DT 4  1_555 0.081  0.018  2.860 -3.311 -2.646 36.887 0.336  -0.513 2.834 -4.164 
5.212   37.122 10 AA_DA12DA13:DT19DT20_BB A 12 ? B 20 ? A 13 ? B 19 ? 
1 A DA 12 1_555 B DT 4  1_555 A DG 13 1_555 B DC 3  1_555 -0.348 -1.134 3.457 -1.838 6.759  26.135 -4.174 0.268  3.088 14.615 
3.974   27.042 11 AA_DA13DG14:DC18DT19_BB A 13 ? B 19 ? A 14 ? B 18 ? 
# 
_pdbx_entity_nonpoly.entity_id   4 
_pdbx_entity_nonpoly.name        water 
_pdbx_entity_nonpoly.comp_id     HOH 
# 
_pdbx_initial_refinement_model.id               1 
_pdbx_initial_refinement_model.entity_id_list   ? 
_pdbx_initial_refinement_model.type             'experimental model' 
_pdbx_initial_refinement_model.source_name      PDB 
_pdbx_initial_refinement_model.accession_code   1IJW 
_pdbx_initial_refinement_model.details          ? 
# 
